data_3LAE
# 
_entry.id   3LAE 
# 
_audit_conform.dict_name       mmcif_pdbx.dic 
_audit_conform.dict_version    5.399 
_audit_conform.dict_location   http://mmcif.pdb.org/dictionaries/ascii/mmcif_pdbx.dic 
# 
loop_
_database_2.database_id 
_database_2.database_code 
_database_2.pdbx_database_accession 
_database_2.pdbx_DOI 
PDB   3LAE         pdb_00003lae 10.2210/pdb3lae/pdb 
RCSB  RCSB057033   ?            ?                   
WWPDB D_1000057033 ?            ?                   
# 
loop_
_pdbx_audit_revision_history.ordinal 
_pdbx_audit_revision_history.data_content_type 
_pdbx_audit_revision_history.major_revision 
_pdbx_audit_revision_history.minor_revision 
_pdbx_audit_revision_history.revision_date 
1 'Structure model' 1 0 2010-01-19 
2 'Structure model' 1 1 2011-07-13 
3 'Structure model' 1 2 2024-11-20 
# 
_pdbx_audit_revision_details.ordinal             1 
_pdbx_audit_revision_details.revision_ordinal    1 
_pdbx_audit_revision_details.data_content_type   'Structure model' 
_pdbx_audit_revision_details.provider            repository 
_pdbx_audit_revision_details.type                'Initial release' 
_pdbx_audit_revision_details.description         ? 
_pdbx_audit_revision_details.details             ? 
# 
loop_
_pdbx_audit_revision_group.ordinal 
_pdbx_audit_revision_group.revision_ordinal 
_pdbx_audit_revision_group.data_content_type 
_pdbx_audit_revision_group.group 
1 2 'Structure model' 'Version format compliance' 
2 3 'Structure model' 'Data collection'           
3 3 'Structure model' 'Database references'       
4 3 'Structure model' 'Derived calculations'      
5 3 'Structure model' 'Structure summary'         
# 
loop_
_pdbx_audit_revision_category.ordinal 
_pdbx_audit_revision_category.revision_ordinal 
_pdbx_audit_revision_category.data_content_type 
_pdbx_audit_revision_category.category 
1 3 'Structure model' chem_comp_atom            
2 3 'Structure model' chem_comp_bond            
3 3 'Structure model' database_2                
4 3 'Structure model' pdbx_entry_details        
5 3 'Structure model' pdbx_modification_feature 
6 3 'Structure model' struct_conn               
7 3 'Structure model' struct_ref_seq_dif        
8 3 'Structure model' struct_site               
# 
loop_
_pdbx_audit_revision_item.ordinal 
_pdbx_audit_revision_item.revision_ordinal 
_pdbx_audit_revision_item.data_content_type 
_pdbx_audit_revision_item.item 
1 3 'Structure model' '_database_2.pdbx_DOI'                
2 3 'Structure model' '_database_2.pdbx_database_accession' 
3 3 'Structure model' '_struct_conn.pdbx_leaving_atom_flag' 
4 3 'Structure model' '_struct_ref_seq_dif.details'         
5 3 'Structure model' '_struct_site.pdbx_auth_asym_id'      
6 3 'Structure model' '_struct_site.pdbx_auth_comp_id'      
7 3 'Structure model' '_struct_site.pdbx_auth_seq_id'       
# 
_pdbx_database_PDB_obs_spr.id               SPRSDE 
_pdbx_database_PDB_obs_spr.date             2010-01-19 
_pdbx_database_PDB_obs_spr.pdb_id           3LAE 
_pdbx_database_PDB_obs_spr.replace_pdb_id   2O1R 
_pdbx_database_PDB_obs_spr.details          ? 
# 
_pdbx_database_status.status_code                     REL 
_pdbx_database_status.entry_id                        3LAE 
_pdbx_database_status.recvd_initial_deposition_date   2010-01-06 
_pdbx_database_status.deposit_site                    RCSB 
_pdbx_database_status.process_site                    RCSB 
_pdbx_database_status.status_code_sf                  REL 
_pdbx_database_status.status_code_mr                  ? 
_pdbx_database_status.SG_entry                        Y 
_pdbx_database_status.pdb_format_compatible           Y 
_pdbx_database_status.status_code_cs                  ? 
_pdbx_database_status.status_code_nmr_data            ? 
_pdbx_database_status.methods_development_category    ? 
# 
loop_
_pdbx_database_related.db_name 
_pdbx_database_related.db_id 
_pdbx_database_related.details 
_pdbx_database_related.content_type 
PDB      2O1R       'The new deposit is to replace 2O1R' unspecified 
TargetDB APC85784.2 .                                    unspecified 
# 
loop_
_audit_author.name 
_audit_author.pdbx_ordinal 
'Tan, K.'                                       1 
'Li, H.'                                        2 
'Bargassa, M.'                                  3 
'Clancy, S.'                                    4 
'Joachimiak, A.'                                5 
'Midwest Center for Structural Genomics (MCSG)' 6 
# 
_citation.id                        primary 
_citation.title                     
'The crystal structure of a functionally unknown conserved protein from  Haemophilus influenzae Rd KW20' 
_citation.journal_abbrev            'To be Published' 
_citation.journal_volume            ? 
_citation.page_first                ? 
_citation.page_last                 ? 
_citation.year                      ? 
_citation.journal_id_ASTM           ? 
_citation.country                   ? 
_citation.journal_id_ISSN           ? 
_citation.journal_id_CSD            0353 
_citation.book_publisher            ? 
_citation.pdbx_database_id_PubMed   ? 
_citation.pdbx_database_id_DOI      ? 
# 
loop_
_citation_author.citation_id 
_citation_author.name 
_citation_author.ordinal 
_citation_author.identifier_ORCID 
primary 'Tan, K.'        1 ? 
primary 'Li, H.'         2 ? 
primary 'Bargassa, M.'   3 ? 
primary 'Clancy, S.'     4 ? 
primary 'Joachimiak, A.' 5 ? 
# 
loop_
_entity.id 
_entity.type 
_entity.src_method 
_entity.pdbx_description 
_entity.formula_weight 
_entity.pdbx_number_of_molecules 
_entity.pdbx_ec 
_entity.pdbx_mutation 
_entity.pdbx_fragment 
_entity.details 
1 polymer     man 'UPF0053 protein HI0107'   9164.869 1  ? ? 'sequence database residues 343-420' ? 
2 polymer     syn 'Unknown peptide fragment' 335.399  1  ? ? ?                                    ? 
3 non-polymer syn 'PHOSPHATE ION'            94.971   1  ? ? ?                                    ? 
4 non-polymer syn 1,2-ETHANEDIOL             62.068   3  ? ? ?                                    ? 
5 water       nat water                      18.015   71 ? ? ?                                    ? 
# 
loop_
_entity_poly.entity_id 
_entity_poly.type 
_entity_poly.nstd_linkage 
_entity_poly.nstd_monomer 
_entity_poly.pdbx_seq_one_letter_code 
_entity_poly.pdbx_seq_one_letter_code_can 
_entity_poly.pdbx_strand_id 
_entity_poly.pdbx_target_identifier 
1 'polypeptide(L)' no yes 
;SNAIQQSDGS(MSE)IIDGSANLRDLNK(MSE)FNWELDTEDARTFNGLILEHLEEIPDEGTICEIDGLLITILEVGDN
(MSE)IKQAKVVKL
;
;SNAIQQSDGSMIIDGSANLRDLNKMFNWELDTEDARTFNGLILEHLEEIPDEGTICEIDGLLITILEVGDNMIKQAKVVK
L
;
A APC85784.2 
2 'polypeptide(L)' no no  IFG                                                                                              IFG X ? 
# 
loop_
_pdbx_entity_nonpoly.entity_id 
_pdbx_entity_nonpoly.name 
_pdbx_entity_nonpoly.comp_id 
3 'PHOSPHATE ION' PO4 
4 1,2-ETHANEDIOL  EDO 
5 water           HOH 
# 
loop_
_entity_poly_seq.entity_id 
_entity_poly_seq.num 
_entity_poly_seq.mon_id 
_entity_poly_seq.hetero 
1 1  SER n 
1 2  ASN n 
1 3  ALA n 
1 4  ILE n 
1 5  GLN n 
1 6  GLN n 
1 7  SER n 
1 8  ASP n 
1 9  GLY n 
1 10 SER n 
1 11 MSE n 
1 12 ILE n 
1 13 ILE n 
1 14 ASP n 
1 15 GLY n 
1 16 SER n 
1 17 ALA n 
1 18 ASN n 
1 19 LEU n 
1 20 ARG n 
1 21 ASP n 
1 22 LEU n 
1 23 ASN n 
1 24 LYS n 
1 25 MSE n 
1 26 PHE n 
1 27 ASN n 
1 28 TRP n 
1 29 GLU n 
1 30 LEU n 
1 31 ASP n 
1 32 THR n 
1 33 GLU n 
1 34 ASP n 
1 35 ALA n 
1 36 ARG n 
1 37 THR n 
1 38 PHE n 
1 39 ASN n 
1 40 GLY n 
1 41 LEU n 
1 42 ILE n 
1 43 LEU n 
1 44 GLU n 
1 45 HIS n 
1 46 LEU n 
1 47 GLU n 
1 48 GLU n 
1 49 ILE n 
1 50 PRO n 
1 51 ASP n 
1 52 GLU n 
1 53 GLY n 
1 54 THR n 
1 55 ILE n 
1 56 CYS n 
1 57 GLU n 
1 58 ILE n 
1 59 ASP n 
1 60 GLY n 
1 61 LEU n 
1 62 LEU n 
1 63 ILE n 
1 64 THR n 
1 65 ILE n 
1 66 LEU n 
1 67 GLU n 
1 68 VAL n 
1 69 GLY n 
1 70 ASP n 
1 71 ASN n 
1 72 MSE n 
1 73 ILE n 
1 74 LYS n 
1 75 GLN n 
1 76 ALA n 
1 77 LYS n 
1 78 VAL n 
1 79 VAL n 
1 80 LYS n 
1 81 LEU n 
2 1  ILE n 
2 2  PHE n 
2 3  GLY n 
# 
_entity_src_gen.entity_id                          1 
_entity_src_gen.pdbx_src_id                        1 
_entity_src_gen.pdbx_alt_source_flag               sample 
_entity_src_gen.pdbx_seq_type                      ? 
_entity_src_gen.pdbx_beg_seq_num                   ? 
_entity_src_gen.pdbx_end_seq_num                   ? 
_entity_src_gen.gene_src_common_name               ? 
_entity_src_gen.gene_src_genus                     ? 
_entity_src_gen.pdbx_gene_src_gene                 HI0107 
_entity_src_gen.gene_src_species                   ? 
_entity_src_gen.gene_src_strain                    'Rd KW20' 
_entity_src_gen.gene_src_tissue                    ? 
_entity_src_gen.gene_src_tissue_fraction           ? 
_entity_src_gen.gene_src_details                   ? 
_entity_src_gen.pdbx_gene_src_fragment             ? 
_entity_src_gen.pdbx_gene_src_scientific_name      'Haemophilus influenzae' 
_entity_src_gen.pdbx_gene_src_ncbi_taxonomy_id     727 
_entity_src_gen.pdbx_gene_src_variant              ? 
_entity_src_gen.pdbx_gene_src_cell_line            ? 
_entity_src_gen.pdbx_gene_src_atcc                 ? 
_entity_src_gen.pdbx_gene_src_organ                ? 
_entity_src_gen.pdbx_gene_src_organelle            ? 
_entity_src_gen.pdbx_gene_src_cell                 ? 
_entity_src_gen.pdbx_gene_src_cellular_location    ? 
_entity_src_gen.host_org_common_name               ? 
_entity_src_gen.pdbx_host_org_scientific_name      'Escherichia coli' 
_entity_src_gen.pdbx_host_org_ncbi_taxonomy_id     511693 
_entity_src_gen.host_org_genus                     ? 
_entity_src_gen.pdbx_host_org_gene                 ? 
_entity_src_gen.pdbx_host_org_organ                ? 
_entity_src_gen.host_org_species                   ? 
_entity_src_gen.pdbx_host_org_tissue               ? 
_entity_src_gen.pdbx_host_org_tissue_fraction      ? 
_entity_src_gen.pdbx_host_org_strain               BL21 
_entity_src_gen.pdbx_host_org_variant              ? 
_entity_src_gen.pdbx_host_org_cell_line            ? 
_entity_src_gen.pdbx_host_org_atcc                 ? 
_entity_src_gen.pdbx_host_org_culture_collection   ? 
_entity_src_gen.pdbx_host_org_cell                 ? 
_entity_src_gen.pdbx_host_org_organelle            ? 
_entity_src_gen.pdbx_host_org_cellular_location    ? 
_entity_src_gen.pdbx_host_org_vector_type          plasmid 
_entity_src_gen.pdbx_host_org_vector               ? 
_entity_src_gen.host_org_details                   ? 
_entity_src_gen.expression_system_id               ? 
_entity_src_gen.plasmid_name                       pMCSG7 
_entity_src_gen.plasmid_details                    ? 
_entity_src_gen.pdbx_description                   ? 
# 
_pdbx_entity_src_syn.entity_id              2 
_pdbx_entity_src_syn.pdbx_src_id            1 
_pdbx_entity_src_syn.pdbx_alt_source_flag   sample 
_pdbx_entity_src_syn.pdbx_beg_seq_num       ? 
_pdbx_entity_src_syn.pdbx_end_seq_num       ? 
_pdbx_entity_src_syn.organism_scientific    ? 
_pdbx_entity_src_syn.organism_common_name   ? 
_pdbx_entity_src_syn.ncbi_taxonomy_id       ? 
_pdbx_entity_src_syn.details                
'Peptide fragment of unknown source, its sequence has been assigned according to electron density' 
# 
loop_
_chem_comp.id 
_chem_comp.type 
_chem_comp.mon_nstd_flag 
_chem_comp.name 
_chem_comp.pdbx_synonyms 
_chem_comp.formula 
_chem_comp.formula_weight 
ALA 'L-peptide linking' y ALANINE          ?                 'C3 H7 N O2'     89.093  
ARG 'L-peptide linking' y ARGININE         ?                 'C6 H15 N4 O2 1' 175.209 
ASN 'L-peptide linking' y ASPARAGINE       ?                 'C4 H8 N2 O3'    132.118 
ASP 'L-peptide linking' y 'ASPARTIC ACID'  ?                 'C4 H7 N O4'     133.103 
CYS 'L-peptide linking' y CYSTEINE         ?                 'C3 H7 N O2 S'   121.158 
EDO non-polymer         . 1,2-ETHANEDIOL   'ETHYLENE GLYCOL' 'C2 H6 O2'       62.068  
GLN 'L-peptide linking' y GLUTAMINE        ?                 'C5 H10 N2 O3'   146.144 
GLU 'L-peptide linking' y 'GLUTAMIC ACID'  ?                 'C5 H9 N O4'     147.129 
GLY 'peptide linking'   y GLYCINE          ?                 'C2 H5 N O2'     75.067  
HIS 'L-peptide linking' y HISTIDINE        ?                 'C6 H10 N3 O2 1' 156.162 
HOH non-polymer         . WATER            ?                 'H2 O'           18.015  
ILE 'L-peptide linking' y ISOLEUCINE       ?                 'C6 H13 N O2'    131.173 
LEU 'L-peptide linking' y LEUCINE          ?                 'C6 H13 N O2'    131.173 
LYS 'L-peptide linking' y LYSINE           ?                 'C6 H15 N2 O2 1' 147.195 
MSE 'L-peptide linking' n SELENOMETHIONINE ?                 'C5 H11 N O2 Se' 196.106 
PHE 'L-peptide linking' y PHENYLALANINE    ?                 'C9 H11 N O2'    165.189 
PO4 non-polymer         . 'PHOSPHATE ION'  ?                 'O4 P -3'        94.971  
PRO 'L-peptide linking' y PROLINE          ?                 'C5 H9 N O2'     115.130 
SER 'L-peptide linking' y SERINE           ?                 'C3 H7 N O3'     105.093 
THR 'L-peptide linking' y THREONINE        ?                 'C4 H9 N O3'     119.119 
TRP 'L-peptide linking' y TRYPTOPHAN       ?                 'C11 H12 N2 O2'  204.225 
VAL 'L-peptide linking' y VALINE           ?                 'C5 H11 N O2'    117.146 
# 
loop_
_pdbx_poly_seq_scheme.asym_id 
_pdbx_poly_seq_scheme.entity_id 
_pdbx_poly_seq_scheme.seq_id 
_pdbx_poly_seq_scheme.mon_id 
_pdbx_poly_seq_scheme.ndb_seq_num 
_pdbx_poly_seq_scheme.pdb_seq_num 
_pdbx_poly_seq_scheme.auth_seq_num 
_pdbx_poly_seq_scheme.pdb_mon_id 
_pdbx_poly_seq_scheme.auth_mon_id 
_pdbx_poly_seq_scheme.pdb_strand_id 
_pdbx_poly_seq_scheme.pdb_ins_code 
_pdbx_poly_seq_scheme.hetero 
A 1 1  SER 1  -2 -2 SER SER A . n 
A 1 2  ASN 2  -1 -1 ASN ASN A . n 
A 1 3  ALA 3  0  0  ALA ALA A . n 
A 1 4  ILE 4  1  1  ILE ILE A . n 
A 1 5  GLN 5  2  2  GLN GLN A . n 
A 1 6  GLN 6  3  3  GLN GLN A . n 
A 1 7  SER 7  4  4  SER SER A . n 
A 1 8  ASP 8  5  5  ASP ASP A . n 
A 1 9  GLY 9  6  6  GLY GLY A . n 
A 1 10 SER 10 7  7  SER SER A . n 
A 1 11 MSE 11 8  8  MSE MSE A . n 
A 1 12 ILE 12 9  9  ILE ILE A . n 
A 1 13 ILE 13 10 10 ILE ILE A . n 
A 1 14 ASP 14 11 11 ASP ASP A . n 
A 1 15 GLY 15 12 12 GLY GLY A . n 
A 1 16 SER 16 13 13 SER SER A . n 
A 1 17 ALA 17 14 14 ALA ALA A . n 
A 1 18 ASN 18 15 15 ASN ASN A . n 
A 1 19 LEU 19 16 16 LEU LEU A . n 
A 1 20 ARG 20 17 17 ARG ARG A . n 
A 1 21 ASP 21 18 18 ASP ASP A . n 
A 1 22 LEU 22 19 19 LEU LEU A . n 
A 1 23 ASN 23 20 20 ASN ASN A . n 
A 1 24 LYS 24 21 21 LYS LYS A . n 
A 1 25 MSE 25 22 22 MSE MSE A . n 
A 1 26 PHE 26 23 23 PHE PHE A . n 
A 1 27 ASN 27 24 24 ASN ASN A . n 
A 1 28 TRP 28 25 25 TRP TRP A . n 
A 1 29 GLU 29 26 26 GLU GLU A . n 
A 1 30 LEU 30 27 27 LEU LEU A . n 
A 1 31 ASP 31 28 28 ASP ASP A . n 
A 1 32 THR 32 29 29 THR THR A . n 
A 1 33 GLU 33 30 30 GLU GLU A . n 
A 1 34 ASP 34 31 31 ASP ASP A . n 
A 1 35 ALA 35 32 32 ALA ALA A . n 
A 1 36 ARG 36 33 33 ARG ARG A . n 
A 1 37 THR 37 34 34 THR THR A . n 
A 1 38 PHE 38 35 35 PHE PHE A . n 
A 1 39 ASN 39 36 36 ASN ASN A . n 
A 1 40 GLY 40 37 37 GLY GLY A . n 
A 1 41 LEU 41 38 38 LEU LEU A . n 
A 1 42 ILE 42 39 39 ILE ILE A . n 
A 1 43 LEU 43 40 40 LEU LEU A . n 
A 1 44 GLU 44 41 41 GLU GLU A . n 
A 1 45 HIS 45 42 42 HIS HIS A . n 
A 1 46 LEU 46 43 43 LEU LEU A . n 
A 1 47 GLU 47 44 44 GLU GLU A . n 
A 1 48 GLU 48 45 45 GLU GLU A . n 
A 1 49 ILE 49 46 46 ILE ILE A . n 
A 1 50 PRO 50 47 47 PRO PRO A . n 
A 1 51 ASP 51 48 48 ASP ASP A . n 
A 1 52 GLU 52 49 49 GLU GLU A . n 
A 1 53 GLY 53 50 50 GLY GLY A . n 
A 1 54 THR 54 51 51 THR THR A . n 
A 1 55 ILE 55 52 52 ILE ILE A . n 
A 1 56 CYS 56 53 53 CYS CYS A . n 
A 1 57 GLU 57 54 54 GLU GLU A . n 
A 1 58 ILE 58 55 55 ILE ILE A . n 
A 1 59 ASP 59 56 56 ASP ASP A . n 
A 1 60 GLY 60 57 57 GLY GLY A . n 
A 1 61 LEU 61 58 58 LEU LEU A . n 
A 1 62 LEU 62 59 59 LEU LEU A . n 
A 1 63 ILE 63 60 60 ILE ILE A . n 
A 1 64 THR 64 61 61 THR THR A . n 
A 1 65 ILE 65 62 62 ILE ILE A . n 
A 1 66 LEU 66 63 63 LEU LEU A . n 
A 1 67 GLU 67 64 64 GLU GLU A . n 
A 1 68 VAL 68 65 65 VAL VAL A . n 
A 1 69 GLY 69 66 66 GLY GLY A . n 
A 1 70 ASP 70 67 67 ASP ASP A . n 
A 1 71 ASN 71 68 68 ASN ASN A . n 
A 1 72 MSE 72 69 69 MSE MSE A . n 
A 1 73 ILE 73 70 70 ILE ILE A . n 
A 1 74 LYS 74 71 71 LYS LYS A . n 
A 1 75 GLN 75 72 72 GLN GLN A . n 
A 1 76 ALA 76 73 73 ALA ALA A . n 
A 1 77 LYS 77 74 74 LYS LYS A . n 
A 1 78 VAL 78 75 75 VAL VAL A . n 
A 1 79 VAL 79 76 76 VAL VAL A . n 
A 1 80 LYS 80 77 77 LYS LYS A . n 
A 1 81 LEU 81 78 78 LEU LEU A . n 
B 2 1  ILE 1  1  1  ILE ILE X . n 
B 2 2  PHE 2  2  2  PHE PHE X . n 
B 2 3  GLY 3  3  3  GLY GLY X . n 
# 
loop_
_pdbx_nonpoly_scheme.asym_id 
_pdbx_nonpoly_scheme.entity_id 
_pdbx_nonpoly_scheme.mon_id 
_pdbx_nonpoly_scheme.ndb_seq_num 
_pdbx_nonpoly_scheme.pdb_seq_num 
_pdbx_nonpoly_scheme.auth_seq_num 
_pdbx_nonpoly_scheme.pdb_mon_id 
_pdbx_nonpoly_scheme.auth_mon_id 
_pdbx_nonpoly_scheme.pdb_strand_id 
_pdbx_nonpoly_scheme.pdb_ins_code 
C 3 PO4 1  79  1  PO4 PO4 A . 
D 4 EDO 1  80  2  EDO EDO A . 
E 4 EDO 1  81  3  EDO EDO A . 
F 4 EDO 1  82  4  EDO EDO A . 
G 5 HOH 1  83  1  HOH HOH A . 
G 5 HOH 2  84  2  HOH HOH A . 
G 5 HOH 3  85  3  HOH HOH A . 
G 5 HOH 4  86  4  HOH HOH A . 
G 5 HOH 5  87  5  HOH HOH A . 
G 5 HOH 6  88  6  HOH HOH A . 
G 5 HOH 7  89  7  HOH HOH A . 
G 5 HOH 8  90  8  HOH HOH A . 
G 5 HOH 9  91  9  HOH HOH A . 
G 5 HOH 10 92  10 HOH HOH A . 
G 5 HOH 11 93  11 HOH HOH A . 
G 5 HOH 12 94  12 HOH HOH A . 
G 5 HOH 13 95  13 HOH HOH A . 
G 5 HOH 14 96  14 HOH HOH A . 
G 5 HOH 15 97  15 HOH HOH A . 
G 5 HOH 16 98  16 HOH HOH A . 
G 5 HOH 17 99  17 HOH HOH A . 
G 5 HOH 18 100 18 HOH HOH A . 
G 5 HOH 19 101 19 HOH HOH A . 
G 5 HOH 20 102 20 HOH HOH A . 
G 5 HOH 21 103 21 HOH HOH A . 
G 5 HOH 22 104 22 HOH HOH A . 
G 5 HOH 23 105 23 HOH HOH A . 
G 5 HOH 24 106 24 HOH HOH A . 
G 5 HOH 25 107 25 HOH HOH A . 
G 5 HOH 26 108 26 HOH HOH A . 
G 5 HOH 27 109 27 HOH HOH A . 
G 5 HOH 28 110 28 HOH HOH A . 
G 5 HOH 29 111 29 HOH HOH A . 
G 5 HOH 30 112 30 HOH HOH A . 
G 5 HOH 31 113 31 HOH HOH A . 
G 5 HOH 32 114 32 HOH HOH A . 
G 5 HOH 33 115 33 HOH HOH A . 
G 5 HOH 34 116 34 HOH HOH A . 
G 5 HOH 35 117 35 HOH HOH A . 
G 5 HOH 36 118 36 HOH HOH A . 
G 5 HOH 37 119 37 HOH HOH A . 
G 5 HOH 38 120 38 HOH HOH A . 
G 5 HOH 39 121 39 HOH HOH A . 
G 5 HOH 40 122 40 HOH HOH A . 
G 5 HOH 41 123 41 HOH HOH A . 
G 5 HOH 42 124 42 HOH HOH A . 
G 5 HOH 43 125 43 HOH HOH A . 
G 5 HOH 44 126 45 HOH HOH A . 
G 5 HOH 45 127 46 HOH HOH A . 
G 5 HOH 46 128 47 HOH HOH A . 
G 5 HOH 47 129 49 HOH HOH A . 
G 5 HOH 48 130 50 HOH HOH A . 
G 5 HOH 49 131 51 HOH HOH A . 
G 5 HOH 50 132 53 HOH HOH A . 
G 5 HOH 51 133 54 HOH HOH A . 
G 5 HOH 52 134 55 HOH HOH A . 
G 5 HOH 53 135 56 HOH HOH A . 
G 5 HOH 54 136 57 HOH HOH A . 
G 5 HOH 55 137 58 HOH HOH A . 
G 5 HOH 56 138 59 HOH HOH A . 
G 5 HOH 57 139 60 HOH HOH A . 
G 5 HOH 58 140 61 HOH HOH A . 
G 5 HOH 59 141 62 HOH HOH A . 
G 5 HOH 60 142 64 HOH HOH A . 
G 5 HOH 61 143 65 HOH HOH A . 
G 5 HOH 62 144 66 HOH HOH A . 
G 5 HOH 63 145 67 HOH HOH A . 
G 5 HOH 64 146 68 HOH HOH A . 
G 5 HOH 65 147 69 HOH HOH A . 
G 5 HOH 66 148 70 HOH HOH A . 
G 5 HOH 67 149 71 HOH HOH A . 
G 5 HOH 68 150 72 HOH HOH A . 
G 5 HOH 69 151 73 HOH HOH A . 
G 5 HOH 70 152 74 HOH HOH A . 
H 5 HOH 1  63  63 HOH HOH X . 
# 
loop_
_software.name 
_software.classification 
_software.version 
_software.citation_id 
_software.pdbx_ordinal 
SBC-Collect 'data collection' .                        ? 1  
SHELXD      phasing           .                        ? 2  
MLPHARE     phasing           .                        ? 3  
DM          'model building'  .                        ? 4  
ARP         'model building'  .                        ? 5  
WARP        'model building'  .                        ? 6  
HKL-3000    phasing           .                        ? 7  
PHENIX      refinement        '(phenix.refine: 1.5_2)' ? 8  
HKL-3000    'data reduction'  .                        ? 9  
HKL-3000    'data scaling'    .                        ? 10 
DM          phasing           .                        ? 11 
# 
_cell.entry_id           3LAE 
_cell.length_a           25.604 
_cell.length_b           77.563 
_cell.length_c           79.107 
_cell.angle_alpha        90.00 
_cell.angle_beta         90.00 
_cell.angle_gamma        90.00 
_cell.Z_PDB              8 
_cell.pdbx_unique_axis   ? 
_cell.length_a_esd       ? 
_cell.length_b_esd       ? 
_cell.length_c_esd       ? 
_cell.angle_alpha_esd    ? 
_cell.angle_beta_esd     ? 
_cell.angle_gamma_esd    ? 
# 
_symmetry.entry_id                         3LAE 
_symmetry.space_group_name_H-M             'C 2 2 21' 
_symmetry.pdbx_full_space_group_name_H-M   ? 
_symmetry.cell_setting                     ? 
_symmetry.Int_Tables_number                20 
_symmetry.space_group_name_Hall            ? 
# 
_exptl.entry_id          3LAE 
_exptl.method            'X-RAY DIFFRACTION' 
_exptl.crystals_number   1 
# 
_exptl_crystal.id                    1 
_exptl_crystal.density_meas          ? 
_exptl_crystal.density_Matthews      2.07 
_exptl_crystal.density_percent_sol   40.49 
_exptl_crystal.description           ? 
_exptl_crystal.F_000                 ? 
_exptl_crystal.preparation           ? 
# 
_exptl_crystal_grow.crystal_id      1 
_exptl_crystal_grow.method          'VAPOR DIFFUSION, SITTING DROP' 
_exptl_crystal_grow.temp            293 
_exptl_crystal_grow.temp_details    ? 
_exptl_crystal_grow.pH              8.0 
_exptl_crystal_grow.pdbx_details    
'0.4M NaH2PO4, 1.6M K2HPO4, 0.1M Imidazole, 0.2M NaCl, pH 8.0, VAPOR DIFFUSION, SITTING DROP, temperature 293K' 
_exptl_crystal_grow.pdbx_pH_range   ? 
# 
_diffrn.id                     1 
_diffrn.ambient_temp           100 
_diffrn.ambient_temp_details   ? 
_diffrn.crystal_id             1 
# 
_diffrn_detector.diffrn_id              1 
_diffrn_detector.detector               CCD 
_diffrn_detector.type                   'ADSC QUANTUM 315' 
_diffrn_detector.pdbx_collection_date   2006-07-30 
_diffrn_detector.details                Mirror 
# 
_diffrn_radiation.diffrn_id                        1 
_diffrn_radiation.wavelength_id                    1 
_diffrn_radiation.pdbx_monochromatic_or_laue_m_l   M 
_diffrn_radiation.monochromator                    'Si 111 crystal' 
_diffrn_radiation.pdbx_diffrn_protocol             'SINGLE WAVELENGTH' 
_diffrn_radiation.pdbx_scattering_type             x-ray 
# 
_diffrn_radiation_wavelength.id           1 
_diffrn_radiation_wavelength.wavelength   0.97929 
_diffrn_radiation_wavelength.wt           1.0 
# 
_diffrn_source.diffrn_id                   1 
_diffrn_source.source                      SYNCHROTRON 
_diffrn_source.type                        'APS BEAMLINE 19-ID' 
_diffrn_source.pdbx_synchrotron_site       APS 
_diffrn_source.pdbx_synchrotron_beamline   19-ID 
_diffrn_source.pdbx_wavelength             ? 
_diffrn_source.pdbx_wavelength_list        0.97929 
# 
_reflns.entry_id                     3LAE 
_reflns.observed_criterion_sigma_I   0 
_reflns.observed_criterion_sigma_F   0 
_reflns.d_resolution_low             28.0 
_reflns.d_resolution_high            1.45 
_reflns.number_obs                   14271 
_reflns.number_all                   14271 
_reflns.percent_possible_obs         99.4 
_reflns.pdbx_Rmerge_I_obs            0.062 
_reflns.pdbx_Rsym_value              ? 
_reflns.pdbx_netI_over_sigmaI        38.7 
_reflns.B_iso_Wilson_estimate        16.03 
_reflns.pdbx_redundancy              7.3 
_reflns.R_free_details               ? 
_reflns.limit_h_max                  ? 
_reflns.limit_h_min                  ? 
_reflns.limit_k_max                  ? 
_reflns.limit_k_min                  ? 
_reflns.limit_l_max                  ? 
_reflns.limit_l_min                  ? 
_reflns.observed_criterion_F_max     ? 
_reflns.observed_criterion_F_min     ? 
_reflns.pdbx_chi_squared             ? 
_reflns.pdbx_scaling_rejects         ? 
_reflns.pdbx_diffrn_id               1 
_reflns.pdbx_ordinal                 1 
# 
_reflns_shell.d_res_high             1.45 
_reflns_shell.d_res_low              1.48 
_reflns_shell.percent_possible_all   94.3 
_reflns_shell.Rmerge_I_obs           0.622 
_reflns_shell.pdbx_Rsym_value        ? 
_reflns_shell.meanI_over_sigI_obs    1.9 
_reflns_shell.pdbx_redundancy        4.4 
_reflns_shell.percent_possible_obs   ? 
_reflns_shell.number_unique_all      664 
_reflns_shell.number_measured_all    ? 
_reflns_shell.number_measured_obs    ? 
_reflns_shell.number_unique_obs      ? 
_reflns_shell.pdbx_chi_squared       ? 
_reflns_shell.pdbx_diffrn_id         ? 
_reflns_shell.pdbx_ordinal           1 
# 
_refine.entry_id                                 3LAE 
_refine.ls_number_reflns_obs                     13739 
_refine.ls_number_reflns_all                     13739 
_refine.pdbx_ls_sigma_I                          ? 
_refine.pdbx_ls_sigma_F                          0.12 
_refine.pdbx_data_cutoff_high_absF               ? 
_refine.pdbx_data_cutoff_low_absF                ? 
_refine.pdbx_data_cutoff_high_rms_absF           ? 
_refine.ls_d_res_low                             27.692 
_refine.ls_d_res_high                            1.453 
_refine.ls_percent_reflns_obs                    95.77 
_refine.ls_R_factor_obs                          0.1667 
_refine.ls_R_factor_all                          ? 
_refine.ls_R_factor_R_work                       0.1641 
_refine.ls_R_factor_R_free                       0.2222 
_refine.ls_R_factor_R_free_error                 ? 
_refine.ls_R_factor_R_free_error_details         ? 
_refine.ls_percent_reflns_R_free                 4.95 
_refine.ls_number_reflns_R_free                  680 
_refine.ls_number_parameters                     ? 
_refine.ls_number_restraints                     ? 
_refine.occupancy_min                            ? 
_refine.occupancy_max                            ? 
_refine.correlation_coeff_Fo_to_Fc               ? 
_refine.correlation_coeff_Fo_to_Fc_free          ? 
_refine.B_iso_mean                               ? 
_refine.aniso_B[1][1]                            0.0894 
_refine.aniso_B[2][2]                            1.5595 
_refine.aniso_B[3][3]                            -1.6490 
_refine.aniso_B[1][2]                            0.0000 
_refine.aniso_B[1][3]                            -0.0000 
_refine.aniso_B[2][3]                            0.0000 
_refine.solvent_model_details                    'FLAT BULK SOLVENT MODEL' 
_refine.solvent_model_param_ksol                 0.433 
_refine.solvent_model_param_bsol                 67.026 
_refine.pdbx_solvent_vdw_probe_radii             1.11 
_refine.pdbx_solvent_ion_probe_radii             ? 
_refine.pdbx_solvent_shrinkage_radii             0.90 
_refine.pdbx_ls_cross_valid_method               ? 
_refine.details                                  ? 
_refine.pdbx_starting_model                      ? 
_refine.pdbx_method_to_determine_struct          SAD 
_refine.pdbx_isotropic_thermal_model             ? 
_refine.pdbx_stereochemistry_target_values       ML 
_refine.pdbx_stereochem_target_val_spec_case     ? 
_refine.pdbx_R_Free_selection_details            random 
_refine.pdbx_overall_ESU_R                       ? 
_refine.pdbx_overall_ESU_R_Free                  ? 
_refine.overall_SU_ML                            0.18 
_refine.overall_SU_B                             ? 
_refine.ls_redundancy_reflns_obs                 ? 
_refine.B_iso_min                                ? 
_refine.B_iso_max                                ? 
_refine.overall_SU_R_Cruickshank_DPI             ? 
_refine.overall_SU_R_free                        ? 
_refine.ls_wR_factor_R_free                      ? 
_refine.ls_wR_factor_R_work                      ? 
_refine.overall_FOM_free_R_set                   ? 
_refine.overall_FOM_work_R_set                   ? 
_refine.pdbx_overall_phase_error                 18.78 
_refine.pdbx_refine_id                           'X-RAY DIFFRACTION' 
_refine.pdbx_diffrn_id                           1 
_refine.pdbx_TLS_residual_ADP_flag               ? 
_refine.pdbx_overall_SU_R_free_Cruickshank_DPI   ? 
_refine.pdbx_overall_SU_R_Blow_DPI               ? 
_refine.pdbx_overall_SU_R_free_Blow_DPI          ? 
# 
_refine_hist.pdbx_refine_id                   'X-RAY DIFFRACTION' 
_refine_hist.cycle_id                         LAST 
_refine_hist.pdbx_number_atoms_protein        757 
_refine_hist.pdbx_number_atoms_nucleic_acid   0 
_refine_hist.pdbx_number_atoms_ligand         17 
_refine_hist.number_atoms_solvent             71 
_refine_hist.number_atoms_total               845 
_refine_hist.d_res_high                       1.453 
_refine_hist.d_res_low                        27.692 
# 
loop_
_refine_ls_restr.type 
_refine_ls_restr.dev_ideal 
_refine_ls_restr.dev_ideal_target 
_refine_ls_restr.weight 
_refine_ls_restr.number 
_refine_ls_restr.pdbx_refine_id 
_refine_ls_restr.pdbx_restraint_function 
f_bond_d           0.007  ? ? 795  'X-RAY DIFFRACTION' ? 
f_angle_d          1.052  ? ? 1096 'X-RAY DIFFRACTION' ? 
f_dihedral_angle_d 16.998 ? ? 324  'X-RAY DIFFRACTION' ? 
f_chiral_restr     0.070  ? ? 135  'X-RAY DIFFRACTION' ? 
f_plane_restr      0.003  ? ? 142  'X-RAY DIFFRACTION' ? 
# 
loop_
_refine_ls_shell.pdbx_total_number_of_bins_used 
_refine_ls_shell.d_res_high 
_refine_ls_shell.d_res_low 
_refine_ls_shell.number_reflns_R_work 
_refine_ls_shell.R_factor_R_work 
_refine_ls_shell.percent_reflns_obs 
_refine_ls_shell.R_factor_R_free 
_refine_ls_shell.R_factor_R_free_error 
_refine_ls_shell.percent_reflns_R_free 
_refine_ls_shell.number_reflns_R_free 
_refine_ls_shell.number_reflns_all 
_refine_ls_shell.R_factor_all 
_refine_ls_shell.number_reflns_obs 
_refine_ls_shell.redundancy_reflns_obs 
_refine_ls_shell.pdbx_refine_id 
. 1.4530 1.5652  2302 0.1626 87.00 0.2449 . . 131 . . . . 'X-RAY DIFFRACTION' 
. 1.5652 1.7227  2571 0.1473 95.00 0.2211 . . 129 . . . . 'X-RAY DIFFRACTION' 
. 1.7227 1.9719  2651 0.1259 98.00 0.2107 . . 130 . . . . 'X-RAY DIFFRACTION' 
. 1.9719 2.4841  2690 0.1318 99.00 0.1817 . . 153 . . . . 'X-RAY DIFFRACTION' 
. 2.4841 27.6966 2845 0.1829 99.00 0.2348 . . 137 . . . . 'X-RAY DIFFRACTION' 
# 
_struct.entry_id                  3LAE 
_struct.title                     
'The crystal structure of a functionally unknown conserved protein from Haemophilus influenzae Rd KW20' 
_struct.pdbx_model_details        ? 
_struct.pdbx_CASP_flag            ? 
_struct.pdbx_model_type_details   ? 
# 
_struct_keywords.entry_id        3LAE 
_struct_keywords.pdbx_keywords   'MEMBRANE PROTEIN' 
_struct_keywords.text            
;APC85784.2, conserved protein, Haemophilus influenzae Rd KW20, structural genomics, PSI-2, protein structure initiative, midwest center for structural genomics, MCSG, CBS domain, Cell membrane, Membrane, Transmembrane, MEMBRANE PROTEIN
;
# 
loop_
_struct_asym.id 
_struct_asym.pdbx_blank_PDB_chainid_flag 
_struct_asym.pdbx_modified 
_struct_asym.entity_id 
_struct_asym.details 
A N N 1 ? 
B N N 2 ? 
C N N 3 ? 
D N N 4 ? 
E N N 4 ? 
F N N 4 ? 
G N N 5 ? 
H N N 5 ? 
# 
loop_
_struct_ref.id 
_struct_ref.db_name 
_struct_ref.db_code 
_struct_ref.pdbx_db_accession 
_struct_ref.entity_id 
_struct_ref.pdbx_seq_one_letter_code 
_struct_ref.pdbx_align_begin 
_struct_ref.pdbx_db_isoform 
1 UNP Y107_HAEIN Q57017 1 IQQSDGSMIIDGSANLRDLNKMFNWELDTEDARTFNGLILEHLEEIPDEGTICEIDGLLITILEVGDNMIKQAKVVKL 343 ? 
2 PDB 3LAE       3LAE   2 IFG                                                                            1   ? 
# 
loop_
_struct_ref_seq.align_id 
_struct_ref_seq.ref_id 
_struct_ref_seq.pdbx_PDB_id_code 
_struct_ref_seq.pdbx_strand_id 
_struct_ref_seq.seq_align_beg 
_struct_ref_seq.pdbx_seq_align_beg_ins_code 
_struct_ref_seq.seq_align_end 
_struct_ref_seq.pdbx_seq_align_end_ins_code 
_struct_ref_seq.pdbx_db_accession 
_struct_ref_seq.db_align_beg 
_struct_ref_seq.pdbx_db_align_beg_ins_code 
_struct_ref_seq.db_align_end 
_struct_ref_seq.pdbx_db_align_end_ins_code 
_struct_ref_seq.pdbx_auth_seq_align_beg 
_struct_ref_seq.pdbx_auth_seq_align_end 
1 1 3LAE A 4 ? 81 ? Q57017 343 ? 420 ? 1 78 
2 2 3LAE X 1 ? 3  ? 3LAE   1   ? 3   ? 1 3  
# 
loop_
_struct_ref_seq_dif.align_id 
_struct_ref_seq_dif.pdbx_pdb_id_code 
_struct_ref_seq_dif.mon_id 
_struct_ref_seq_dif.pdbx_pdb_strand_id 
_struct_ref_seq_dif.seq_num 
_struct_ref_seq_dif.pdbx_pdb_ins_code 
_struct_ref_seq_dif.pdbx_seq_db_name 
_struct_ref_seq_dif.pdbx_seq_db_accession_code 
_struct_ref_seq_dif.db_mon_id 
_struct_ref_seq_dif.pdbx_seq_db_seq_num 
_struct_ref_seq_dif.details 
_struct_ref_seq_dif.pdbx_auth_seq_num 
_struct_ref_seq_dif.pdbx_ordinal 
1 3LAE SER A 1 ? UNP Q57017 ? ? 'expression tag' -2 1 
1 3LAE ASN A 2 ? UNP Q57017 ? ? 'expression tag' -1 2 
1 3LAE ALA A 3 ? UNP Q57017 ? ? 'expression tag' 0  3 
# 
_pdbx_struct_assembly.id                   1 
_pdbx_struct_assembly.details              author_and_software_defined_assembly 
_pdbx_struct_assembly.method_details       PISA 
_pdbx_struct_assembly.oligomeric_details   dimeric 
_pdbx_struct_assembly.oligomeric_count     2 
# 
loop_
_pdbx_struct_assembly_prop.biol_id 
_pdbx_struct_assembly_prop.type 
_pdbx_struct_assembly_prop.value 
_pdbx_struct_assembly_prop.details 
1 'ABSA (A^2)' 950  ? 
1 MORE         -5   ? 
1 'SSA (A^2)'  5360 ? 
# 
_pdbx_struct_assembly_gen.assembly_id       1 
_pdbx_struct_assembly_gen.oper_expression   1 
_pdbx_struct_assembly_gen.asym_id_list      A,B,C,D,E,F,G,H 
# 
_pdbx_struct_oper_list.id                   1 
_pdbx_struct_oper_list.type                 'identity operation' 
_pdbx_struct_oper_list.name                 1_555 
_pdbx_struct_oper_list.symmetry_operation   x,y,z 
_pdbx_struct_oper_list.matrix[1][1]         1.0000000000 
_pdbx_struct_oper_list.matrix[1][2]         0.0000000000 
_pdbx_struct_oper_list.matrix[1][3]         0.0000000000 
_pdbx_struct_oper_list.vector[1]            0.0000000000 
_pdbx_struct_oper_list.matrix[2][1]         0.0000000000 
_pdbx_struct_oper_list.matrix[2][2]         1.0000000000 
_pdbx_struct_oper_list.matrix[2][3]         0.0000000000 
_pdbx_struct_oper_list.vector[2]            0.0000000000 
_pdbx_struct_oper_list.matrix[3][1]         0.0000000000 
_pdbx_struct_oper_list.matrix[3][2]         0.0000000000 
_pdbx_struct_oper_list.matrix[3][3]         1.0000000000 
_pdbx_struct_oper_list.vector[3]            0.0000000000 
# 
_struct_biol.id        1 
_struct_biol.details   ? 
# 
loop_
_struct_conf.conf_type_id 
_struct_conf.id 
_struct_conf.pdbx_PDB_helix_id 
_struct_conf.beg_label_comp_id 
_struct_conf.beg_label_asym_id 
_struct_conf.beg_label_seq_id 
_struct_conf.pdbx_beg_PDB_ins_code 
_struct_conf.end_label_comp_id 
_struct_conf.end_label_asym_id 
_struct_conf.end_label_seq_id 
_struct_conf.pdbx_end_PDB_ins_code 
_struct_conf.beg_auth_comp_id 
_struct_conf.beg_auth_asym_id 
_struct_conf.beg_auth_seq_id 
_struct_conf.end_auth_comp_id 
_struct_conf.end_auth_asym_id 
_struct_conf.end_auth_seq_id 
_struct_conf.pdbx_PDB_helix_class 
_struct_conf.details 
_struct_conf.pdbx_PDB_helix_length 
HELX_P HELX_P1 1 ASN A 18 ? ASN A 27 ? ASN A 15 ASN A 24 1 ? 10 
HELX_P HELX_P2 2 THR A 37 ? LEU A 46 ? THR A 34 LEU A 43 1 ? 10 
# 
_struct_conf_type.id          HELX_P 
_struct_conf_type.criteria    ? 
_struct_conf_type.reference   ? 
# 
loop_
_struct_conn.id 
_struct_conn.conn_type_id 
_struct_conn.pdbx_leaving_atom_flag 
_struct_conn.pdbx_PDB_id 
_struct_conn.ptnr1_label_asym_id 
_struct_conn.ptnr1_label_comp_id 
_struct_conn.ptnr1_label_seq_id 
_struct_conn.ptnr1_label_atom_id 
_struct_conn.pdbx_ptnr1_label_alt_id 
_struct_conn.pdbx_ptnr1_PDB_ins_code 
_struct_conn.pdbx_ptnr1_standard_comp_id 
_struct_conn.ptnr1_symmetry 
_struct_conn.ptnr2_label_asym_id 
_struct_conn.ptnr2_label_comp_id 
_struct_conn.ptnr2_label_seq_id 
_struct_conn.ptnr2_label_atom_id 
_struct_conn.pdbx_ptnr2_label_alt_id 
_struct_conn.pdbx_ptnr2_PDB_ins_code 
_struct_conn.ptnr1_auth_asym_id 
_struct_conn.ptnr1_auth_comp_id 
_struct_conn.ptnr1_auth_seq_id 
_struct_conn.ptnr2_auth_asym_id 
_struct_conn.ptnr2_auth_comp_id 
_struct_conn.ptnr2_auth_seq_id 
_struct_conn.ptnr2_symmetry 
_struct_conn.pdbx_ptnr3_label_atom_id 
_struct_conn.pdbx_ptnr3_label_seq_id 
_struct_conn.pdbx_ptnr3_label_comp_id 
_struct_conn.pdbx_ptnr3_label_asym_id 
_struct_conn.pdbx_ptnr3_label_alt_id 
_struct_conn.pdbx_ptnr3_PDB_ins_code 
_struct_conn.details 
_struct_conn.pdbx_dist_value 
_struct_conn.pdbx_value_order 
_struct_conn.pdbx_role 
covale1 covale both ? A SER 10 C ? ? ? 1_555 A MSE 11 N ? ? A SER 7  A MSE 8  1_555 ? ? ? ? ? ? ? 1.327 ? ? 
covale2 covale both ? A MSE 11 C ? ? ? 1_555 A ILE 12 N ? ? A MSE 8  A ILE 9  1_555 ? ? ? ? ? ? ? 1.324 ? ? 
covale3 covale both ? A LYS 24 C ? ? ? 1_555 A MSE 25 N ? ? A LYS 21 A MSE 22 1_555 ? ? ? ? ? ? ? 1.329 ? ? 
covale4 covale both ? A MSE 25 C ? ? ? 1_555 A PHE 26 N ? ? A MSE 22 A PHE 23 1_555 ? ? ? ? ? ? ? 1.326 ? ? 
covale5 covale both ? A ASN 71 C ? ? ? 1_555 A MSE 72 N A ? A ASN 68 A MSE 69 1_555 ? ? ? ? ? ? ? 1.334 ? ? 
covale6 covale both ? A ASN 71 C ? ? ? 1_555 A MSE 72 N B ? A ASN 68 A MSE 69 1_555 ? ? ? ? ? ? ? 1.325 ? ? 
covale7 covale both ? A MSE 72 C A ? ? 1_555 A ILE 73 N ? ? A MSE 69 A ILE 70 1_555 ? ? ? ? ? ? ? 1.331 ? ? 
covale8 covale both ? A MSE 72 C B ? ? 1_555 A ILE 73 N ? ? A MSE 69 A ILE 70 1_555 ? ? ? ? ? ? ? 1.325 ? ? 
# 
_struct_conn_type.id          covale 
_struct_conn_type.criteria    ? 
_struct_conn_type.reference   ? 
# 
loop_
_pdbx_modification_feature.ordinal 
_pdbx_modification_feature.label_comp_id 
_pdbx_modification_feature.label_asym_id 
_pdbx_modification_feature.label_seq_id 
_pdbx_modification_feature.label_alt_id 
_pdbx_modification_feature.modified_residue_label_comp_id 
_pdbx_modification_feature.modified_residue_label_asym_id 
_pdbx_modification_feature.modified_residue_label_seq_id 
_pdbx_modification_feature.modified_residue_label_alt_id 
_pdbx_modification_feature.auth_comp_id 
_pdbx_modification_feature.auth_asym_id 
_pdbx_modification_feature.auth_seq_id 
_pdbx_modification_feature.PDB_ins_code 
_pdbx_modification_feature.symmetry 
_pdbx_modification_feature.modified_residue_auth_comp_id 
_pdbx_modification_feature.modified_residue_auth_asym_id 
_pdbx_modification_feature.modified_residue_auth_seq_id 
_pdbx_modification_feature.modified_residue_PDB_ins_code 
_pdbx_modification_feature.modified_residue_symmetry 
_pdbx_modification_feature.comp_id_linking_atom 
_pdbx_modification_feature.modified_residue_id_linking_atom 
_pdbx_modification_feature.modified_residue_id 
_pdbx_modification_feature.ref_pcm_id 
_pdbx_modification_feature.ref_comp_id 
_pdbx_modification_feature.type 
_pdbx_modification_feature.category 
1 MSE A 11 ? . . . . MSE A 8  ? 1_555 . . . . . . . MET 1 MSE Selenomethionine 'Named protein modification' 
2 MSE A 25 ? . . . . MSE A 22 ? 1_555 . . . . . . . MET 1 MSE Selenomethionine 'Named protein modification' 
3 MSE A 72 A . . . . MSE A 69 ? 1_555 . . . . . . . MET 1 MSE Selenomethionine 'Named protein modification' 
4 MSE A 72 B . . . . MSE A 69 ? 1_555 . . . . . . . MET 1 MSE Selenomethionine 'Named protein modification' 
# 
_struct_sheet.id               A 
_struct_sheet.type             ? 
_struct_sheet.number_strands   5 
_struct_sheet.details          ? 
# 
loop_
_struct_sheet_order.sheet_id 
_struct_sheet_order.range_id_1 
_struct_sheet_order.range_id_2 
_struct_sheet_order.offset 
_struct_sheet_order.sense 
A 1 2 ? anti-parallel 
A 2 3 ? anti-parallel 
A 3 4 ? anti-parallel 
A 4 5 ? anti-parallel 
# 
loop_
_struct_sheet_range.sheet_id 
_struct_sheet_range.id 
_struct_sheet_range.beg_label_comp_id 
_struct_sheet_range.beg_label_asym_id 
_struct_sheet_range.beg_label_seq_id 
_struct_sheet_range.pdbx_beg_PDB_ins_code 
_struct_sheet_range.end_label_comp_id 
_struct_sheet_range.end_label_asym_id 
_struct_sheet_range.end_label_seq_id 
_struct_sheet_range.pdbx_end_PDB_ins_code 
_struct_sheet_range.beg_auth_comp_id 
_struct_sheet_range.beg_auth_asym_id 
_struct_sheet_range.beg_auth_seq_id 
_struct_sheet_range.end_auth_comp_id 
_struct_sheet_range.end_auth_asym_id 
_struct_sheet_range.end_auth_seq_id 
A 1 ALA A 3  ? GLN A 5  ? ALA A 0  GLN A 2  
A 2 MSE A 11 ? ASP A 14 ? MSE A 8  ASP A 11 
A 3 MSE A 72 ? LYS A 80 ? MSE A 69 LYS A 77 
A 4 LEU A 61 ? GLY A 69 ? LEU A 58 GLY A 66 
A 5 ILE A 55 ? ILE A 58 ? ILE A 52 ILE A 55 
# 
loop_
_pdbx_struct_sheet_hbond.sheet_id 
_pdbx_struct_sheet_hbond.range_id_1 
_pdbx_struct_sheet_hbond.range_id_2 
_pdbx_struct_sheet_hbond.range_1_label_atom_id 
_pdbx_struct_sheet_hbond.range_1_label_comp_id 
_pdbx_struct_sheet_hbond.range_1_label_asym_id 
_pdbx_struct_sheet_hbond.range_1_label_seq_id 
_pdbx_struct_sheet_hbond.range_1_PDB_ins_code 
_pdbx_struct_sheet_hbond.range_1_auth_atom_id 
_pdbx_struct_sheet_hbond.range_1_auth_comp_id 
_pdbx_struct_sheet_hbond.range_1_auth_asym_id 
_pdbx_struct_sheet_hbond.range_1_auth_seq_id 
_pdbx_struct_sheet_hbond.range_2_label_atom_id 
_pdbx_struct_sheet_hbond.range_2_label_comp_id 
_pdbx_struct_sheet_hbond.range_2_label_asym_id 
_pdbx_struct_sheet_hbond.range_2_label_seq_id 
_pdbx_struct_sheet_hbond.range_2_PDB_ins_code 
_pdbx_struct_sheet_hbond.range_2_auth_atom_id 
_pdbx_struct_sheet_hbond.range_2_auth_comp_id 
_pdbx_struct_sheet_hbond.range_2_auth_asym_id 
_pdbx_struct_sheet_hbond.range_2_auth_seq_id 
A 1 2 N ILE A 4  ? N ILE A 1  O ILE A 12 ? O ILE A 9  
A 2 3 N ILE A 13 ? N ILE A 10 O ALA A 76 ? O ALA A 73 
A 3 4 O VAL A 79 ? O VAL A 76 N LEU A 62 ? N LEU A 59 
A 4 5 O ILE A 63 ? O ILE A 60 N CYS A 56 ? N CYS A 53 
# 
loop_
_struct_site.id 
_struct_site.pdbx_evidence_code 
_struct_site.pdbx_auth_asym_id 
_struct_site.pdbx_auth_comp_id 
_struct_site.pdbx_auth_seq_id 
_struct_site.pdbx_auth_ins_code 
_struct_site.pdbx_num_residues 
_struct_site.details 
AC1 Software A PO4 79 ? 9 'BINDING SITE FOR RESIDUE PO4 A 79' 
AC2 Software A EDO 80 ? 5 'BINDING SITE FOR RESIDUE EDO A 80' 
AC3 Software A EDO 81 ? 3 'BINDING SITE FOR RESIDUE EDO A 81' 
AC4 Software A EDO 82 ? 5 'BINDING SITE FOR RESIDUE EDO A 82' 
# 
loop_
_struct_site_gen.id 
_struct_site_gen.site_id 
_struct_site_gen.pdbx_num_res 
_struct_site_gen.label_comp_id 
_struct_site_gen.label_asym_id 
_struct_site_gen.label_seq_id 
_struct_site_gen.pdbx_auth_ins_code 
_struct_site_gen.auth_comp_id 
_struct_site_gen.auth_asym_id 
_struct_site_gen.auth_seq_id 
_struct_site_gen.label_atom_id 
_struct_site_gen.label_alt_id 
_struct_site_gen.symmetry 
_struct_site_gen.details 
1  AC1 9 ASN A 18 ? ASN A 15  . ? 1_555 ? 
2  AC1 9 ARG A 20 ? ARG A 17  . ? 1_555 ? 
3  AC1 9 ARG A 36 ? ARG A 33  . ? 1_555 ? 
4  AC1 9 ARG A 36 ? ARG A 33  . ? 3_656 ? 
5  AC1 9 HOH G .  ? HOH A 89  . ? 3_656 ? 
6  AC1 9 HOH G .  ? HOH A 142 . ? 1_555 ? 
7  AC1 9 HOH G .  ? HOH A 143 . ? 1_555 ? 
8  AC1 9 HOH G .  ? HOH A 143 . ? 3_656 ? 
9  AC1 9 HOH G .  ? HOH A 149 . ? 1_555 ? 
10 AC2 5 SER A 16 ? SER A 13  . ? 1_555 ? 
11 AC2 5 GLU A 33 ? GLU A 30  . ? 3_656 ? 
12 AC2 5 ASP A 34 ? ASP A 31  . ? 3_656 ? 
13 AC2 5 MSE A 72 ? MSE A 69  . ? 1_555 ? 
14 AC2 5 HOH G .  ? HOH A 151 . ? 1_555 ? 
15 AC3 3 GLY A 69 ? GLY A 66  . ? 1_555 ? 
16 AC3 3 ASP A 70 ? ASP A 67  . ? 1_555 ? 
17 AC3 3 HOH G .  ? HOH A 109 . ? 1_555 ? 
18 AC4 5 ILE A 12 ? ILE A 9   . ? 1_555 ? 
19 AC4 5 GLN A 75 ? GLN A 72  . ? 1_555 ? 
20 AC4 5 LEU A 81 ? LEU A 78  . ? 1_655 ? 
21 AC4 5 HOH G .  ? HOH A 92  . ? 8_556 ? 
22 AC4 5 HOH G .  ? HOH A 127 . ? 1_655 ? 
# 
_pdbx_entry_details.entry_id                   3LAE 
_pdbx_entry_details.compound_details           ? 
_pdbx_entry_details.source_details             ? 
_pdbx_entry_details.nonpolymer_details         ? 
_pdbx_entry_details.sequence_details           ? 
_pdbx_entry_details.has_ligand_of_interest     ? 
_pdbx_entry_details.has_protein_modification   Y 
# 
loop_
_pdbx_validate_torsion.id 
_pdbx_validate_torsion.PDB_model_num 
_pdbx_validate_torsion.auth_comp_id 
_pdbx_validate_torsion.auth_asym_id 
_pdbx_validate_torsion.auth_seq_id 
_pdbx_validate_torsion.PDB_ins_code 
_pdbx_validate_torsion.label_alt_id 
_pdbx_validate_torsion.phi 
_pdbx_validate_torsion.psi 
1 1 GLU A 44 ? ? -98.70 38.68  
2 1 GLU A 45 ? ? 172.93 136.30 
# 
_pdbx_SG_project.id                    1 
_pdbx_SG_project.project_name          'PSI, Protein Structure Initiative' 
_pdbx_SG_project.full_name_of_center   'Midwest Center for Structural Genomics' 
_pdbx_SG_project.initial_of_center     MCSG 
# 
loop_
_pdbx_struct_mod_residue.id 
_pdbx_struct_mod_residue.label_asym_id 
_pdbx_struct_mod_residue.label_comp_id 
_pdbx_struct_mod_residue.label_seq_id 
_pdbx_struct_mod_residue.auth_asym_id 
_pdbx_struct_mod_residue.auth_comp_id 
_pdbx_struct_mod_residue.auth_seq_id 
_pdbx_struct_mod_residue.PDB_ins_code 
_pdbx_struct_mod_residue.parent_comp_id 
_pdbx_struct_mod_residue.details 
1 A MSE 11 A MSE 8  ? MET SELENOMETHIONINE 
2 A MSE 25 A MSE 22 ? MET SELENOMETHIONINE 
3 A MSE 72 A MSE 69 ? MET SELENOMETHIONINE 
# 
_pdbx_struct_special_symmetry.id              1 
_pdbx_struct_special_symmetry.PDB_model_num   1 
_pdbx_struct_special_symmetry.auth_asym_id    A 
_pdbx_struct_special_symmetry.auth_comp_id    HOH 
_pdbx_struct_special_symmetry.auth_seq_id     143 
_pdbx_struct_special_symmetry.PDB_ins_code    ? 
_pdbx_struct_special_symmetry.label_asym_id   G 
_pdbx_struct_special_symmetry.label_comp_id   HOH 
_pdbx_struct_special_symmetry.label_seq_id    . 
# 
loop_
_chem_comp_atom.comp_id 
_chem_comp_atom.atom_id 
_chem_comp_atom.type_symbol 
_chem_comp_atom.pdbx_aromatic_flag 
_chem_comp_atom.pdbx_stereo_config 
_chem_comp_atom.pdbx_ordinal 
ALA N    N  N N 1   
ALA CA   C  N S 2   
ALA C    C  N N 3   
ALA O    O  N N 4   
ALA CB   C  N N 5   
ALA OXT  O  N N 6   
ALA H    H  N N 7   
ALA H2   H  N N 8   
ALA HA   H  N N 9   
ALA HB1  H  N N 10  
ALA HB2  H  N N 11  
ALA HB3  H  N N 12  
ALA HXT  H  N N 13  
ARG N    N  N N 14  
ARG CA   C  N S 15  
ARG C    C  N N 16  
ARG O    O  N N 17  
ARG CB   C  N N 18  
ARG CG   C  N N 19  
ARG CD   C  N N 20  
ARG NE   N  N N 21  
ARG CZ   C  N N 22  
ARG NH1  N  N N 23  
ARG NH2  N  N N 24  
ARG OXT  O  N N 25  
ARG H    H  N N 26  
ARG H2   H  N N 27  
ARG HA   H  N N 28  
ARG HB2  H  N N 29  
ARG HB3  H  N N 30  
ARG HG2  H  N N 31  
ARG HG3  H  N N 32  
ARG HD2  H  N N 33  
ARG HD3  H  N N 34  
ARG HE   H  N N 35  
ARG HH11 H  N N 36  
ARG HH12 H  N N 37  
ARG HH21 H  N N 38  
ARG HH22 H  N N 39  
ARG HXT  H  N N 40  
ASN N    N  N N 41  
ASN CA   C  N S 42  
ASN C    C  N N 43  
ASN O    O  N N 44  
ASN CB   C  N N 45  
ASN CG   C  N N 46  
ASN OD1  O  N N 47  
ASN ND2  N  N N 48  
ASN OXT  O  N N 49  
ASN H    H  N N 50  
ASN H2   H  N N 51  
ASN HA   H  N N 52  
ASN HB2  H  N N 53  
ASN HB3  H  N N 54  
ASN HD21 H  N N 55  
ASN HD22 H  N N 56  
ASN HXT  H  N N 57  
ASP N    N  N N 58  
ASP CA   C  N S 59  
ASP C    C  N N 60  
ASP O    O  N N 61  
ASP CB   C  N N 62  
ASP CG   C  N N 63  
ASP OD1  O  N N 64  
ASP OD2  O  N N 65  
ASP OXT  O  N N 66  
ASP H    H  N N 67  
ASP H2   H  N N 68  
ASP HA   H  N N 69  
ASP HB2  H  N N 70  
ASP HB3  H  N N 71  
ASP HD2  H  N N 72  
ASP HXT  H  N N 73  
CYS N    N  N N 74  
CYS CA   C  N R 75  
CYS C    C  N N 76  
CYS O    O  N N 77  
CYS CB   C  N N 78  
CYS SG   S  N N 79  
CYS OXT  O  N N 80  
CYS H    H  N N 81  
CYS H2   H  N N 82  
CYS HA   H  N N 83  
CYS HB2  H  N N 84  
CYS HB3  H  N N 85  
CYS HG   H  N N 86  
CYS HXT  H  N N 87  
EDO C1   C  N N 88  
EDO O1   O  N N 89  
EDO C2   C  N N 90  
EDO O2   O  N N 91  
EDO H11  H  N N 92  
EDO H12  H  N N 93  
EDO HO1  H  N N 94  
EDO H21  H  N N 95  
EDO H22  H  N N 96  
EDO HO2  H  N N 97  
GLN N    N  N N 98  
GLN CA   C  N S 99  
GLN C    C  N N 100 
GLN O    O  N N 101 
GLN CB   C  N N 102 
GLN CG   C  N N 103 
GLN CD   C  N N 104 
GLN OE1  O  N N 105 
GLN NE2  N  N N 106 
GLN OXT  O  N N 107 
GLN H    H  N N 108 
GLN H2   H  N N 109 
GLN HA   H  N N 110 
GLN HB2  H  N N 111 
GLN HB3  H  N N 112 
GLN HG2  H  N N 113 
GLN HG3  H  N N 114 
GLN HE21 H  N N 115 
GLN HE22 H  N N 116 
GLN HXT  H  N N 117 
GLU N    N  N N 118 
GLU CA   C  N S 119 
GLU C    C  N N 120 
GLU O    O  N N 121 
GLU CB   C  N N 122 
GLU CG   C  N N 123 
GLU CD   C  N N 124 
GLU OE1  O  N N 125 
GLU OE2  O  N N 126 
GLU OXT  O  N N 127 
GLU H    H  N N 128 
GLU H2   H  N N 129 
GLU HA   H  N N 130 
GLU HB2  H  N N 131 
GLU HB3  H  N N 132 
GLU HG2  H  N N 133 
GLU HG3  H  N N 134 
GLU HE2  H  N N 135 
GLU HXT  H  N N 136 
GLY N    N  N N 137 
GLY CA   C  N N 138 
GLY C    C  N N 139 
GLY O    O  N N 140 
GLY OXT  O  N N 141 
GLY H    H  N N 142 
GLY H2   H  N N 143 
GLY HA2  H  N N 144 
GLY HA3  H  N N 145 
GLY HXT  H  N N 146 
HIS N    N  N N 147 
HIS CA   C  N S 148 
HIS C    C  N N 149 
HIS O    O  N N 150 
HIS CB   C  N N 151 
HIS CG   C  Y N 152 
HIS ND1  N  Y N 153 
HIS CD2  C  Y N 154 
HIS CE1  C  Y N 155 
HIS NE2  N  Y N 156 
HIS OXT  O  N N 157 
HIS H    H  N N 158 
HIS H2   H  N N 159 
HIS HA   H  N N 160 
HIS HB2  H  N N 161 
HIS HB3  H  N N 162 
HIS HD1  H  N N 163 
HIS HD2  H  N N 164 
HIS HE1  H  N N 165 
HIS HE2  H  N N 166 
HIS HXT  H  N N 167 
HOH O    O  N N 168 
HOH H1   H  N N 169 
HOH H2   H  N N 170 
ILE N    N  N N 171 
ILE CA   C  N S 172 
ILE C    C  N N 173 
ILE O    O  N N 174 
ILE CB   C  N S 175 
ILE CG1  C  N N 176 
ILE CG2  C  N N 177 
ILE CD1  C  N N 178 
ILE OXT  O  N N 179 
ILE H    H  N N 180 
ILE H2   H  N N 181 
ILE HA   H  N N 182 
ILE HB   H  N N 183 
ILE HG12 H  N N 184 
ILE HG13 H  N N 185 
ILE HG21 H  N N 186 
ILE HG22 H  N N 187 
ILE HG23 H  N N 188 
ILE HD11 H  N N 189 
ILE HD12 H  N N 190 
ILE HD13 H  N N 191 
ILE HXT  H  N N 192 
LEU N    N  N N 193 
LEU CA   C  N S 194 
LEU C    C  N N 195 
LEU O    O  N N 196 
LEU CB   C  N N 197 
LEU CG   C  N N 198 
LEU CD1  C  N N 199 
LEU CD2  C  N N 200 
LEU OXT  O  N N 201 
LEU H    H  N N 202 
LEU H2   H  N N 203 
LEU HA   H  N N 204 
LEU HB2  H  N N 205 
LEU HB3  H  N N 206 
LEU HG   H  N N 207 
LEU HD11 H  N N 208 
LEU HD12 H  N N 209 
LEU HD13 H  N N 210 
LEU HD21 H  N N 211 
LEU HD22 H  N N 212 
LEU HD23 H  N N 213 
LEU HXT  H  N N 214 
LYS N    N  N N 215 
LYS CA   C  N S 216 
LYS C    C  N N 217 
LYS O    O  N N 218 
LYS CB   C  N N 219 
LYS CG   C  N N 220 
LYS CD   C  N N 221 
LYS CE   C  N N 222 
LYS NZ   N  N N 223 
LYS OXT  O  N N 224 
LYS H    H  N N 225 
LYS H2   H  N N 226 
LYS HA   H  N N 227 
LYS HB2  H  N N 228 
LYS HB3  H  N N 229 
LYS HG2  H  N N 230 
LYS HG3  H  N N 231 
LYS HD2  H  N N 232 
LYS HD3  H  N N 233 
LYS HE2  H  N N 234 
LYS HE3  H  N N 235 
LYS HZ1  H  N N 236 
LYS HZ2  H  N N 237 
LYS HZ3  H  N N 238 
LYS HXT  H  N N 239 
MSE N    N  N N 240 
MSE CA   C  N S 241 
MSE C    C  N N 242 
MSE O    O  N N 243 
MSE OXT  O  N N 244 
MSE CB   C  N N 245 
MSE CG   C  N N 246 
MSE SE   SE N N 247 
MSE CE   C  N N 248 
MSE H    H  N N 249 
MSE H2   H  N N 250 
MSE HA   H  N N 251 
MSE HXT  H  N N 252 
MSE HB2  H  N N 253 
MSE HB3  H  N N 254 
MSE HG2  H  N N 255 
MSE HG3  H  N N 256 
MSE HE1  H  N N 257 
MSE HE2  H  N N 258 
MSE HE3  H  N N 259 
PHE N    N  N N 260 
PHE CA   C  N S 261 
PHE C    C  N N 262 
PHE O    O  N N 263 
PHE CB   C  N N 264 
PHE CG   C  Y N 265 
PHE CD1  C  Y N 266 
PHE CD2  C  Y N 267 
PHE CE1  C  Y N 268 
PHE CE2  C  Y N 269 
PHE CZ   C  Y N 270 
PHE OXT  O  N N 271 
PHE H    H  N N 272 
PHE H2   H  N N 273 
PHE HA   H  N N 274 
PHE HB2  H  N N 275 
PHE HB3  H  N N 276 
PHE HD1  H  N N 277 
PHE HD2  H  N N 278 
PHE HE1  H  N N 279 
PHE HE2  H  N N 280 
PHE HZ   H  N N 281 
PHE HXT  H  N N 282 
PO4 P    P  N N 283 
PO4 O1   O  N N 284 
PO4 O2   O  N N 285 
PO4 O3   O  N N 286 
PO4 O4   O  N N 287 
PRO N    N  N N 288 
PRO CA   C  N S 289 
PRO C    C  N N 290 
PRO O    O  N N 291 
PRO CB   C  N N 292 
PRO CG   C  N N 293 
PRO CD   C  N N 294 
PRO OXT  O  N N 295 
PRO H    H  N N 296 
PRO HA   H  N N 297 
PRO HB2  H  N N 298 
PRO HB3  H  N N 299 
PRO HG2  H  N N 300 
PRO HG3  H  N N 301 
PRO HD2  H  N N 302 
PRO HD3  H  N N 303 
PRO HXT  H  N N 304 
SER N    N  N N 305 
SER CA   C  N S 306 
SER C    C  N N 307 
SER O    O  N N 308 
SER CB   C  N N 309 
SER OG   O  N N 310 
SER OXT  O  N N 311 
SER H    H  N N 312 
SER H2   H  N N 313 
SER HA   H  N N 314 
SER HB2  H  N N 315 
SER HB3  H  N N 316 
SER HG   H  N N 317 
SER HXT  H  N N 318 
THR N    N  N N 319 
THR CA   C  N S 320 
THR C    C  N N 321 
THR O    O  N N 322 
THR CB   C  N R 323 
THR OG1  O  N N 324 
THR CG2  C  N N 325 
THR OXT  O  N N 326 
THR H    H  N N 327 
THR H2   H  N N 328 
THR HA   H  N N 329 
THR HB   H  N N 330 
THR HG1  H  N N 331 
THR HG21 H  N N 332 
THR HG22 H  N N 333 
THR HG23 H  N N 334 
THR HXT  H  N N 335 
TRP N    N  N N 336 
TRP CA   C  N S 337 
TRP C    C  N N 338 
TRP O    O  N N 339 
TRP CB   C  N N 340 
TRP CG   C  Y N 341 
TRP CD1  C  Y N 342 
TRP CD2  C  Y N 343 
TRP NE1  N  Y N 344 
TRP CE2  C  Y N 345 
TRP CE3  C  Y N 346 
TRP CZ2  C  Y N 347 
TRP CZ3  C  Y N 348 
TRP CH2  C  Y N 349 
TRP OXT  O  N N 350 
TRP H    H  N N 351 
TRP H2   H  N N 352 
TRP HA   H  N N 353 
TRP HB2  H  N N 354 
TRP HB3  H  N N 355 
TRP HD1  H  N N 356 
TRP HE1  H  N N 357 
TRP HE3  H  N N 358 
TRP HZ2  H  N N 359 
TRP HZ3  H  N N 360 
TRP HH2  H  N N 361 
TRP HXT  H  N N 362 
VAL N    N  N N 363 
VAL CA   C  N S 364 
VAL C    C  N N 365 
VAL O    O  N N 366 
VAL CB   C  N N 367 
VAL CG1  C  N N 368 
VAL CG2  C  N N 369 
VAL OXT  O  N N 370 
VAL H    H  N N 371 
VAL H2   H  N N 372 
VAL HA   H  N N 373 
VAL HB   H  N N 374 
VAL HG11 H  N N 375 
VAL HG12 H  N N 376 
VAL HG13 H  N N 377 
VAL HG21 H  N N 378 
VAL HG22 H  N N 379 
VAL HG23 H  N N 380 
VAL HXT  H  N N 381 
# 
loop_
_chem_comp_bond.comp_id 
_chem_comp_bond.atom_id_1 
_chem_comp_bond.atom_id_2 
_chem_comp_bond.value_order 
_chem_comp_bond.pdbx_aromatic_flag 
_chem_comp_bond.pdbx_stereo_config 
_chem_comp_bond.pdbx_ordinal 
ALA N   CA   sing N N 1   
ALA N   H    sing N N 2   
ALA N   H2   sing N N 3   
ALA CA  C    sing N N 4   
ALA CA  CB   sing N N 5   
ALA CA  HA   sing N N 6   
ALA C   O    doub N N 7   
ALA C   OXT  sing N N 8   
ALA CB  HB1  sing N N 9   
ALA CB  HB2  sing N N 10  
ALA CB  HB3  sing N N 11  
ALA OXT HXT  sing N N 12  
ARG N   CA   sing N N 13  
ARG N   H    sing N N 14  
ARG N   H2   sing N N 15  
ARG CA  C    sing N N 16  
ARG CA  CB   sing N N 17  
ARG CA  HA   sing N N 18  
ARG C   O    doub N N 19  
ARG C   OXT  sing N N 20  
ARG CB  CG   sing N N 21  
ARG CB  HB2  sing N N 22  
ARG CB  HB3  sing N N 23  
ARG CG  CD   sing N N 24  
ARG CG  HG2  sing N N 25  
ARG CG  HG3  sing N N 26  
ARG CD  NE   sing N N 27  
ARG CD  HD2  sing N N 28  
ARG CD  HD3  sing N N 29  
ARG NE  CZ   sing N N 30  
ARG NE  HE   sing N N 31  
ARG CZ  NH1  sing N N 32  
ARG CZ  NH2  doub N N 33  
ARG NH1 HH11 sing N N 34  
ARG NH1 HH12 sing N N 35  
ARG NH2 HH21 sing N N 36  
ARG NH2 HH22 sing N N 37  
ARG OXT HXT  sing N N 38  
ASN N   CA   sing N N 39  
ASN N   H    sing N N 40  
ASN N   H2   sing N N 41  
ASN CA  C    sing N N 42  
ASN CA  CB   sing N N 43  
ASN CA  HA   sing N N 44  
ASN C   O    doub N N 45  
ASN C   OXT  sing N N 46  
ASN CB  CG   sing N N 47  
ASN CB  HB2  sing N N 48  
ASN CB  HB3  sing N N 49  
ASN CG  OD1  doub N N 50  
ASN CG  ND2  sing N N 51  
ASN ND2 HD21 sing N N 52  
ASN ND2 HD22 sing N N 53  
ASN OXT HXT  sing N N 54  
ASP N   CA   sing N N 55  
ASP N   H    sing N N 56  
ASP N   H2   sing N N 57  
ASP CA  C    sing N N 58  
ASP CA  CB   sing N N 59  
ASP CA  HA   sing N N 60  
ASP C   O    doub N N 61  
ASP C   OXT  sing N N 62  
ASP CB  CG   sing N N 63  
ASP CB  HB2  sing N N 64  
ASP CB  HB3  sing N N 65  
ASP CG  OD1  doub N N 66  
ASP CG  OD2  sing N N 67  
ASP OD2 HD2  sing N N 68  
ASP OXT HXT  sing N N 69  
CYS N   CA   sing N N 70  
CYS N   H    sing N N 71  
CYS N   H2   sing N N 72  
CYS CA  C    sing N N 73  
CYS CA  CB   sing N N 74  
CYS CA  HA   sing N N 75  
CYS C   O    doub N N 76  
CYS C   OXT  sing N N 77  
CYS CB  SG   sing N N 78  
CYS CB  HB2  sing N N 79  
CYS CB  HB3  sing N N 80  
CYS SG  HG   sing N N 81  
CYS OXT HXT  sing N N 82  
EDO C1  O1   sing N N 83  
EDO C1  C2   sing N N 84  
EDO C1  H11  sing N N 85  
EDO C1  H12  sing N N 86  
EDO O1  HO1  sing N N 87  
EDO C2  O2   sing N N 88  
EDO C2  H21  sing N N 89  
EDO C2  H22  sing N N 90  
EDO O2  HO2  sing N N 91  
GLN N   CA   sing N N 92  
GLN N   H    sing N N 93  
GLN N   H2   sing N N 94  
GLN CA  C    sing N N 95  
GLN CA  CB   sing N N 96  
GLN CA  HA   sing N N 97  
GLN C   O    doub N N 98  
GLN C   OXT  sing N N 99  
GLN CB  CG   sing N N 100 
GLN CB  HB2  sing N N 101 
GLN CB  HB3  sing N N 102 
GLN CG  CD   sing N N 103 
GLN CG  HG2  sing N N 104 
GLN CG  HG3  sing N N 105 
GLN CD  OE1  doub N N 106 
GLN CD  NE2  sing N N 107 
GLN NE2 HE21 sing N N 108 
GLN NE2 HE22 sing N N 109 
GLN OXT HXT  sing N N 110 
GLU N   CA   sing N N 111 
GLU N   H    sing N N 112 
GLU N   H2   sing N N 113 
GLU CA  C    sing N N 114 
GLU CA  CB   sing N N 115 
GLU CA  HA   sing N N 116 
GLU C   O    doub N N 117 
GLU C   OXT  sing N N 118 
GLU CB  CG   sing N N 119 
GLU CB  HB2  sing N N 120 
GLU CB  HB3  sing N N 121 
GLU CG  CD   sing N N 122 
GLU CG  HG2  sing N N 123 
GLU CG  HG3  sing N N 124 
GLU CD  OE1  doub N N 125 
GLU CD  OE2  sing N N 126 
GLU OE2 HE2  sing N N 127 
GLU OXT HXT  sing N N 128 
GLY N   CA   sing N N 129 
GLY N   H    sing N N 130 
GLY N   H2   sing N N 131 
GLY CA  C    sing N N 132 
GLY CA  HA2  sing N N 133 
GLY CA  HA3  sing N N 134 
GLY C   O    doub N N 135 
GLY C   OXT  sing N N 136 
GLY OXT HXT  sing N N 137 
HIS N   CA   sing N N 138 
HIS N   H    sing N N 139 
HIS N   H2   sing N N 140 
HIS CA  C    sing N N 141 
HIS CA  CB   sing N N 142 
HIS CA  HA   sing N N 143 
HIS C   O    doub N N 144 
HIS C   OXT  sing N N 145 
HIS CB  CG   sing N N 146 
HIS CB  HB2  sing N N 147 
HIS CB  HB3  sing N N 148 
HIS CG  ND1  sing Y N 149 
HIS CG  CD2  doub Y N 150 
HIS ND1 CE1  doub Y N 151 
HIS ND1 HD1  sing N N 152 
HIS CD2 NE2  sing Y N 153 
HIS CD2 HD2  sing N N 154 
HIS CE1 NE2  sing Y N 155 
HIS CE1 HE1  sing N N 156 
HIS NE2 HE2  sing N N 157 
HIS OXT HXT  sing N N 158 
HOH O   H1   sing N N 159 
HOH O   H2   sing N N 160 
ILE N   CA   sing N N 161 
ILE N   H    sing N N 162 
ILE N   H2   sing N N 163 
ILE CA  C    sing N N 164 
ILE CA  CB   sing N N 165 
ILE CA  HA   sing N N 166 
ILE C   O    doub N N 167 
ILE C   OXT  sing N N 168 
ILE CB  CG1  sing N N 169 
ILE CB  CG2  sing N N 170 
ILE CB  HB   sing N N 171 
ILE CG1 CD1  sing N N 172 
ILE CG1 HG12 sing N N 173 
ILE CG1 HG13 sing N N 174 
ILE CG2 HG21 sing N N 175 
ILE CG2 HG22 sing N N 176 
ILE CG2 HG23 sing N N 177 
ILE CD1 HD11 sing N N 178 
ILE CD1 HD12 sing N N 179 
ILE CD1 HD13 sing N N 180 
ILE OXT HXT  sing N N 181 
LEU N   CA   sing N N 182 
LEU N   H    sing N N 183 
LEU N   H2   sing N N 184 
LEU CA  C    sing N N 185 
LEU CA  CB   sing N N 186 
LEU CA  HA   sing N N 187 
LEU C   O    doub N N 188 
LEU C   OXT  sing N N 189 
LEU CB  CG   sing N N 190 
LEU CB  HB2  sing N N 191 
LEU CB  HB3  sing N N 192 
LEU CG  CD1  sing N N 193 
LEU CG  CD2  sing N N 194 
LEU CG  HG   sing N N 195 
LEU CD1 HD11 sing N N 196 
LEU CD1 HD12 sing N N 197 
LEU CD1 HD13 sing N N 198 
LEU CD2 HD21 sing N N 199 
LEU CD2 HD22 sing N N 200 
LEU CD2 HD23 sing N N 201 
LEU OXT HXT  sing N N 202 
LYS N   CA   sing N N 203 
LYS N   H    sing N N 204 
LYS N   H2   sing N N 205 
LYS CA  C    sing N N 206 
LYS CA  CB   sing N N 207 
LYS CA  HA   sing N N 208 
LYS C   O    doub N N 209 
LYS C   OXT  sing N N 210 
LYS CB  CG   sing N N 211 
LYS CB  HB2  sing N N 212 
LYS CB  HB3  sing N N 213 
LYS CG  CD   sing N N 214 
LYS CG  HG2  sing N N 215 
LYS CG  HG3  sing N N 216 
LYS CD  CE   sing N N 217 
LYS CD  HD2  sing N N 218 
LYS CD  HD3  sing N N 219 
LYS CE  NZ   sing N N 220 
LYS CE  HE2  sing N N 221 
LYS CE  HE3  sing N N 222 
LYS NZ  HZ1  sing N N 223 
LYS NZ  HZ2  sing N N 224 
LYS NZ  HZ3  sing N N 225 
LYS OXT HXT  sing N N 226 
MSE N   CA   sing N N 227 
MSE N   H    sing N N 228 
MSE N   H2   sing N N 229 
MSE CA  C    sing N N 230 
MSE CA  CB   sing N N 231 
MSE CA  HA   sing N N 232 
MSE C   O    doub N N 233 
MSE C   OXT  sing N N 234 
MSE OXT HXT  sing N N 235 
MSE CB  CG   sing N N 236 
MSE CB  HB2  sing N N 237 
MSE CB  HB3  sing N N 238 
MSE CG  SE   sing N N 239 
MSE CG  HG2  sing N N 240 
MSE CG  HG3  sing N N 241 
MSE SE  CE   sing N N 242 
MSE CE  HE1  sing N N 243 
MSE CE  HE2  sing N N 244 
MSE CE  HE3  sing N N 245 
PHE N   CA   sing N N 246 
PHE N   H    sing N N 247 
PHE N   H2   sing N N 248 
PHE CA  C    sing N N 249 
PHE CA  CB   sing N N 250 
PHE CA  HA   sing N N 251 
PHE C   O    doub N N 252 
PHE C   OXT  sing N N 253 
PHE CB  CG   sing N N 254 
PHE CB  HB2  sing N N 255 
PHE CB  HB3  sing N N 256 
PHE CG  CD1  doub Y N 257 
PHE CG  CD2  sing Y N 258 
PHE CD1 CE1  sing Y N 259 
PHE CD1 HD1  sing N N 260 
PHE CD2 CE2  doub Y N 261 
PHE CD2 HD2  sing N N 262 
PHE CE1 CZ   doub Y N 263 
PHE CE1 HE1  sing N N 264 
PHE CE2 CZ   sing Y N 265 
PHE CE2 HE2  sing N N 266 
PHE CZ  HZ   sing N N 267 
PHE OXT HXT  sing N N 268 
PO4 P   O1   doub N N 269 
PO4 P   O2   sing N N 270 
PO4 P   O3   sing N N 271 
PO4 P   O4   sing N N 272 
PRO N   CA   sing N N 273 
PRO N   CD   sing N N 274 
PRO N   H    sing N N 275 
PRO CA  C    sing N N 276 
PRO CA  CB   sing N N 277 
PRO CA  HA   sing N N 278 
PRO C   O    doub N N 279 
PRO C   OXT  sing N N 280 
PRO CB  CG   sing N N 281 
PRO CB  HB2  sing N N 282 
PRO CB  HB3  sing N N 283 
PRO CG  CD   sing N N 284 
PRO CG  HG2  sing N N 285 
PRO CG  HG3  sing N N 286 
PRO CD  HD2  sing N N 287 
PRO CD  HD3  sing N N 288 
PRO OXT HXT  sing N N 289 
SER N   CA   sing N N 290 
SER N   H    sing N N 291 
SER N   H2   sing N N 292 
SER CA  C    sing N N 293 
SER CA  CB   sing N N 294 
SER CA  HA   sing N N 295 
SER C   O    doub N N 296 
SER C   OXT  sing N N 297 
SER CB  OG   sing N N 298 
SER CB  HB2  sing N N 299 
SER CB  HB3  sing N N 300 
SER OG  HG   sing N N 301 
SER OXT HXT  sing N N 302 
THR N   CA   sing N N 303 
THR N   H    sing N N 304 
THR N   H2   sing N N 305 
THR CA  C    sing N N 306 
THR CA  CB   sing N N 307 
THR CA  HA   sing N N 308 
THR C   O    doub N N 309 
THR C   OXT  sing N N 310 
THR CB  OG1  sing N N 311 
THR CB  CG2  sing N N 312 
THR CB  HB   sing N N 313 
THR OG1 HG1  sing N N 314 
THR CG2 HG21 sing N N 315 
THR CG2 HG22 sing N N 316 
THR CG2 HG23 sing N N 317 
THR OXT HXT  sing N N 318 
TRP N   CA   sing N N 319 
TRP N   H    sing N N 320 
TRP N   H2   sing N N 321 
TRP CA  C    sing N N 322 
TRP CA  CB   sing N N 323 
TRP CA  HA   sing N N 324 
TRP C   O    doub N N 325 
TRP C   OXT  sing N N 326 
TRP CB  CG   sing N N 327 
TRP CB  HB2  sing N N 328 
TRP CB  HB3  sing N N 329 
TRP CG  CD1  doub Y N 330 
TRP CG  CD2  sing Y N 331 
TRP CD1 NE1  sing Y N 332 
TRP CD1 HD1  sing N N 333 
TRP CD2 CE2  doub Y N 334 
TRP CD2 CE3  sing Y N 335 
TRP NE1 CE2  sing Y N 336 
TRP NE1 HE1  sing N N 337 
TRP CE2 CZ2  sing Y N 338 
TRP CE3 CZ3  doub Y N 339 
TRP CE3 HE3  sing N N 340 
TRP CZ2 CH2  doub Y N 341 
TRP CZ2 HZ2  sing N N 342 
TRP CZ3 CH2  sing Y N 343 
TRP CZ3 HZ3  sing N N 344 
TRP CH2 HH2  sing N N 345 
TRP OXT HXT  sing N N 346 
VAL N   CA   sing N N 347 
VAL N   H    sing N N 348 
VAL N   H2   sing N N 349 
VAL CA  C    sing N N 350 
VAL CA  CB   sing N N 351 
VAL CA  HA   sing N N 352 
VAL C   O    doub N N 353 
VAL C   OXT  sing N N 354 
VAL CB  CG1  sing N N 355 
VAL CB  CG2  sing N N 356 
VAL CB  HB   sing N N 357 
VAL CG1 HG11 sing N N 358 
VAL CG1 HG12 sing N N 359 
VAL CG1 HG13 sing N N 360 
VAL CG2 HG21 sing N N 361 
VAL CG2 HG22 sing N N 362 
VAL CG2 HG23 sing N N 363 
VAL OXT HXT  sing N N 364 
# 
_atom_sites.entry_id                    3LAE 
_atom_sites.fract_transf_matrix[1][1]   0.00203513 
_atom_sites.fract_transf_matrix[1][2]   0.02117343 
_atom_sites.fract_transf_matrix[1][3]   0.03275539 
_atom_sites.fract_transf_matrix[2][1]   0.00967214 
_atom_sites.fract_transf_matrix[2][2]   -0.00742104 
_atom_sites.fract_transf_matrix[2][3]   0.00419610 
_atom_sites.fract_transf_matrix[3][1]   0.00833258 
_atom_sites.fract_transf_matrix[3][2]   0.00773888 
_atom_sites.fract_transf_matrix[3][3]   -0.00552021 
_atom_sites.fract_transf_vector[1]      0.556996 
_atom_sites.fract_transf_vector[2]      0.356478 
_atom_sites.fract_transf_vector[3]      0.593007 
# 
loop_
_atom_type.symbol 
C  
N  
O  
P  
S  
SE 
# 
loop_
_atom_site.group_PDB 
_atom_site.id 
_atom_site.type_symbol 
_atom_site.label_atom_id 
_atom_site.label_alt_id 
_atom_site.label_comp_id 
_atom_site.label_asym_id 
_atom_site.label_entity_id 
_atom_site.label_seq_id 
_atom_site.pdbx_PDB_ins_code 
_atom_site.Cartn_x 
_atom_site.Cartn_y 
_atom_site.Cartn_z 
_atom_site.occupancy 
_atom_site.B_iso_or_equiv 
_atom_site.pdbx_formal_charge 
_atom_site.auth_seq_id 
_atom_site.auth_comp_id 
_atom_site.auth_asym_id 
_atom_site.auth_atom_id 
_atom_site.pdbx_PDB_model_num 
ATOM   1   N  N   . SER A 1 1  ? 8.429   -0.856  9.600   1.00 20.74  ? -2  SER A N   1 
ATOM   2   C  CA  . SER A 1 1  ? 7.056   -0.692  9.150   1.00 15.07  ? -2  SER A CA  1 
ATOM   3   C  C   . SER A 1 1  ? 6.204   -1.806  9.694   1.00 17.54  ? -2  SER A C   1 
ATOM   4   O  O   . SER A 1 1  ? 6.678   -2.918  9.912   1.00 21.28  ? -2  SER A O   1 
ATOM   5   C  CB  . SER A 1 1  ? 6.986   -0.688  7.626   1.00 19.02  ? -2  SER A CB  1 
ATOM   6   O  OG  . SER A 1 1  ? 7.870   0.288   7.129   1.00 21.00  ? -2  SER A OG  1 
ATOM   7   N  N   . ASN A 1 2  ? 4.942   -1.488  9.941   1.00 23.73  ? -1  ASN A N   1 
ATOM   8   C  CA  . ASN A 1 2  ? 4.027   -2.456  10.500  1.00 28.23  ? -1  ASN A CA  1 
ATOM   9   C  C   . ASN A 1 2  ? 2.963   -2.849  9.493   1.00 29.70  ? -1  ASN A C   1 
ATOM   10  O  O   . ASN A 1 2  ? 2.536   -2.037  8.655   1.00 32.84  ? -1  ASN A O   1 
ATOM   11  C  CB  . ASN A 1 2  ? 3.388   -1.909  11.785  1.00 32.42  ? -1  ASN A CB  1 
ATOM   12  C  CG  . ASN A 1 2  ? 4.408   -1.682  12.894  1.00 37.12  ? -1  ASN A CG  1 
ATOM   13  O  OD1 . ASN A 1 2  ? 4.445   -0.620  13.517  1.00 42.21  ? -1  ASN A OD1 1 
ATOM   14  N  ND2 . ASN A 1 2  ? 5.239   -2.682  13.142  1.00 35.98  ? -1  ASN A ND2 1 
ATOM   15  N  N   A ALA A 1 3  ? 2.513   -4.099  9.579   0.50 30.50  ? 0   ALA A N   1 
ATOM   16  N  N   B ALA A 1 3  ? 2.591   -4.115  9.538   0.50 29.17  ? 0   ALA A N   1 
ATOM   17  C  CA  A ALA A 1 3  ? 1.427   -4.606  8.732   0.50 29.06  ? 0   ALA A CA  1 
ATOM   18  C  CA  B ALA A 1 3  ? 1.412   -4.567  8.842   0.50 26.11  ? 0   ALA A CA  1 
ATOM   19  C  C   A ALA A 1 3  ? 0.522   -5.584  9.493   0.50 26.00  ? 0   ALA A C   1 
ATOM   20  C  C   B ALA A 1 3  ? 0.513   -5.198  9.885   0.50 21.97  ? 0   ALA A C   1 
ATOM   21  O  O   A ALA A 1 3  ? 0.981   -6.626  9.977   0.50 27.60  ? 0   ALA A O   1 
ATOM   22  O  O   B ALA A 1 3  ? 0.958   -5.600  10.967  0.50 18.13  ? 0   ALA A O   1 
ATOM   23  C  CB  A ALA A 1 3  ? 1.989   -5.266  7.489   0.50 29.75  ? 0   ALA A CB  1 
ATOM   24  C  CB  B ALA A 1 3  ? 1.766   -5.562  7.755   0.50 25.91  ? 0   ALA A CB  1 
ATOM   25  N  N   . ILE A 1 4  ? -0.767  -5.257  9.573   1.00 21.00  ? 1   ILE A N   1 
ATOM   26  C  CA  A ILE A 1 4  ? -1.677  -5.966  10.453  0.50 17.83  ? 1   ILE A CA  1 
ATOM   27  C  CA  B ILE A 1 4  ? -1.720  -5.910  10.462  0.50 18.39  ? 1   ILE A CA  1 
ATOM   28  C  C   . ILE A 1 4  ? -2.692  -6.733  9.634   1.00 15.94  ? 1   ILE A C   1 
ATOM   29  O  O   . ILE A 1 4  ? -3.372  -6.183  8.781   1.00 15.81  ? 1   ILE A O   1 
ATOM   30  C  CB  A ILE A 1 4  ? -2.411  -5.000  11.398  0.50 21.04  ? 1   ILE A CB  1 
ATOM   31  C  CB  B ILE A 1 4  ? -2.545  -4.875  11.251  0.50 22.10  ? 1   ILE A CB  1 
ATOM   32  C  CG1 A ILE A 1 4  ? -1.408  -4.311  12.330  0.50 23.20  ? 1   ILE A CG1 1 
ATOM   33  C  CG1 B ILE A 1 4  ? -1.689  -3.660  11.623  0.50 24.66  ? 1   ILE A CG1 1 
ATOM   34  C  CG2 A ILE A 1 4  ? -3.482  -5.744  12.192  0.50 20.82  ? 1   ILE A CG2 1 
ATOM   35  C  CG2 B ILE A 1 4  ? -3.169  -5.519  12.479  0.50 22.80  ? 1   ILE A CG2 1 
ATOM   36  C  CD1 A ILE A 1 4  ? -2.015  -3.213  13.175  0.50 27.06  ? 1   ILE A CD1 1 
ATOM   37  C  CD1 B ILE A 1 4  ? -0.766  -3.891  12.776  0.50 24.68  ? 1   ILE A CD1 1 
ATOM   38  N  N   . GLN A 1 5  ? -2.766  -8.031  9.875   1.00 16.68  ? 2   GLN A N   1 
ATOM   39  C  CA  . GLN A 1 5  ? -3.781  -8.819  9.201   1.00 19.02  ? 2   GLN A CA  1 
ATOM   40  C  C   . GLN A 1 5  ? -5.118  -8.580  9.878   1.00 22.55  ? 2   GLN A C   1 
ATOM   41  O  O   . GLN A 1 5  ? -5.209  -8.595  11.111  1.00 21.92  ? 2   GLN A O   1 
ATOM   42  C  CB  . GLN A 1 5  ? -3.459  -10.300 9.276   1.00 23.56  ? 2   GLN A CB  1 
ATOM   43  C  CG  . GLN A 1 5  ? -4.443  -11.120 8.485   1.00 26.73  ? 2   GLN A CG  1 
ATOM   44  C  CD  . GLN A 1 5  ? -4.243  -12.586 8.685   1.00 30.80  ? 2   GLN A CD  1 
ATOM   45  O  OE1 . GLN A 1 5  ? -3.889  -13.028 9.779   1.00 34.23  ? 2   GLN A OE1 1 
ATOM   46  N  NE2 . GLN A 1 5  ? -4.477  -13.364 7.634   1.00 32.38  ? 2   GLN A NE2 1 
ATOM   47  N  N   . GLN A 1 6  ? -6.162  -8.387  9.081   1.00 22.52  ? 3   GLN A N   1 
ATOM   48  C  CA  . GLN A 1 6  ? -7.494  -8.181  9.633   1.00 24.03  ? 3   GLN A CA  1 
ATOM   49  C  C   . GLN A 1 6  ? -8.230  -9.503  9.680   1.00 27.85  ? 3   GLN A C   1 
ATOM   50  O  O   . GLN A 1 6  ? -7.830  -10.468 9.029   1.00 28.08  ? 3   GLN A O   1 
ATOM   51  C  CB  . GLN A 1 6  ? -8.261  -7.154  8.803   1.00 26.18  ? 3   GLN A CB  1 
ATOM   52  C  CG  . GLN A 1 6  ? -7.503  -5.845  8.640   1.00 26.79  ? 3   GLN A CG  1 
ATOM   53  C  CD  . GLN A 1 6  ? -7.203  -5.208  9.976   1.00 30.55  ? 3   GLN A CD  1 
ATOM   54  O  OE1 . GLN A 1 6  ? -8.112  -4.917  10.751  1.00 35.17  ? 3   GLN A OE1 1 
ATOM   55  N  NE2 . GLN A 1 6  ? -5.922  -5.002  10.264  1.00 30.21  ? 3   GLN A NE2 1 
ATOM   56  N  N   . SER A 1 7  ? -9.296  -9.546  10.473  1.00 33.13  ? 4   SER A N   1 
ATOM   57  C  CA  . SER A 1 7  ? -10.097 -10.753 10.614  1.00 35.40  ? 4   SER A CA  1 
ATOM   58  C  C   . SER A 1 7  ? -10.666 -11.211 9.273   1.00 35.61  ? 4   SER A C   1 
ATOM   59  O  O   . SER A 1 7  ? -10.900 -12.402 9.068   1.00 37.33  ? 4   SER A O   1 
ATOM   60  C  CB  . SER A 1 7  ? -11.231 -10.530 11.622  1.00 37.94  ? 4   SER A CB  1 
ATOM   61  O  OG  . SER A 1 7  ? -12.026 -9.412  11.247  1.00 39.86  ? 4   SER A OG  1 
ATOM   62  N  N   . ASP A 1 8  ? -10.887 -10.269 8.359   1.00 32.90  ? 5   ASP A N   1 
ATOM   63  C  CA  . ASP A 1 8  ? -11.500 -10.612 7.080   1.00 30.73  ? 5   ASP A CA  1 
ATOM   64  C  C   . ASP A 1 8  ? -10.475 -11.000 6.022   1.00 28.27  ? 5   ASP A C   1 
ATOM   65  O  O   . ASP A 1 8  ? -10.829 -11.257 4.877   1.00 27.83  ? 5   ASP A O   1 
ATOM   66  C  CB  . ASP A 1 8  ? -12.422 -9.494  6.577   1.00 28.48  ? 5   ASP A CB  1 
ATOM   67  C  CG  . ASP A 1 8  ? -11.667 -8.306  6.031   1.00 26.50  ? 5   ASP A CG  1 
ATOM   68  O  OD1 . ASP A 1 8  ? -10.429 -8.247  6.194   1.00 24.50  ? 5   ASP A OD1 1 
ATOM   69  O  OD2 . ASP A 1 8  ? -12.319 -7.425  5.432   1.00 27.11  ? 5   ASP A OD2 1 
ATOM   70  N  N   . GLY A 1 9  ? -9.205  -11.041 6.413   1.00 26.60  ? 6   GLY A N   1 
ATOM   71  C  CA  . GLY A 1 9  ? -8.153  -11.477 5.513   1.00 28.03  ? 6   GLY A CA  1 
ATOM   72  C  C   . GLY A 1 9  ? -7.395  -10.348 4.848   1.00 25.96  ? 6   GLY A C   1 
ATOM   73  O  O   . GLY A 1 9  ? -6.310  -10.562 4.298   1.00 28.58  ? 6   GLY A O   1 
ATOM   74  N  N   . SER A 1 10 ? -7.955  -9.142  4.885   1.00 18.71  ? 7   SER A N   1 
ATOM   75  C  CA  . SER A 1 10 ? -7.260  -7.990  4.307   1.00 15.15  ? 7   SER A CA  1 
ATOM   76  C  C   . SER A 1 10 ? -6.069  -7.648  5.189   1.00 15.64  ? 7   SER A C   1 
ATOM   77  O  O   . SER A 1 10 ? -5.970  -8.117  6.316   1.00 19.64  ? 7   SER A O   1 
ATOM   78  C  CB  . SER A 1 10 ? -8.200  -6.788  4.144   1.00 16.65  ? 7   SER A CB  1 
ATOM   79  O  OG  . SER A 1 10 ? -8.652  -6.305  5.403   1.00 17.37  ? 7   SER A OG  1 
HETATM 80  N  N   . MSE A 1 11 ? -5.155  -6.855  4.644   1.00 13.64  ? 8   MSE A N   1 
HETATM 81  C  CA  A MSE A 1 11 ? -3.958  -6.402  5.347   0.50 12.67  ? 8   MSE A CA  1 
HETATM 82  C  CA  B MSE A 1 11 ? -4.007  -6.403  5.407   0.50 13.19  ? 8   MSE A CA  1 
HETATM 83  C  C   . MSE A 1 11 ? -4.002  -4.891  5.452   1.00 12.00  ? 8   MSE A C   1 
HETATM 84  O  O   . MSE A 1 11 ? -4.369  -4.235  4.489   1.00 16.06  ? 8   MSE A O   1 
HETATM 85  C  CB  A MSE A 1 11 ? -2.701  -6.751  4.539   0.50 16.65  ? 8   MSE A CB  1 
HETATM 86  C  CB  B MSE A 1 11 ? -2.706  -6.902  4.778   0.50 18.59  ? 8   MSE A CB  1 
HETATM 87  C  CG  A MSE A 1 11 ? -2.442  -8.217  4.325   0.50 22.70  ? 8   MSE A CG  1 
HETATM 88  C  CG  B MSE A 1 11 ? -2.603  -8.400  4.688   0.50 26.86  ? 8   MSE A CG  1 
HETATM 89  SE SE  A MSE A 1 11 ? -1.906  -9.089  5.971   0.30 24.73  ? 8   MSE A SE  1 
HETATM 90  SE SE  B MSE A 1 11 ? -0.742  -8.912  4.594   0.30 32.54  ? 8   MSE A SE  1 
HETATM 91  C  CE  A MSE A 1 11 ? -0.911  -7.655  6.798   0.50 16.06  ? 8   MSE A CE  1 
HETATM 92  C  CE  B MSE A 1 11 ? -0.176  -8.116  6.276   0.50 33.40  ? 8   MSE A CE  1 
ATOM   93  N  N   . ILE A 1 12 ? -3.605  -4.343  6.590   1.00 10.32  ? 9   ILE A N   1 
ATOM   94  C  CA  A ILE A 1 12 ? -3.372  -2.911  6.705   0.50 12.34  ? 9   ILE A CA  1 
ATOM   95  C  CA  B ILE A 1 12 ? -3.370  -2.916  6.668   0.50 10.14  ? 9   ILE A CA  1 
ATOM   96  C  C   . ILE A 1 12 ? -1.873  -2.697  6.681   1.00 10.02  ? 9   ILE A C   1 
ATOM   97  O  O   . ILE A 1 12 ? -1.157  -3.219  7.538   1.00 12.51  ? 9   ILE A O   1 
ATOM   98  C  CB  A ILE A 1 12 ? -3.944  -2.331  8.003   0.50 16.28  ? 9   ILE A CB  1 
ATOM   99  C  CB  B ILE A 1 12 ? -4.030  -2.283  7.892   0.50 9.62   ? 9   ILE A CB  1 
ATOM   100 C  CG1 A ILE A 1 12 ? -5.408  -2.735  8.146   0.50 22.83  ? 9   ILE A CG1 1 
ATOM   101 C  CG1 B ILE A 1 12 ? -5.550  -2.331  7.726   0.50 13.48  ? 9   ILE A CG1 1 
ATOM   102 C  CG2 A ILE A 1 12 ? -3.809  -0.809  8.005   0.50 18.58  ? 9   ILE A CG2 1 
ATOM   103 C  CG2 B ILE A 1 12 ? -3.557  -0.839  8.056   0.50 10.94  ? 9   ILE A CG2 1 
ATOM   104 C  CD1 A ILE A 1 12 ? -6.196  -2.496  6.895   0.50 25.93  ? 9   ILE A CD1 1 
ATOM   105 C  CD1 B ILE A 1 12 ? -6.300  -1.829  8.915   0.50 15.15  ? 9   ILE A CD1 1 
ATOM   106 N  N   A ILE A 1 13 ? -1.416  -1.946  5.682   0.50 9.99   ? 10  ILE A N   1 
ATOM   107 N  N   B ILE A 1 13 ? -1.378  -1.968  5.693   0.50 10.84  ? 10  ILE A N   1 
ATOM   108 C  CA  A ILE A 1 13 ? 0.005   -1.717  5.449   0.50 11.72  ? 10  ILE A CA  1 
ATOM   109 C  CA  B ILE A 1 13 ? 0.054   -1.753  5.634   0.50 12.65  ? 10  ILE A CA  1 
ATOM   110 C  C   A ILE A 1 13 ? 0.340   -0.240  5.657   0.50 11.97  ? 10  ILE A C   1 
ATOM   111 C  C   B ILE A 1 13 ? 0.397   -0.279  5.584   0.50 12.10  ? 10  ILE A C   1 
ATOM   112 O  O   A ILE A 1 13 ? -0.469  0.630   5.332   0.50 13.48  ? 10  ILE A O   1 
ATOM   113 O  O   B ILE A 1 13 ? -0.323  0.533   5.001   0.50 14.21  ? 10  ILE A O   1 
ATOM   114 C  CB  A ILE A 1 13 ? 0.373   -2.102  4.004   0.50 15.08  ? 10  ILE A CB  1 
ATOM   115 C  CB  B ILE A 1 13 ? 0.687   -2.453  4.444   0.50 15.27  ? 10  ILE A CB  1 
ATOM   116 C  CG1 A ILE A 1 13 ? -0.135  -3.511  3.670   0.50 18.53  ? 10  ILE A CG1 1 
ATOM   117 C  CG1 B ILE A 1 13 ? 0.245   -1.787  3.153   0.50 15.76  ? 10  ILE A CG1 1 
ATOM   118 C  CG2 A ILE A 1 13 ? 1.871   -2.007  3.780   0.50 16.42  ? 10  ILE A CG2 1 
ATOM   119 C  CG2 B ILE A 1 13 ? 0.315   -3.922  4.425   0.50 15.79  ? 10  ILE A CG2 1 
ATOM   120 C  CD1 A ILE A 1 13 ? 0.493   -4.606  4.499   0.50 20.98  ? 10  ILE A CD1 1 
ATOM   121 C  CD1 B ILE A 1 13 ? 1.027   -2.272  1.978   0.50 15.16  ? 10  ILE A CD1 1 
ATOM   122 N  N   . ASP A 1 14 ? 1.514   0.046   6.212   1.00 11.95  ? 11  ASP A N   1 
ATOM   123 C  CA  . ASP A 1 14 ? 1.996   1.414   6.303   1.00 12.78  ? 11  ASP A CA  1 
ATOM   124 C  C   . ASP A 1 14 ? 2.520   1.864   4.949   1.00 12.51  ? 11  ASP A C   1 
ATOM   125 O  O   . ASP A 1 14 ? 3.101   1.074   4.203   1.00 12.98  ? 11  ASP A O   1 
ATOM   126 C  CB  . ASP A 1 14 ? 3.185   1.489   7.256   1.00 17.23  ? 11  ASP A CB  1 
ATOM   127 C  CG  . ASP A 1 14 ? 2.811   1.287   8.696   1.00 20.51  ? 11  ASP A CG  1 
ATOM   128 O  OD1 . ASP A 1 14 ? 1.633   1.473   9.068   1.00 23.15  ? 11  ASP A OD1 1 
ATOM   129 O  OD2 . ASP A 1 14 ? 3.738   0.951   9.465   1.00 25.59  ? 11  ASP A OD2 1 
ATOM   130 N  N   . GLY A 1 15 ? 2.367   3.149   4.656   1.00 12.07  ? 12  GLY A N   1 
ATOM   131 C  CA  . GLY A 1 15 ? 2.955   3.721   3.458   1.00 12.69  ? 12  GLY A CA  1 
ATOM   132 C  C   . GLY A 1 15 ? 4.461   3.531   3.400   1.00 10.62  ? 12  GLY A C   1 
ATOM   133 O  O   . GLY A 1 15 ? 5.042   3.402   2.316   1.00 12.07  ? 12  GLY A O   1 
ATOM   134 N  N   . SER A 1 16 ? 5.103   3.502   4.568   1.00 11.07  ? 13  SER A N   1 
ATOM   135 C  CA  . SER A 1 16 ? 6.557   3.357   4.643   1.00 10.33  ? 13  SER A CA  1 
ATOM   136 C  C   . SER A 1 16 ? 7.054   1.960   4.278   1.00 10.74  ? 13  SER A C   1 
ATOM   137 O  O   . SER A 1 16 ? 8.264   1.743   4.157   1.00 13.06  ? 13  SER A O   1 
ATOM   138 C  CB  . SER A 1 16 ? 7.034   3.676   6.050   1.00 11.95  ? 13  SER A CB  1 
ATOM   139 O  OG  . SER A 1 16 ? 6.489   2.742   6.971   1.00 14.01  ? 13  SER A OG  1 
ATOM   140 N  N   . ALA A 1 17 ? 6.132   1.011   4.118   1.00 10.15  ? 14  ALA A N   1 
ATOM   141 C  CA  . ALA A 1 17 ? 6.524   -0.365  3.836   1.00 10.60  ? 14  ALA A CA  1 
ATOM   142 C  C   . ALA A 1 17 ? 7.401   -0.470  2.593   1.00 12.02  ? 14  ALA A C   1 
ATOM   143 O  O   . ALA A 1 17 ? 7.075   0.069   1.537   1.00 13.31  ? 14  ALA A O   1 
ATOM   144 C  CB  . ALA A 1 17 ? 5.303   -1.250  3.692   1.00 13.00  ? 14  ALA A CB  1 
ATOM   145 N  N   . ASN A 1 18 ? 8.501   -1.195  2.728   1.00 12.31  ? 15  ASN A N   1 
ATOM   146 C  CA  . ASN A 1 18 ? 9.442   -1.423  1.647   1.00 10.82  ? 15  ASN A CA  1 
ATOM   147 C  C   . ASN A 1 18 ? 8.875   -2.434  0.646   1.00 10.65  ? 15  ASN A C   1 
ATOM   148 O  O   . ASN A 1 18 ? 8.447   -3.533  1.030   1.00 12.34  ? 15  ASN A O   1 
ATOM   149 C  CB  . ASN A 1 18 ? 10.746  -1.926  2.258   1.00 13.49  ? 15  ASN A CB  1 
ATOM   150 C  CG  . ASN A 1 18 ? 11.798  -2.211  1.234   1.00 15.26  ? 15  ASN A CG  1 
ATOM   151 O  OD1 . ASN A 1 18 ? 11.837  -3.290  0.646   1.00 16.99  ? 15  ASN A OD1 1 
ATOM   152 N  ND2 . ASN A 1 18 ? 12.675  -1.248  1.021   1.00 16.39  ? 15  ASN A ND2 1 
ATOM   153 N  N   . LEU A 1 19 ? 8.842   -2.057  -0.629  1.00 10.19  ? 16  LEU A N   1 
ATOM   154 C  CA  . LEU A 1 19 ? 8.224   -2.885  -1.662  1.00 11.77  ? 16  LEU A CA  1 
ATOM   155 C  C   . LEU A 1 19 ? 8.881   -4.250  -1.800  1.00 12.36  ? 16  LEU A C   1 
ATOM   156 O  O   . LEU A 1 19 ? 8.190   -5.265  -1.946  1.00 13.06  ? 16  LEU A O   1 
ATOM   157 C  CB  . LEU A 1 19 ? 8.239   -2.181  -3.018  1.00 10.93  ? 16  LEU A CB  1 
ATOM   158 C  CG  . LEU A 1 19 ? 7.392   -0.924  -3.104  1.00 11.27  ? 16  LEU A CG  1 
ATOM   159 C  CD1 . LEU A 1 19 ? 7.617   -0.247  -4.449  1.00 12.01  ? 16  LEU A CD1 1 
ATOM   160 C  CD2 . LEU A 1 19 ? 5.909   -1.232  -2.885  1.00 12.00  ? 16  LEU A CD2 1 
ATOM   161 N  N   . ARG A 1 20 ? 10.213  -4.284  -1.783  1.00 13.46  ? 17  ARG A N   1 
ATOM   162 C  CA  . ARG A 1 20 ? 10.912  -5.559  -1.895  1.00 14.63  ? 17  ARG A CA  1 
ATOM   163 C  C   . ARG A 1 20 ? 10.595  -6.460  -0.704  1.00 13.99  ? 17  ARG A C   1 
ATOM   164 O  O   . ARG A 1 20 ? 10.433  -7.667  -0.868  1.00 16.93  ? 17  ARG A O   1 
ATOM   165 C  CB  . ARG A 1 20 ? 12.414  -5.323  -2.036  1.00 15.74  ? 17  ARG A CB  1 
ATOM   166 C  CG  . ARG A 1 20 ? 12.795  -4.742  -3.393  1.00 17.37  ? 17  ARG A CG  1 
ATOM   167 C  CD  . ARG A 1 20 ? 14.296  -4.563  -3.535  1.00 23.48  ? 17  ARG A CD  1 
ATOM   168 N  NE  . ARG A 1 20 ? 14.661  -4.238  -4.910  1.00 29.45  ? 17  ARG A NE  1 
ATOM   169 C  CZ  . ARG A 1 20 ? 15.807  -3.663  -5.266  1.00 34.39  ? 17  ARG A CZ  1 
ATOM   170 N  NH1 . ARG A 1 20 ? 16.706  -3.336  -4.343  1.00 35.80  ? 17  ARG A NH1 1 
ATOM   171 N  NH2 . ARG A 1 20 ? 16.051  -3.409  -6.545  1.00 36.42  ? 17  ARG A NH2 1 
ATOM   172 N  N   . ASP A 1 21 ? 10.509  -5.875  0.490   1.00 13.80  ? 18  ASP A N   1 
ATOM   173 C  CA  . ASP A 1 21 ? 10.092  -6.618  1.686   1.00 16.12  ? 18  ASP A CA  1 
ATOM   174 C  C   . ASP A 1 21 ? 8.685   -7.201  1.533   1.00 16.33  ? 18  ASP A C   1 
ATOM   175 O  O   . ASP A 1 21 ? 8.455   -8.364  1.849   1.00 16.84  ? 18  ASP A O   1 
ATOM   176 C  CB  . ASP A 1 21 ? 10.118  -5.723  2.932   1.00 18.79  ? 18  ASP A CB  1 
ATOM   177 C  CG  . ASP A 1 21 ? 11.524  -5.392  3.403   1.00 24.82  ? 18  ASP A CG  1 
ATOM   178 O  OD1 . ASP A 1 21 ? 12.497  -5.993  2.905   1.00 25.82  ? 18  ASP A OD1 1 
ATOM   179 O  OD2 . ASP A 1 21 ? 11.650  -4.520  4.292   1.00 26.88  ? 18  ASP A OD2 1 
ATOM   180 N  N   . LEU A 1 22 ? 7.747   -6.383  1.061   1.00 14.43  ? 19  LEU A N   1 
ATOM   181 C  CA  . LEU A 1 22 ? 6.370   -6.832  0.849   1.00 14.56  ? 19  LEU A CA  1 
ATOM   182 C  C   . LEU A 1 22 ? 6.303   -7.978  -0.151  1.00 17.00  ? 19  LEU A C   1 
ATOM   183 O  O   . LEU A 1 22 ? 5.617   -8.975  0.072   1.00 16.21  ? 19  LEU A O   1 
ATOM   184 C  CB  . LEU A 1 22 ? 5.505   -5.676  0.344   1.00 15.10  ? 19  LEU A CB  1 
ATOM   185 C  CG  . LEU A 1 22 ? 5.218   -4.557  1.333   1.00 12.89  ? 19  LEU A CG  1 
ATOM   186 C  CD1 . LEU A 1 22 ? 4.478   -3.439  0.625   1.00 12.70  ? 19  LEU A CD1 1 
ATOM   187 C  CD2 . LEU A 1 22 ? 4.383   -5.077  2.503   1.00 14.50  ? 19  LEU A CD2 1 
ATOM   188 N  N   . ASN A 1 23 ? 7.013   -7.838  -1.264  1.00 16.86  ? 20  ASN A N   1 
ATOM   189 C  CA  . ASN A 1 23 ? 7.022   -8.892  -2.277  1.00 17.31  ? 20  ASN A CA  1 
ATOM   190 C  C   . ASN A 1 23 ? 7.534   -10.223 -1.729  1.00 21.77  ? 20  ASN A C   1 
ATOM   191 O  O   . ASN A 1 23 ? 6.932   -11.286 -1.958  1.00 21.73  ? 20  ASN A O   1 
ATOM   192 C  CB  . ASN A 1 23 ? 7.841   -8.460  -3.498  1.00 19.75  ? 20  ASN A CB  1 
ATOM   193 C  CG  . ASN A 1 23 ? 7.082   -7.512  -4.400  1.00 17.70  ? 20  ASN A CG  1 
ATOM   194 O  OD1 . ASN A 1 23 ? 5.883   -7.309  -4.231  1.00 21.83  ? 20  ASN A OD1 1 
ATOM   195 N  ND2 . ASN A 1 23 ? 7.778   -6.930  -5.370  1.00 20.53  ? 20  ASN A ND2 1 
ATOM   196 N  N   . LYS A 1 24 ? 8.638   -10.166 -0.993  1.00 21.78  ? 21  LYS A N   1 
ATOM   197 C  CA  . LYS A 1 24 ? 9.242   -11.381 -0.460  1.00 24.88  ? 21  LYS A CA  1 
ATOM   198 C  C   . LYS A 1 24 ? 8.374   -12.035 0.604   1.00 22.82  ? 21  LYS A C   1 
ATOM   199 O  O   . LYS A 1 24 ? 8.279   -13.259 0.667   1.00 25.69  ? 21  LYS A O   1 
ATOM   200 C  CB  . LYS A 1 24 ? 10.635  -11.095 0.106   1.00 29.81  ? 21  LYS A CB  1 
ATOM   201 C  CG  . LYS A 1 24 ? 11.214  -12.270 0.887   1.00 35.74  ? 21  LYS A CG  1 
ATOM   202 C  CD  . LYS A 1 24 ? 12.731  -12.319 0.819   1.00 39.57  ? 21  LYS A CD  1 
ATOM   203 C  CE  . LYS A 1 24 ? 13.258  -13.608 1.452   1.00 41.96  ? 21  LYS A CE  1 
ATOM   204 N  NZ  . LYS A 1 24 ? 14.714  -13.814 1.204   1.00 44.51  ? 21  LYS A NZ  1 
HETATM 205 N  N   . MSE A 1 25 ? 7.737   -11.224 1.442   1.00 21.76  ? 22  MSE A N   1 
HETATM 206 C  CA  A MSE A 1 25 ? 6.964   -11.791 2.533   0.50 21.11  ? 22  MSE A CA  1 
HETATM 207 C  CA  B MSE A 1 25 ? 6.941   -11.728 2.567   0.50 21.84  ? 22  MSE A CA  1 
HETATM 208 C  C   . MSE A 1 25 ? 5.606   -12.325 2.114   1.00 22.74  ? 22  MSE A C   1 
HETATM 209 O  O   . MSE A 1 25 ? 5.193   -13.396 2.573   1.00 23.79  ? 22  MSE A O   1 
HETATM 210 C  CB  A MSE A 1 25 ? 6.822   -10.776 3.650   0.50 20.94  ? 22  MSE A CB  1 
HETATM 211 C  CB  B MSE A 1 25 ? 6.698   -10.601 3.592   0.50 23.42  ? 22  MSE A CB  1 
HETATM 212 C  CG  A MSE A 1 25 ? 8.127   -10.521 4.327   0.50 24.04  ? 22  MSE A CG  1 
HETATM 213 C  CG  B MSE A 1 25 ? 6.007   -11.038 4.898   0.50 27.82  ? 22  MSE A CG  1 
HETATM 214 SE SE  A MSE A 1 25 ? 7.955   -9.035  5.518   0.40 31.26  ? 22  MSE A SE  1 
HETATM 215 SE SE  B MSE A 1 25 ? 5.640   -9.598  6.197   0.40 37.24  ? 22  MSE A SE  1 
HETATM 216 C  CE  A MSE A 1 25 ? 6.440   -9.652  6.571   0.50 26.50  ? 22  MSE A CE  1 
HETATM 217 C  CE  B MSE A 1 25 ? 7.220   -8.511  5.868   0.50 40.26  ? 22  MSE A CE  1 
ATOM   218 N  N   . PHE A 1 26 ? 4.922   -11.607 1.234   1.00 22.40  ? 23  PHE A N   1 
ATOM   219 C  CA  . PHE A 1 26 ? 3.555   -11.966 0.857   1.00 23.42  ? 23  PHE A CA  1 
ATOM   220 C  C   . PHE A 1 26 ? 3.392   -12.566 -0.538  1.00 27.50  ? 23  PHE A C   1 
ATOM   221 O  O   . PHE A 1 26 ? 2.272   -12.870 -0.949  1.00 29.29  ? 23  PHE A O   1 
ATOM   222 C  CB  . PHE A 1 26 ? 2.651   -10.734 0.969   1.00 23.25  ? 23  PHE A CB  1 
ATOM   223 C  CG  . PHE A 1 26 ? 2.682   -10.082 2.316   1.00 21.91  ? 23  PHE A CG  1 
ATOM   224 C  CD1 . PHE A 1 26 ? 2.590   -10.842 3.471   1.00 26.17  ? 23  PHE A CD1 1 
ATOM   225 C  CD2 . PHE A 1 26 ? 2.792   -8.713  2.435   1.00 20.38  ? 23  PHE A CD2 1 
ATOM   226 C  CE1 . PHE A 1 26 ? 2.623   -10.244 4.716   1.00 26.48  ? 23  PHE A CE1 1 
ATOM   227 C  CE2 . PHE A 1 26 ? 2.820   -8.110  3.674   1.00 20.61  ? 23  PHE A CE2 1 
ATOM   228 C  CZ  . PHE A 1 26 ? 2.736   -8.876  4.818   1.00 24.17  ? 23  PHE A CZ  1 
ATOM   229 N  N   . ASN A 1 27 ? 4.495   -12.720 -1.265  1.00 27.09  ? 24  ASN A N   1 
ATOM   230 C  CA  A ASN A 1 27 ? 4.443   -13.218 -2.638  0.50 27.75  ? 24  ASN A CA  1 
ATOM   231 C  CA  B ASN A 1 27 ? 4.459   -13.204 -2.645  0.50 28.88  ? 24  ASN A CA  1 
ATOM   232 C  C   . ASN A 1 27 ? 3.652   -12.289 -3.560  1.00 28.06  ? 24  ASN A C   1 
ATOM   233 O  O   . ASN A 1 27 ? 2.958   -12.748 -4.475  1.00 31.03  ? 24  ASN A O   1 
ATOM   234 C  CB  A ASN A 1 27 ? 3.853   -14.632 -2.673  0.50 27.56  ? 24  ASN A CB  1 
ATOM   235 C  CB  B ASN A 1 27 ? 3.930   -14.638 -2.715  0.50 30.82  ? 24  ASN A CB  1 
ATOM   236 C  CG  A ASN A 1 27 ? 3.939   -15.265 -4.045  0.50 28.55  ? 24  ASN A CG  1 
ATOM   237 C  CG  B ASN A 1 27 ? 4.910   -15.643 -2.147  0.50 33.35  ? 24  ASN A CG  1 
ATOM   238 O  OD1 A ASN A 1 27 ? 4.837   -14.960 -4.828  0.50 30.69  ? 24  ASN A OD1 1 
ATOM   239 O  OD1 B ASN A 1 27 ? 6.067   -15.316 -1.884  0.50 34.95  ? 24  ASN A OD1 1 
ATOM   240 N  ND2 A ASN A 1 27 ? 3.002   -16.155 -4.341  0.50 28.22  ? 24  ASN A ND2 1 
ATOM   241 N  ND2 B ASN A 1 27 ? 4.454   -16.876 -1.961  0.50 35.36  ? 24  ASN A ND2 1 
ATOM   242 N  N   . TRP A 1 28 ? 3.749   -10.985 -3.308  1.00 24.46  ? 25  TRP A N   1 
ATOM   243 C  CA  . TRP A 1 28 ? 3.092   -9.995  -4.149  1.00 21.06  ? 25  TRP A CA  1 
ATOM   244 C  C   . TRP A 1 28 ? 4.003   -9.664  -5.313  1.00 22.48  ? 25  TRP A C   1 
ATOM   245 O  O   . TRP A 1 28 ? 5.167   -10.081 -5.351  1.00 24.55  ? 25  TRP A O   1 
ATOM   246 C  CB  . TRP A 1 28 ? 2.750   -8.730  -3.363  1.00 20.42  ? 25  TRP A CB  1 
ATOM   247 C  CG  . TRP A 1 28 ? 1.671   -8.909  -2.316  1.00 18.81  ? 25  TRP A CG  1 
ATOM   248 C  CD1 . TRP A 1 28 ? 0.829   -9.978  -2.168  1.00 21.74  ? 25  TRP A CD1 1 
ATOM   249 C  CD2 . TRP A 1 28 ? 1.324   -7.980  -1.283  1.00 20.34  ? 25  TRP A CD2 1 
ATOM   250 N  NE1 . TRP A 1 28 ? -0.019  -9.766  -1.104  1.00 22.47  ? 25  TRP A NE1 1 
ATOM   251 C  CE2 . TRP A 1 28 ? 0.263   -8.545  -0.546  1.00 21.65  ? 25  TRP A CE2 1 
ATOM   252 C  CE3 . TRP A 1 28 ? 1.798   -6.717  -0.919  1.00 21.29  ? 25  TRP A CE3 1 
ATOM   253 C  CZ2 . TRP A 1 28 ? -0.318  -7.897  0.543   1.00 23.90  ? 25  TRP A CZ2 1 
ATOM   254 C  CZ3 . TRP A 1 28 ? 1.223   -6.076  0.163   1.00 23.98  ? 25  TRP A CZ3 1 
ATOM   255 C  CH2 . TRP A 1 28 ? 0.179   -6.667  0.883   1.00 24.41  ? 25  TRP A CH2 1 
ATOM   256 N  N   . GLU A 1 29 ? 3.493   -8.898  -6.269  1.00 20.69  ? 26  GLU A N   1 
ATOM   257 C  CA  . GLU A 1 29 ? 4.304   -8.593  -7.434  1.00 22.83  ? 26  GLU A CA  1 
ATOM   258 C  C   . GLU A 1 29 ? 4.285   -7.110  -7.724  1.00 21.59  ? 26  GLU A C   1 
ATOM   259 O  O   . GLU A 1 29 ? 4.045   -6.671  -8.846  1.00 25.78  ? 26  GLU A O   1 
ATOM   260 C  CB  . GLU A 1 29 ? 3.855   -9.434  -8.622  1.00 25.11  ? 26  GLU A CB  1 
ATOM   261 C  CG  . GLU A 1 29 ? 4.021   -10.919 -8.334  1.00 28.20  ? 26  GLU A CG  1 
ATOM   262 C  CD  . GLU A 1 29 ? 3.668   -11.796 -9.506  1.00 30.15  ? 26  GLU A CD  1 
ATOM   263 O  OE1 . GLU A 1 29 ? 2.464   -11.950 -9.781  1.00 31.45  ? 26  GLU A OE1 1 
ATOM   264 O  OE2 . GLU A 1 29 ? 4.597   -12.334 -10.146 1.00 33.94  ? 26  GLU A OE2 1 
ATOM   265 N  N   . LEU A 1 30 ? 4.555   -6.342  -6.679  1.00 19.33  ? 27  LEU A N   1 
ATOM   266 C  CA  . LEU A 1 30 ? 4.636   -4.902  -6.801  1.00 17.78  ? 27  LEU A CA  1 
ATOM   267 C  C   . LEU A 1 30 ? 5.862   -4.539  -7.622  1.00 16.40  ? 27  LEU A C   1 
ATOM   268 O  O   . LEU A 1 30 ? 6.912   -5.170  -7.498  1.00 17.89  ? 27  LEU A O   1 
ATOM   269 C  CB  . LEU A 1 30 ? 4.711   -4.266  -5.415  1.00 18.23  ? 27  LEU A CB  1 
ATOM   270 C  CG  . LEU A 1 30 ? 3.544   -4.717  -4.533  1.00 21.21  ? 27  LEU A CG  1 
ATOM   271 C  CD1 . LEU A 1 30 ? 3.593   -4.076  -3.173  1.00 20.95  ? 27  LEU A CD1 1 
ATOM   272 C  CD2 . LEU A 1 30 ? 2.237   -4.393  -5.253  1.00 26.06  ? 27  LEU A CD2 1 
ATOM   273 N  N   . ASP A 1 31 ? 5.703   -3.537  -8.478  1.00 15.18  ? 28  ASP A N   1 
ATOM   274 C  CA  . ASP A 1 31 ? 6.793   -3.046  -9.323  1.00 13.83  ? 28  ASP A CA  1 
ATOM   275 C  C   . ASP A 1 31 ? 7.820   -2.315  -8.467  1.00 14.63  ? 28  ASP A C   1 
ATOM   276 O  O   . ASP A 1 31 ? 7.500   -1.322  -7.824  1.00 15.83  ? 28  ASP A O   1 
ATOM   277 C  CB  . ASP A 1 31 ? 6.209   -2.093  -10.363 1.00 16.54  ? 28  ASP A CB  1 
ATOM   278 C  CG  . ASP A 1 31 ? 7.211   -1.672  -11.426 1.00 20.51  ? 28  ASP A CG  1 
ATOM   279 O  OD1 . ASP A 1 31 ? 8.431   -1.888  -11.267 1.00 21.72  ? 28  ASP A OD1 1 
ATOM   280 O  OD2 . ASP A 1 31 ? 6.754   -1.112  -12.439 1.00 28.46  ? 28  ASP A OD2 1 
ATOM   281 N  N   . THR A 1 32 ? 9.049   -2.812  -8.452  1.00 12.75  ? 29  THR A N   1 
ATOM   282 C  CA  . THR A 1 32 ? 10.090  -2.228  -7.606  1.00 13.84  ? 29  THR A CA  1 
ATOM   283 C  C   . THR A 1 32 ? 11.119  -1.422  -8.390  1.00 14.21  ? 29  THR A C   1 
ATOM   284 O  O   . THR A 1 32 ? 12.113  -0.959  -7.836  1.00 16.83  ? 29  THR A O   1 
ATOM   285 C  CB  . THR A 1 32 ? 10.856  -3.314  -6.833  1.00 16.62  ? 29  THR A CB  1 
ATOM   286 O  OG1 . THR A 1 32 ? 11.497  -4.188  -7.766  1.00 20.78  ? 29  THR A OG1 1 
ATOM   287 C  CG2 . THR A 1 32 ? 9.913   -4.129  -5.962  1.00 17.43  ? 29  THR A CG2 1 
ATOM   288 N  N   . GLU A 1 33 ? 10.881  -1.248  -9.679  1.00 14.58  ? 30  GLU A N   1 
ATOM   289 C  CA  A GLU A 1 33 ? 11.836  -0.573  -10.558 0.50 15.06  ? 30  GLU A CA  1 
ATOM   290 C  CA  B GLU A 1 33 ? 11.879  -0.587  -10.508 0.50 15.46  ? 30  GLU A CA  1 
ATOM   291 C  C   . GLU A 1 33 ? 12.057  0.896   -10.211 1.00 15.28  ? 30  GLU A C   1 
ATOM   292 O  O   . GLU A 1 33 ? 13.183  1.392   -10.229 1.00 17.62  ? 30  GLU A O   1 
ATOM   293 C  CB  A GLU A 1 33 ? 11.362  -0.689  -12.005 0.50 16.71  ? 30  GLU A CB  1 
ATOM   294 C  CB  B GLU A 1 33 ? 11.603  -0.830  -11.988 0.50 17.54  ? 30  GLU A CB  1 
ATOM   295 C  CG  A GLU A 1 33 ? 12.286  -0.080  -13.043 0.50 18.30  ? 30  GLU A CG  1 
ATOM   296 C  CG  B GLU A 1 33 ? 11.672  -2.301  -12.348 0.50 18.15  ? 30  GLU A CG  1 
ATOM   297 C  CD  A GLU A 1 33 ? 11.680  -0.150  -14.431 0.50 23.55  ? 30  GLU A CD  1 
ATOM   298 C  CD  B GLU A 1 33 ? 11.827  -2.533  -13.828 0.50 24.52  ? 30  GLU A CD  1 
ATOM   299 O  OE1 A GLU A 1 33 ? 11.677  0.877   -15.135 0.50 26.32  ? 30  GLU A OE1 1 
ATOM   300 O  OE1 B GLU A 1 33 ? 12.291  -1.610  -14.529 0.50 27.69  ? 30  GLU A OE1 1 
ATOM   301 O  OE2 A GLU A 1 33 ? 11.179  -1.231  -14.806 0.50 27.40  ? 30  GLU A OE2 1 
ATOM   302 O  OE2 B GLU A 1 33 ? 11.490  -3.647  -14.283 0.50 26.77  ? 30  GLU A OE2 1 
ATOM   303 N  N   . ASP A 1 34 ? 10.971  1.600   -9.911  1.00 12.39  ? 31  ASP A N   1 
ATOM   304 C  CA  . ASP A 1 34 ? 11.077  3.056   -9.751  1.00 11.45  ? 31  ASP A CA  1 
ATOM   305 C  C   . ASP A 1 34 ? 10.751  3.577   -8.361  1.00 11.28  ? 31  ASP A C   1 
ATOM   306 O  O   . ASP A 1 34 ? 11.193  4.655   -7.982  1.00 13.34  ? 31  ASP A O   1 
ATOM   307 C  CB  . ASP A 1 34 ? 10.206  3.753   -10.787 1.00 13.17  ? 31  ASP A CB  1 
ATOM   308 C  CG  . ASP A 1 34 ? 10.677  3.487   -12.194 1.00 14.63  ? 31  ASP A CG  1 
ATOM   309 O  OD1 . ASP A 1 34 ? 11.668  4.115   -12.609 1.00 13.94  ? 31  ASP A OD1 1 
ATOM   310 O  OD2 . ASP A 1 34 ? 10.068  2.637   -12.884 1.00 18.89  ? 31  ASP A OD2 1 
ATOM   311 N  N   . ALA A 1 35 ? 9.980   2.807   -7.607  1.00 11.62  ? 32  ALA A N   1 
ATOM   312 C  CA  . ALA A 1 35 ? 9.606   3.190   -6.257  1.00 11.58  ? 32  ALA A CA  1 
ATOM   313 C  C   . ALA A 1 35 ? 10.297  2.291   -5.243  1.00 12.96  ? 32  ALA A C   1 
ATOM   314 O  O   . ALA A 1 35 ? 10.663  1.154   -5.557  1.00 13.96  ? 32  ALA A O   1 
ATOM   315 C  CB  . ALA A 1 35 ? 8.107   3.068   -6.090  1.00 12.30  ? 32  ALA A CB  1 
ATOM   316 N  N   . ARG A 1 36 ? 10.472  2.805   -4.030  1.00 11.84  ? 33  ARG A N   1 
ATOM   317 C  CA  . ARG A 1 36 ? 11.055  2.013   -2.957  1.00 11.68  ? 33  ARG A CA  1 
ATOM   318 C  C   . ARG A 1 36 ? 9.999   1.550   -1.946  1.00 10.72  ? 33  ARG A C   1 
ATOM   319 O  O   . ARG A 1 36 ? 10.098  0.459   -1.392  1.00 11.44  ? 33  ARG A O   1 
ATOM   320 C  CB  . ARG A 1 36 ? 12.121  2.820   -2.221  1.00 12.87  ? 33  ARG A CB  1 
ATOM   321 C  CG  . ARG A 1 36 ? 12.918  1.994   -1.233  1.00 17.16  ? 33  ARG A CG  1 
ATOM   322 C  CD  . ARG A 1 36 ? 13.919  2.850   -0.466  1.00 18.91  ? 33  ARG A CD  1 
ATOM   323 N  NE  . ARG A 1 36 ? 14.593  3.801   -1.335  1.00 18.65  ? 33  ARG A NE  1 
ATOM   324 C  CZ  . ARG A 1 36 ? 15.615  3.485   -2.118  1.00 20.63  ? 33  ARG A CZ  1 
ATOM   325 N  NH1 . ARG A 1 36 ? 16.071  2.241   -2.132  1.00 23.08  ? 33  ARG A NH1 1 
ATOM   326 N  NH2 . ARG A 1 36 ? 16.175  4.411   -2.890  1.00 20.21  ? 33  ARG A NH2 1 
ATOM   327 N  N   . THR A 1 37 ? 9.006   2.396   -1.694  1.00 10.40  ? 34  THR A N   1 
ATOM   328 C  CA  . THR A 1 37 ? 8.003   2.122   -0.659  1.00 10.33  ? 34  THR A CA  1 
ATOM   329 C  C   . THR A 1 37 ? 6.605   2.041   -1.255  1.00 10.82  ? 34  THR A C   1 
ATOM   330 O  O   . THR A 1 37 ? 6.362   2.449   -2.394  1.00 10.55  ? 34  THR A O   1 
ATOM   331 C  CB  . THR A 1 37 ? 7.951   3.260   0.368   1.00 11.23  ? 34  THR A CB  1 
ATOM   332 O  OG1 . THR A 1 37 ? 7.605   4.464   -0.330  1.00 10.87  ? 34  THR A OG1 1 
ATOM   333 C  CG2 . THR A 1 37 ? 9.282   3.432   1.071   1.00 12.39  ? 34  THR A CG2 1 
ATOM   334 N  N   . PHE A 1 38 ? 5.674   1.521   -0.464  1.00 10.38  ? 35  PHE A N   1 
ATOM   335 C  CA  . PHE A 1 38 ? 4.281   1.442   -0.872  1.00 11.80  ? 35  PHE A CA  1 
ATOM   336 C  C   . PHE A 1 38 ? 3.708   2.832   -1.163  1.00 10.24  ? 35  PHE A C   1 
ATOM   337 O  O   . PHE A 1 38 ? 3.027   3.037   -2.171  1.00 12.39  ? 35  PHE A O   1 
ATOM   338 C  CB  . PHE A 1 38 ? 3.481   0.729   0.229   1.00 12.77  ? 35  PHE A CB  1 
ATOM   339 C  CG  . PHE A 1 38 ? 2.149   0.207   -0.223  1.00 17.03  ? 35  PHE A CG  1 
ATOM   340 C  CD1 . PHE A 1 38 ? 2.046   -0.565  -1.369  1.00 18.55  ? 35  PHE A CD1 1 
ATOM   341 C  CD2 . PHE A 1 38 ? 1.012   0.455   0.512   1.00 24.04  ? 35  PHE A CD2 1 
ATOM   342 C  CE1 . PHE A 1 38 ? 0.834   -1.048  -1.792  1.00 24.55  ? 35  PHE A CE1 1 
ATOM   343 C  CE2 . PHE A 1 38 ? -0.211  -0.038  0.096   1.00 26.45  ? 35  PHE A CE2 1 
ATOM   344 C  CZ  . PHE A 1 38 ? -0.293  -0.793  -1.061  1.00 25.33  ? 35  PHE A CZ  1 
ATOM   345 N  N   . ASN A 1 39 ? 4.001   3.785   -0.285  1.00 10.91  ? 36  ASN A N   1 
ATOM   346 C  CA  . ASN A 1 39 ? 3.667   5.183   -0.525  1.00 11.17  ? 36  ASN A CA  1 
ATOM   347 C  C   . ASN A 1 39 ? 4.203   5.646   -1.881  1.00 12.27  ? 36  ASN A C   1 
ATOM   348 O  O   . ASN A 1 39 ? 3.475   6.225   -2.677  1.00 13.43  ? 36  ASN A O   1 
ATOM   349 C  CB  . ASN A 1 39 ? 4.220   6.059   0.605   1.00 10.93  ? 36  ASN A CB  1 
ATOM   350 C  CG  . ASN A 1 39 ? 4.082   7.541   0.315   1.00 12.97  ? 36  ASN A CG  1 
ATOM   351 O  OD1 . ASN A 1 39 ? 2.972   8.049   0.124   1.00 12.58  ? 36  ASN A OD1 1 
ATOM   352 N  ND2 . ASN A 1 39 ? 5.217   8.242   0.259   1.00 13.86  ? 36  ASN A ND2 1 
ATOM   353 N  N   . GLY A 1 40 ? 5.485   5.403   -2.144  1.00 10.62  ? 37  GLY A N   1 
ATOM   354 C  CA  . GLY A 1 40 ? 6.067   5.832   -3.412  1.00 10.80  ? 37  GLY A CA  1 
ATOM   355 C  C   . GLY A 1 40 ? 5.362   5.217   -4.621  1.00 11.34  ? 37  GLY A C   1 
ATOM   356 O  O   . GLY A 1 40 ? 5.088   5.884   -5.620  1.00 13.84  ? 37  GLY A O   1 
ATOM   357 N  N   . LEU A 1 41 ? 5.067   3.931   -4.543  1.00 11.34  ? 38  LEU A N   1 
ATOM   358 C  CA  . LEU A 1 41 ? 4.377   3.249   -5.641  1.00 12.51  ? 38  LEU A CA  1 
ATOM   359 C  C   . LEU A 1 41 ? 3.010   3.881   -5.914  1.00 13.34  ? 38  LEU A C   1 
ATOM   360 O  O   . LEU A 1 41 ? 2.634   4.111   -7.065  1.00 15.03  ? 38  LEU A O   1 
ATOM   361 C  CB  . LEU A 1 41 ? 4.200   1.770   -5.297  1.00 13.49  ? 38  LEU A CB  1 
ATOM   362 C  CG  . LEU A 1 41 ? 3.536   0.886   -6.344  1.00 15.58  ? 38  LEU A CG  1 
ATOM   363 C  CD1 . LEU A 1 41 ? 4.469   0.749   -7.527  1.00 17.91  ? 38  LEU A CD1 1 
ATOM   364 C  CD2 . LEU A 1 41 ? 3.169   -0.469  -5.749  1.00 19.25  ? 38  LEU A CD2 1 
ATOM   365 N  N   . ILE A 1 42 ? 2.253   4.150   -4.857  1.00 13.33  ? 39  ILE A N   1 
ATOM   366 C  CA  A ILE A 1 42 ? 0.940   4.754   -5.028  0.50 13.80  ? 39  ILE A CA  1 
ATOM   367 C  CA  B ILE A 1 42 ? 0.941   4.769   -4.999  0.50 15.55  ? 39  ILE A CA  1 
ATOM   368 C  C   . ILE A 1 42 ? 1.062   6.169   -5.596  1.00 15.68  ? 39  ILE A C   1 
ATOM   369 O  O   . ILE A 1 42 ? 0.349   6.532   -6.545  1.00 17.38  ? 39  ILE A O   1 
ATOM   370 C  CB  A ILE A 1 42 ? 0.136   4.754   -3.709  0.50 12.52  ? 39  ILE A CB  1 
ATOM   371 C  CB  B ILE A 1 42 ? 0.221   4.852   -3.640  0.50 17.97  ? 39  ILE A CB  1 
ATOM   372 C  CG1 A ILE A 1 42 ? -0.140  3.314   -3.255  0.50 11.18  ? 39  ILE A CG1 1 
ATOM   373 C  CG1 B ILE A 1 42 ? 0.002   3.453   -3.065  0.50 22.50  ? 39  ILE A CG1 1 
ATOM   374 C  CG2 A ILE A 1 42 ? -1.181  5.507   -3.881  0.50 16.56  ? 39  ILE A CG2 1 
ATOM   375 C  CG2 B ILE A 1 42 ? -1.114  5.569   -3.778  0.50 19.63  ? 39  ILE A CG2 1 
ATOM   376 C  CD1 A ILE A 1 42 ? -0.617  3.206   -1.801  0.50 10.25  ? 39  ILE A CD1 1 
ATOM   377 C  CD1 B ILE A 1 42 ? -1.050  2.661   -3.791  0.50 23.83  ? 39  ILE A CD1 1 
ATOM   378 N  N   . LEU A 1 43 ? 1.971   6.967   -5.045  1.00 15.75  ? 40  LEU A N   1 
ATOM   379 C  CA  . LEU A 1 43 ? 2.131   8.341   -5.522  1.00 17.20  ? 40  LEU A CA  1 
ATOM   380 C  C   . LEU A 1 43 ? 2.577   8.398   -6.976  1.00 18.58  ? 40  LEU A C   1 
ATOM   381 O  O   . LEU A 1 43 ? 2.148   9.276   -7.726  1.00 22.65  ? 40  LEU A O   1 
ATOM   382 C  CB  . LEU A 1 43 ? 3.113   9.115   -4.645  1.00 16.08  ? 40  LEU A CB  1 
ATOM   383 C  CG  . LEU A 1 43 ? 2.672   9.411   -3.215  1.00 20.20  ? 40  LEU A CG  1 
ATOM   384 C  CD1 . LEU A 1 43 ? 3.804   10.094  -2.449  1.00 23.04  ? 40  LEU A CD1 1 
ATOM   385 C  CD2 . LEU A 1 43 ? 1.421   10.261  -3.217  1.00 21.42  ? 40  LEU A CD2 1 
ATOM   386 N  N   . GLU A 1 44 ? 3.422   7.459   -7.393  1.00 18.09  ? 41  GLU A N   1 
ATOM   387 C  CA  . GLU A 1 44 ? 3.922   7.483   -8.769  1.00 20.06  ? 41  GLU A CA  1 
ATOM   388 C  C   . GLU A 1 44 ? 2.810   7.192   -9.756  1.00 22.04  ? 41  GLU A C   1 
ATOM   389 O  O   . GLU A 1 44 ? 2.878   7.592   -10.918 1.00 24.07  ? 41  GLU A O   1 
ATOM   390 C  CB  . GLU A 1 44 ? 5.080   6.501   -8.959  1.00 23.75  ? 41  GLU A CB  1 
ATOM   391 C  CG  . GLU A 1 44 ? 6.327   6.935   -8.225  1.00 28.28  ? 41  GLU A CG  1 
ATOM   392 C  CD  . GLU A 1 44 ? 7.503   6.004   -8.416  1.00 31.25  ? 41  GLU A CD  1 
ATOM   393 O  OE1 . GLU A 1 44 ? 7.455   5.156   -9.331  1.00 33.92  ? 41  GLU A OE1 1 
ATOM   394 O  OE2 . GLU A 1 44 ? 8.480   6.129   -7.644  1.00 32.41  ? 41  GLU A OE2 1 
ATOM   395 N  N   . HIS A 1 45 ? 1.776   6.504   -9.291  1.00 26.98  ? 42  HIS A N   1 
ATOM   396 C  CA  . HIS A 1 45 ? 0.683   6.107   -10.173 1.00 32.29  ? 42  HIS A CA  1 
ATOM   397 C  C   . HIS A 1 45 ? -0.449  7.123   -10.222 1.00 35.18  ? 42  HIS A C   1 
ATOM   398 O  O   . HIS A 1 45 ? -1.149  7.228   -11.227 1.00 37.87  ? 42  HIS A O   1 
ATOM   399 C  CB  . HIS A 1 45 ? 0.141   4.734   -9.777  1.00 34.10  ? 42  HIS A CB  1 
ATOM   400 C  CG  . HIS A 1 45 ? 1.022   3.598   -10.194 1.00 37.88  ? 42  HIS A CG  1 
ATOM   401 N  ND1 . HIS A 1 45 ? 2.258   3.369   -9.629  1.00 39.76  ? 42  HIS A ND1 1 
ATOM   402 C  CD2 . HIS A 1 45 ? 0.846   2.625   -11.118 1.00 39.47  ? 42  HIS A CD2 1 
ATOM   403 C  CE1 . HIS A 1 45 ? 2.806   2.303   -10.186 1.00 40.49  ? 42  HIS A CE1 1 
ATOM   404 N  NE2 . HIS A 1 45 ? 1.969   1.833   -11.094 1.00 39.92  ? 42  HIS A NE2 1 
ATOM   405 N  N   . LEU A 1 46 ? -0.621  7.879   -9.145  1.00 36.96  ? 43  LEU A N   1 
ATOM   406 C  CA  A LEU A 1 46 ? -1.719  8.832   -9.082  0.50 38.67  ? 43  LEU A CA  1 
ATOM   407 C  CA  B LEU A 1 46 ? -1.714  8.844   -9.045  0.50 38.94  ? 43  LEU A CA  1 
ATOM   408 C  C   . LEU A 1 46 ? -1.315  10.232  -9.531  1.00 41.43  ? 43  LEU A C   1 
ATOM   409 O  O   . LEU A 1 46 ? -0.207  10.695  -9.264  1.00 43.39  ? 43  LEU A O   1 
ATOM   410 C  CB  A LEU A 1 46 ? -2.333  8.856   -7.682  0.50 38.89  ? 43  LEU A CB  1 
ATOM   411 C  CB  B LEU A 1 46 ? -2.202  8.932   -7.600  0.50 40.07  ? 43  LEU A CB  1 
ATOM   412 C  CG  A LEU A 1 46 ? -3.017  7.537   -7.318  0.50 36.51  ? 43  LEU A CG  1 
ATOM   413 C  CG  B LEU A 1 46 ? -2.967  7.717   -7.077  0.50 40.18  ? 43  LEU A CG  1 
ATOM   414 C  CD1 A LEU A 1 46 ? -3.883  7.713   -6.091  0.50 34.31  ? 43  LEU A CD1 1 
ATOM   415 C  CD1 B LEU A 1 46 ? -2.858  7.648   -5.577  0.50 39.11  ? 43  LEU A CD1 1 
ATOM   416 C  CD2 A LEU A 1 46 ? -3.849  7.034   -8.490  0.50 35.43  ? 43  LEU A CD2 1 
ATOM   417 C  CD2 B LEU A 1 46 ? -4.424  7.769   -7.512  0.50 41.47  ? 43  LEU A CD2 1 
ATOM   418 N  N   . GLU A 1 47 ? -2.227  10.897  -10.233 1.00 46.05  ? 44  GLU A N   1 
ATOM   419 C  CA  . GLU A 1 47 ? -1.983  12.253  -10.704 1.00 50.76  ? 44  GLU A CA  1 
ATOM   420 C  C   . GLU A 1 47 ? -2.641  13.260  -9.763  1.00 54.86  ? 44  GLU A C   1 
ATOM   421 O  O   . GLU A 1 47 ? -3.197  14.275  -10.196 1.00 58.01  ? 44  GLU A O   1 
ATOM   422 C  CB  . GLU A 1 47 ? -2.481  12.429  -12.140 1.00 52.65  ? 44  GLU A CB  1 
ATOM   423 C  CG  . GLU A 1 47 ? -3.921  12.001  -12.358 1.00 55.63  ? 44  GLU A CG  1 
ATOM   424 C  CD  . GLU A 1 47 ? -4.378  12.233  -13.784 1.00 59.10  ? 44  GLU A CD  1 
ATOM   425 O  OE1 . GLU A 1 47 ? -3.555  12.704  -14.602 1.00 60.35  ? 44  GLU A OE1 1 
ATOM   426 O  OE2 . GLU A 1 47 ? -5.555  11.944  -14.086 1.00 60.15  ? 44  GLU A OE2 1 
ATOM   427 N  N   . GLU A 1 48 ? -2.567  12.953  -8.470  1.00 53.80  ? 45  GLU A N   1 
ATOM   428 C  CA  . GLU A 1 48 ? -3.072  13.806  -7.401  1.00 54.77  ? 45  GLU A CA  1 
ATOM   429 C  C   . GLU A 1 48 ? -2.966  13.038  -6.085  1.00 53.35  ? 45  GLU A C   1 
ATOM   430 O  O   . GLU A 1 48 ? -3.269  11.850  -6.038  1.00 53.87  ? 45  GLU A O   1 
ATOM   431 C  CB  . GLU A 1 48 ? -4.519  14.241  -7.671  1.00 56.62  ? 45  GLU A CB  1 
ATOM   432 C  CG  . GLU A 1 48 ? -5.433  13.148  -8.227  1.00 59.14  ? 45  GLU A CG  1 
ATOM   433 C  CD  . GLU A 1 48 ? -5.984  12.234  -7.150  1.00 60.66  ? 45  GLU A CD  1 
ATOM   434 O  OE1 . GLU A 1 48 ? -5.663  11.026  -7.173  1.00 60.10  ? 45  GLU A OE1 1 
ATOM   435 O  OE2 . GLU A 1 48 ? -6.740  12.725  -6.284  1.00 62.60  ? 45  GLU A OE2 1 
ATOM   436 N  N   . ILE A 1 49 ? -2.504  13.703  -5.028  1.00 53.17  ? 46  ILE A N   1 
ATOM   437 C  CA  . ILE A 1 49 ? -2.444  13.070  -3.712  1.00 50.22  ? 46  ILE A CA  1 
ATOM   438 C  C   . ILE A 1 49 ? -3.844  12.609  -3.325  1.00 45.11  ? 46  ILE A C   1 
ATOM   439 O  O   . ILE A 1 49 ? -4.756  13.420  -3.181  1.00 43.88  ? 46  ILE A O   1 
ATOM   440 C  CB  . ILE A 1 49 ? -1.874  14.015  -2.638  1.00 50.90  ? 46  ILE A CB  1 
ATOM   441 C  CG1 . ILE A 1 49 ? -2.061  13.410  -1.244  1.00 49.72  ? 46  ILE A CG1 1 
ATOM   442 C  CG2 . ILE A 1 49 ? -2.534  15.385  -2.726  1.00 51.99  ? 46  ILE A CG2 1 
ATOM   443 C  CD1 . ILE A 1 49 ? -1.306  12.124  -1.025  1.00 48.18  ? 46  ILE A CD1 1 
ATOM   444 N  N   . PRO A 1 50 ? -4.022  11.293  -3.175  1.00 44.19  ? 47  PRO A N   1 
ATOM   445 C  CA  . PRO A 1 50 ? -5.369  10.722  -3.089  1.00 39.88  ? 47  PRO A CA  1 
ATOM   446 C  C   . PRO A 1 50 ? -6.034  10.953  -1.746  1.00 35.34  ? 47  PRO A C   1 
ATOM   447 O  O   . PRO A 1 50 ? -5.369  10.970  -0.714  1.00 37.36  ? 47  PRO A O   1 
ATOM   448 C  CB  . PRO A 1 50 ? -5.124  9.233   -3.292  1.00 39.37  ? 47  PRO A CB  1 
ATOM   449 C  CG  . PRO A 1 50 ? -3.724  9.028   -2.809  1.00 42.76  ? 47  PRO A CG  1 
ATOM   450 C  CD  . PRO A 1 50 ? -2.971  10.265  -3.132  1.00 43.85  ? 47  PRO A CD  1 
ATOM   451 N  N   . ASP A 1 51 ? -7.348  11.126  -1.768  1.00 32.83  ? 48  ASP A N   1 
ATOM   452 C  CA  . ASP A 1 51 ? -8.097  11.279  -0.540  1.00 25.23  ? 48  ASP A CA  1 
ATOM   453 C  C   . ASP A 1 51 ? -8.179  9.948   0.179   1.00 17.87  ? 48  ASP A C   1 
ATOM   454 O  O   . ASP A 1 51 ? -8.129  8.882   -0.432  1.00 17.41  ? 48  ASP A O   1 
ATOM   455 C  CB  . ASP A 1 51 ? -9.523  11.755  -0.825  1.00 30.21  ? 48  ASP A CB  1 
ATOM   456 C  CG  . ASP A 1 51 ? -9.570  13.131  -1.437  1.00 37.41  ? 48  ASP A CG  1 
ATOM   457 O  OD1 . ASP A 1 51 ? -8.536  13.835  -1.420  1.00 38.49  ? 48  ASP A OD1 1 
ATOM   458 O  OD2 . ASP A 1 51 ? -10.651 13.509  -1.934  1.00 41.38  ? 48  ASP A OD2 1 
ATOM   459 N  N   . GLU A 1 52 ? -8.310  10.019  1.491   1.00 15.67  ? 49  GLU A N   1 
ATOM   460 C  CA  . GLU A 1 52 ? -8.735  8.858   2.235   1.00 12.68  ? 49  GLU A CA  1 
ATOM   461 C  C   . GLU A 1 52 ? -10.053 8.356   1.659   1.00 12.32  ? 49  GLU A C   1 
ATOM   462 O  O   . GLU A 1 52 ? -10.901 9.150   1.235   1.00 17.51  ? 49  GLU A O   1 
ATOM   463 C  CB  . GLU A 1 52 ? -8.886  9.223   3.705   1.00 12.53  ? 49  GLU A CB  1 
ATOM   464 C  CG  . GLU A 1 52 ? -7.547  9.605   4.309   1.00 11.32  ? 49  GLU A CG  1 
ATOM   465 C  CD  . GLU A 1 52 ? -7.650  10.151  5.718   1.00 13.00  ? 49  GLU A CD  1 
ATOM   466 O  OE1 . GLU A 1 52 ? -8.778  10.282  6.257   1.00 13.49  ? 49  GLU A OE1 1 
ATOM   467 O  OE2 . GLU A 1 52 ? -6.591  10.439  6.303   1.00 12.70  ? 49  GLU A OE2 1 
ATOM   468 N  N   . GLY A 1 53 ? -10.215 7.040   1.648   1.00 12.81  ? 50  GLY A N   1 
ATOM   469 C  CA  . GLY A 1 53 ? -11.411 6.422   1.112   1.00 13.49  ? 50  GLY A CA  1 
ATOM   470 C  C   . GLY A 1 53 ? -11.295 6.018   -0.344  1.00 15.44  ? 50  GLY A C   1 
ATOM   471 O  O   . GLY A 1 53 ? -12.149 5.292   -0.859  1.00 18.36  ? 50  GLY A O   1 
ATOM   472 N  N   . THR A 1 54 ? -10.265 6.500   -1.028  1.00 15.10  ? 51  THR A N   1 
ATOM   473 C  CA  A THR A 1 54 ? -10.015 6.126   -2.422  0.50 15.25  ? 51  THR A CA  1 
ATOM   474 C  CA  B THR A 1 54 ? -10.105 6.111   -2.419  0.50 16.30  ? 51  THR A CA  1 
ATOM   475 C  C   . THR A 1 54 ? -9.715  4.638   -2.545  1.00 15.53  ? 51  THR A C   1 
ATOM   476 O  O   . THR A 1 54 ? -8.912  4.114   -1.778  1.00 15.19  ? 51  THR A O   1 
ATOM   477 C  CB  A THR A 1 54 ? -8.796  6.882   -3.003  0.50 15.68  ? 51  THR A CB  1 
ATOM   478 C  CB  B THR A 1 54 ? -9.131  7.028   -3.186  0.50 19.67  ? 51  THR A CB  1 
ATOM   479 O  OG1 A THR A 1 54 ? -9.026  8.294   -2.944  0.50 16.38  ? 51  THR A OG1 1 
ATOM   480 O  OG1 B THR A 1 54 ? -7.901  7.135   -2.468  0.50 22.62  ? 51  THR A OG1 1 
ATOM   481 C  CG2 A THR A 1 54 ? -8.530  6.457   -4.457  0.50 15.31  ? 51  THR A CG2 1 
ATOM   482 C  CG2 B THR A 1 54 ? -9.731  8.411   -3.340  0.50 20.29  ? 51  THR A CG2 1 
ATOM   483 N  N   . ILE A 1 55 ? -10.336 3.972   -3.515  1.00 17.22  ? 52  ILE A N   1 
ATOM   484 C  CA  . ILE A 1 55 ? -10.083 2.572   -3.807  1.00 18.19  ? 52  ILE A CA  1 
ATOM   485 C  C   . ILE A 1 55 ? -9.482  2.516   -5.193  1.00 19.83  ? 52  ILE A C   1 
ATOM   486 O  O   . ILE A 1 55 ? -10.021 3.095   -6.145  1.00 21.45  ? 52  ILE A O   1 
ATOM   487 C  CB  . ILE A 1 55 ? -11.380 1.742   -3.770  1.00 18.81  ? 52  ILE A CB  1 
ATOM   488 C  CG1 . ILE A 1 55 ? -11.955 1.720   -2.355  1.00 20.03  ? 52  ILE A CG1 1 
ATOM   489 C  CG2 . ILE A 1 55 ? -11.134 0.316   -4.264  1.00 21.93  ? 52  ILE A CG2 1 
ATOM   490 C  CD1 . ILE A 1 55 ? -13.371 1.173   -2.293  1.00 23.49  ? 52  ILE A CD1 1 
ATOM   491 N  N   . CYS A 1 56 ? -8.358  1.828   -5.312  1.00 18.88  ? 53  CYS A N   1 
ATOM   492 C  CA  A CYS A 1 56 ? -7.622  1.745   -6.566  0.50 22.26  ? 53  CYS A CA  1 
ATOM   493 C  CA  B CYS A 1 56 ? -7.737  1.691   -6.612  0.50 19.71  ? 53  CYS A CA  1 
ATOM   494 C  C   . CYS A 1 56 ? -7.048  0.349   -6.736  1.00 18.19  ? 53  CYS A C   1 
ATOM   495 O  O   . CYS A 1 56 ? -6.882  -0.377  -5.759  1.00 17.45  ? 53  CYS A O   1 
ATOM   496 C  CB  A CYS A 1 56 ? -6.469  2.754   -6.576  0.50 30.74  ? 53  CYS A CB  1 
ATOM   497 C  CB  B CYS A 1 56 ? -6.746  2.825   -6.863  0.50 24.21  ? 53  CYS A CB  1 
ATOM   498 S  SG  A CYS A 1 56 ? -6.934  4.480   -6.862  0.50 37.40  ? 53  CYS A SG  1 
ATOM   499 S  SG  B CYS A 1 56 ? -5.234  2.701   -5.901  0.50 25.07  ? 53  CYS A SG  1 
ATOM   500 N  N   . GLU A 1 57 ? -6.708  0.000   -7.965  1.00 16.79  ? 54  GLU A N   1 
ATOM   501 C  CA  A GLU A 1 57 ? -6.045  -1.261  -8.251  0.50 15.14  ? 54  GLU A CA  1 
ATOM   502 C  CA  B GLU A 1 57 ? -6.008  -1.246  -8.215  0.50 14.08  ? 54  GLU A CA  1 
ATOM   503 C  C   . GLU A 1 57 ? -4.631  -0.976  -8.763  1.00 16.83  ? 54  GLU A C   1 
ATOM   504 O  O   . GLU A 1 57 ? -4.458  -0.180  -9.687  1.00 19.86  ? 54  GLU A O   1 
ATOM   505 C  CB  A GLU A 1 57 ? -6.850  -2.064  -9.289  0.50 17.61  ? 54  GLU A CB  1 
ATOM   506 C  CB  B GLU A 1 57 ? -6.782  -2.103  -9.202  0.50 15.61  ? 54  GLU A CB  1 
ATOM   507 C  CG  A GLU A 1 57 ? -8.174  -2.656  -8.761  0.50 21.61  ? 54  GLU A CG  1 
ATOM   508 C  CG  B GLU A 1 57 ? -8.157  -2.431  -8.713  0.50 16.65  ? 54  GLU A CG  1 
ATOM   509 C  CD  A GLU A 1 57 ? -9.415  -1.826  -9.106  0.50 24.24  ? 54  GLU A CD  1 
ATOM   510 C  CD  B GLU A 1 57 ? -8.880  -3.309  -9.675  0.50 13.34  ? 54  GLU A CD  1 
ATOM   511 O  OE1 A GLU A 1 57 ? -9.511  -1.319  -10.244 0.50 25.52  ? 54  GLU A OE1 1 
ATOM   512 O  OE1 B GLU A 1 57 ? -8.531  -3.281  -10.874 0.50 15.75  ? 54  GLU A OE1 1 
ATOM   513 O  OE2 A GLU A 1 57 ? -10.316 -1.698  -8.242  0.50 26.31  ? 54  GLU A OE2 1 
ATOM   514 O  OE2 B GLU A 1 57 ? -9.787  -4.029  -9.235  0.50 13.37  ? 54  GLU A OE2 1 
ATOM   515 N  N   . ILE A 1 58 ? -3.639  -1.628  -8.164  1.00 15.80  ? 55  ILE A N   1 
ATOM   516 C  CA  . ILE A 1 58 ? -2.253  -1.499  -8.607  1.00 17.07  ? 55  ILE A CA  1 
ATOM   517 C  C   . ILE A 1 58 ? -1.548  -2.835  -8.475  1.00 15.65  ? 55  ILE A C   1 
ATOM   518 O  O   . ILE A 1 58 ? -1.528  -3.425  -7.390  1.00 15.72  ? 55  ILE A O   1 
ATOM   519 C  CB  . ILE A 1 58 ? -1.456  -0.469  -7.769  1.00 20.07  ? 55  ILE A CB  1 
ATOM   520 C  CG1 . ILE A 1 58 ? -2.090  0.921   -7.837  1.00 23.20  ? 55  ILE A CG1 1 
ATOM   521 C  CG2 . ILE A 1 58 ? -0.016  -0.392  -8.258  1.00 20.37  ? 55  ILE A CG2 1 
ATOM   522 C  CD1 . ILE A 1 58 ? -1.372  1.955   -6.995  1.00 23.68  ? 55  ILE A CD1 1 
ATOM   523 N  N   . ASP A 1 59 ? -0.979  -3.317  -9.576  1.00 15.18  ? 56  ASP A N   1 
ATOM   524 C  CA  . ASP A 1 59 ? -0.076  -4.465  -9.528  1.00 16.00  ? 56  ASP A CA  1 
ATOM   525 C  C   . ASP A 1 59 ? -0.655  -5.670  -8.793  1.00 16.60  ? 56  ASP A C   1 
ATOM   526 O  O   . ASP A 1 59 ? 0.022   -6.282  -7.967  1.00 16.98  ? 56  ASP A O   1 
ATOM   527 C  CB  . ASP A 1 59 ? 1.251   -4.078  -8.872  1.00 19.12  ? 56  ASP A CB  1 
ATOM   528 C  CG  . ASP A 1 59 ? 2.024   -3.064  -9.682  1.00 21.86  ? 56  ASP A CG  1 
ATOM   529 O  OD1 . ASP A 1 59 ? 2.985   -2.494  -9.134  1.00 23.32  ? 56  ASP A OD1 1 
ATOM   530 O  OD2 . ASP A 1 59 ? 1.670   -2.824  -10.858 1.00 24.03  ? 56  ASP A OD2 1 
ATOM   531 N  N   . GLY A 1 60 ? -1.909  -6.002  -9.085  1.00 14.30  ? 57  GLY A N   1 
ATOM   532 C  CA  . GLY A 1 60 ? -2.527  -7.195  -8.523  1.00 14.05  ? 57  GLY A CA  1 
ATOM   533 C  C   . GLY A 1 60 ? -3.139  -7.001  -7.150  1.00 12.28  ? 57  GLY A C   1 
ATOM   534 O  O   . GLY A 1 60 ? -3.606  -7.976  -6.534  1.00 15.68  ? 57  GLY A O   1 
ATOM   535 N  N   . LEU A 1 61 ? -3.146  -5.757  -6.669  1.00 12.78  ? 58  LEU A N   1 
ATOM   536 C  CA  . LEU A 1 61 ? -3.732  -5.448  -5.370  1.00 13.09  ? 58  LEU A CA  1 
ATOM   537 C  C   . LEU A 1 61 ? -4.902  -4.476  -5.478  1.00 12.74  ? 58  LEU A C   1 
ATOM   538 O  O   . LEU A 1 61 ? -4.867  -3.538  -6.275  1.00 15.15  ? 58  LEU A O   1 
ATOM   539 C  CB  . LEU A 1 61 ? -2.687  -4.837  -4.449  1.00 12.77  ? 58  LEU A CB  1 
ATOM   540 C  CG  . LEU A 1 61 ? -1.414  -5.643  -4.161  1.00 15.27  ? 58  LEU A CG  1 
ATOM   541 C  CD1 . LEU A 1 61 ? -0.555  -4.862  -3.187  1.00 18.60  ? 58  LEU A CD1 1 
ATOM   542 C  CD2 . LEU A 1 61 ? -1.758  -7.029  -3.615  1.00 18.86  ? 58  LEU A CD2 1 
ATOM   543 N  N   . LEU A 1 62 ? -5.920  -4.708  -4.655  1.00 10.89  ? 59  LEU A N   1 
ATOM   544 C  CA  . LEU A 1 62 ? -7.031  -3.780  -4.501  1.00 10.64  ? 59  LEU A CA  1 
ATOM   545 C  C   . LEU A 1 62 ? -6.802  -3.021  -3.204  1.00 10.54  ? 59  LEU A C   1 
ATOM   546 O  O   . LEU A 1 62 ? -6.797  -3.601  -2.106  1.00 10.28  ? 59  LEU A O   1 
ATOM   547 C  CB  . LEU A 1 62 ? -8.341  -4.559  -4.443  1.00 12.34  ? 59  LEU A CB  1 
ATOM   548 C  CG  . LEU A 1 62 ? -9.623  -3.757  -4.215  1.00 15.06  ? 59  LEU A CG  1 
ATOM   549 C  CD1 . LEU A 1 62 ? -9.860  -2.807  -5.381  1.00 17.11  ? 59  LEU A CD1 1 
ATOM   550 C  CD2 . LEU A 1 62 ? -10.784 -4.716  -4.060  1.00 15.33  ? 59  LEU A CD2 1 
ATOM   551 N  N   . ILE A 1 63 ? -6.602  -1.718  -3.335  1.00 10.50  ? 60  ILE A N   1 
ATOM   552 C  CA  . ILE A 1 63 ? -6.085  -0.907  -2.252  1.00 11.54  ? 60  ILE A CA  1 
ATOM   553 C  C   . ILE A 1 63 ? -7.098  0.151   -1.852  1.00 11.31  ? 60  ILE A C   1 
ATOM   554 O  O   . ILE A 1 63 ? -7.690  0.804   -2.712  1.00 13.81  ? 60  ILE A O   1 
ATOM   555 C  CB  . ILE A 1 63 ? -4.799  -0.192  -2.720  1.00 12.88  ? 60  ILE A CB  1 
ATOM   556 C  CG1 . ILE A 1 63 ? -3.728  -1.214  -3.110  1.00 14.58  ? 60  ILE A CG1 1 
ATOM   557 C  CG2 . ILE A 1 63 ? -4.287  0.752   -1.650  1.00 15.81  ? 60  ILE A CG2 1 
ATOM   558 C  CD1 . ILE A 1 63 ? -2.581  -0.604  -3.933  1.00 19.29  ? 60  ILE A CD1 1 
ATOM   559 N  N   . THR A 1 64 ? -7.297  0.319   -0.550  1.00 10.09  ? 61  THR A N   1 
ATOM   560 C  CA  . THR A 1 64 ? -8.144  1.380   -0.024  1.00 10.12  ? 61  THR A CA  1 
ATOM   561 C  C   . THR A 1 64 ? -7.275  2.283   0.832   1.00 8.66   ? 61  THR A C   1 
ATOM   562 O  O   . THR A 1 64 ? -6.650  1.827   1.796   1.00 10.18  ? 61  THR A O   1 
ATOM   563 C  CB  . THR A 1 64 ? -9.302  0.815   0.836   1.00 11.80  ? 61  THR A CB  1 
ATOM   564 O  OG1 . THR A 1 64 ? -10.072 -0.104  0.046   1.00 12.20  ? 61  THR A OG1 1 
ATOM   565 C  CG2 . THR A 1 64 ? -10.226 1.942   1.322   1.00 12.98  ? 61  THR A CG2 1 
ATOM   566 N  N   . ILE A 1 65 ? -7.215  3.562   0.493   1.00 10.35  ? 62  ILE A N   1 
ATOM   567 C  CA  A ILE A 1 65 ? -6.439  4.519   1.276   0.50 9.51   ? 62  ILE A CA  1 
ATOM   568 C  CA  B ILE A 1 65 ? -6.441  4.505   1.286   0.50 10.77  ? 62  ILE A CA  1 
ATOM   569 C  C   . ILE A 1 65 ? -7.163  4.804   2.592   1.00 10.15  ? 62  ILE A C   1 
ATOM   570 O  O   . ILE A 1 65 ? -8.298  5.293   2.590   1.00 12.90  ? 62  ILE A O   1 
ATOM   571 C  CB  A ILE A 1 65 ? -6.225  5.837   0.498   0.50 8.62   ? 62  ILE A CB  1 
ATOM   572 C  CB  B ILE A 1 65 ? -6.197  5.801   0.513   0.50 13.50  ? 62  ILE A CB  1 
ATOM   573 C  CG1 A ILE A 1 65 ? -5.642  5.540   -0.884  0.50 9.43   ? 62  ILE A CG1 1 
ATOM   574 C  CG1 B ILE A 1 65 ? -5.370  5.489   -0.730  0.50 14.96  ? 62  ILE A CG1 1 
ATOM   575 C  CG2 A ILE A 1 65 ? -5.312  6.770   1.271   0.50 10.49  ? 62  ILE A CG2 1 
ATOM   576 C  CG2 B ILE A 1 65 ? -5.511  6.828   1.399   0.50 13.87  ? 62  ILE A CG2 1 
ATOM   577 C  CD1 A ILE A 1 65 ? -4.304  4.831   -0.831  0.50 8.68   ? 62  ILE A CD1 1 
ATOM   578 C  CD1 B ILE A 1 65 ? -4.948  6.696   -1.468  0.50 16.78  ? 62  ILE A CD1 1 
ATOM   579 N  N   . LEU A 1 66 ? -6.511  4.512   3.719   1.00 9.89   ? 63  LEU A N   1 
ATOM   580 C  CA  . LEU A 1 66 ? -7.128  4.718   5.030   1.00 9.32   ? 63  LEU A CA  1 
ATOM   581 C  C   . LEU A 1 66 ? -6.704  6.016   5.725   1.00 9.98   ? 63  LEU A C   1 
ATOM   582 O  O   . LEU A 1 66 ? -7.510  6.653   6.413   1.00 11.58  ? 63  LEU A O   1 
ATOM   583 C  CB  . LEU A 1 66 ? -6.824  3.544   5.965   1.00 10.66  ? 63  LEU A CB  1 
ATOM   584 C  CG  . LEU A 1 66 ? -7.266  2.157   5.547   1.00 11.65  ? 63  LEU A CG  1 
ATOM   585 C  CD1 . LEU A 1 66 ? -6.894  1.156   6.632   1.00 14.58  ? 63  LEU A CD1 1 
ATOM   586 C  CD2 . LEU A 1 66 ? -8.782  2.135   5.272   1.00 12.14  ? 63  LEU A CD2 1 
ATOM   587 N  N   . GLU A 1 67 ? -5.436  6.391   5.567   1.00 10.09  ? 64  GLU A N   1 
ATOM   588 C  CA  . GLU A 1 67 ? -4.893  7.538   6.276   1.00 10.54  ? 64  GLU A CA  1 
ATOM   589 C  C   . GLU A 1 67 ? -3.879  8.234   5.393   1.00 11.15  ? 64  GLU A C   1 
ATOM   590 O  O   . GLU A 1 67 ? -2.963  7.585   4.874   1.00 11.33  ? 64  GLU A O   1 
ATOM   591 C  CB  . GLU A 1 67 ? -4.201  7.125   7.587   1.00 10.86  ? 64  GLU A CB  1 
ATOM   592 C  CG  . GLU A 1 67 ? -3.815  8.337   8.428   1.00 12.32  ? 64  GLU A CG  1 
ATOM   593 C  CD  . GLU A 1 67 ? -2.949  8.010   9.635   1.00 14.63  ? 64  GLU A CD  1 
ATOM   594 O  OE1 . GLU A 1 67 ? -2.820  6.817   9.970   1.00 16.31  ? 64  GLU A OE1 1 
ATOM   595 O  OE2 . GLU A 1 67 ? -2.389  8.961   10.241  1.00 15.79  ? 64  GLU A OE2 1 
ATOM   596 N  N   . VAL A 1 68 ? -4.061  9.541   5.218   1.00 11.85  ? 65  VAL A N   1 
ATOM   597 C  CA  A VAL A 1 68 ? -3.109  10.387  4.499   0.50 14.24  ? 65  VAL A CA  1 
ATOM   598 C  CA  B VAL A 1 68 ? -3.063  10.355  4.532   0.50 13.34  ? 65  VAL A CA  1 
ATOM   599 C  C   . VAL A 1 68 ? -2.652  11.505  5.425   1.00 14.09  ? 65  VAL A C   1 
ATOM   600 O  O   . VAL A 1 68 ? -3.457  12.061  6.174   1.00 18.62  ? 65  VAL A O   1 
ATOM   601 C  CB  A VAL A 1 68 ? -3.756  11.019  3.246   0.50 16.29  ? 65  VAL A CB  1 
ATOM   602 C  CB  B VAL A 1 68 ? -3.569  10.932  3.205   0.50 13.61  ? 65  VAL A CB  1 
ATOM   603 C  CG1 A VAL A 1 68 ? -2.781  11.956  2.537   0.50 14.90  ? 65  VAL A CG1 1 
ATOM   604 C  CG1 B VAL A 1 68 ? -3.991  9.825   2.269   0.50 13.32  ? 65  VAL A CG1 1 
ATOM   605 C  CG2 A VAL A 1 68 ? -4.248  9.947   2.298   0.50 18.40  ? 65  VAL A CG2 1 
ATOM   606 C  CG2 B VAL A 1 68 ? -4.704  11.903  3.457   0.50 14.71  ? 65  VAL A CG2 1 
ATOM   607 N  N   . GLY A 1 69 ? -1.376  11.851  5.361   1.00 15.83  ? 66  GLY A N   1 
ATOM   608 C  CA  . GLY A 1 69 ? -0.857  12.938  6.163   1.00 18.78  ? 66  GLY A CA  1 
ATOM   609 C  C   . GLY A 1 69 ? 0.422   13.411  5.524   1.00 24.44  ? 66  GLY A C   1 
ATOM   610 O  O   . GLY A 1 69 ? 1.161   12.613  4.956   1.00 26.66  ? 66  GLY A O   1 
ATOM   611 N  N   . ASP A 1 70 ? 0.680   14.709  5.598   1.00 27.57  ? 67  ASP A N   1 
ATOM   612 C  CA  A ASP A 1 70 ? 1.877   15.299  5.010   0.50 32.22  ? 67  ASP A CA  1 
ATOM   613 C  CA  B ASP A 1 70 ? 1.907   15.249  5.033   0.50 32.06  ? 67  ASP A CA  1 
ATOM   614 C  C   . ASP A 1 70 ? 2.022   14.896  3.554   1.00 31.11  ? 67  ASP A C   1 
ATOM   615 O  O   . ASP A 1 70 ? 3.113   14.604  3.075   1.00 34.24  ? 67  ASP A O   1 
ATOM   616 C  CB  A ASP A 1 70 ? 3.125   14.927  5.806   0.50 36.29  ? 67  ASP A CB  1 
ATOM   617 C  CB  B ASP A 1 70 ? 3.120   14.677  5.775   0.50 35.95  ? 67  ASP A CB  1 
ATOM   618 C  CG  A ASP A 1 70 ? 3.435   15.932  6.897   0.50 38.17  ? 67  ASP A CG  1 
ATOM   619 C  CG  B ASP A 1 70 ? 3.062   14.918  7.272   0.50 38.77  ? 67  ASP A CG  1 
ATOM   620 O  OD1 A ASP A 1 70 ? 2.513   16.684  7.286   0.50 39.90  ? 67  ASP A OD1 1 
ATOM   621 O  OD1 B ASP A 1 70 ? 1.979   14.755  7.871   0.50 42.35  ? 67  ASP A OD1 1 
ATOM   622 O  OD2 A ASP A 1 70 ? 4.593   15.973  7.362   0.50 39.00  ? 67  ASP A OD2 1 
ATOM   623 O  OD2 B ASP A 1 70 ? 4.111   15.265  7.855   0.50 36.01  ? 67  ASP A OD2 1 
ATOM   624 N  N   . ASN A 1 71 ? 0.900   14.910  2.845   1.00 29.49  ? 68  ASN A N   1 
ATOM   625 C  CA  . ASN A 1 71 ? 0.882   14.515  1.441   1.00 32.56  ? 68  ASN A CA  1 
ATOM   626 C  C   . ASN A 1 71 ? 1.570   13.176  1.183   1.00 30.52  ? 68  ASN A C   1 
ATOM   627 O  O   . ASN A 1 71 ? 2.188   12.980  0.134   1.00 36.44  ? 68  ASN A O   1 
ATOM   628 C  CB  . ASN A 1 71 ? 1.512   15.597  0.562   1.00 39.06  ? 68  ASN A CB  1 
ATOM   629 C  CG  . ASN A 1 71 ? 0.698   16.876  0.535   1.00 44.67  ? 68  ASN A CG  1 
ATOM   630 O  OD1 . ASN A 1 71 ? 1.253   17.971  0.560   1.00 48.67  ? 68  ASN A OD1 1 
ATOM   631 N  ND2 . ASN A 1 71 ? -0.627  16.741  0.483   1.00 45.38  ? 68  ASN A ND2 1 
HETATM 632 N  N   A MSE A 1 72 ? 1.529   12.271  2.163   0.50 22.59  ? 69  MSE A N   1 
HETATM 633 N  N   B MSE A 1 72 ? 1.417   12.262  2.130   0.50 23.97  ? 69  MSE A N   1 
HETATM 634 C  CA  A MSE A 1 72 ? 1.995   10.895  1.954   0.50 18.67  ? 69  MSE A CA  1 
HETATM 635 C  CA  B MSE A 1 72 ? 1.905   10.913  1.962   0.50 21.02  ? 69  MSE A CA  1 
HETATM 636 C  C   A MSE A 1 72 ? 0.930   9.917   2.445   0.50 16.00  ? 69  MSE A C   1 
HETATM 637 C  C   B MSE A 1 72 ? 0.796   9.958   2.355   0.50 15.60  ? 69  MSE A C   1 
HETATM 638 O  O   A MSE A 1 72 ? 0.169   10.228  3.366   0.50 16.98  ? 69  MSE A O   1 
HETATM 639 O  O   B MSE A 1 72 ? -0.095  10.308  3.132   0.50 13.75  ? 69  MSE A O   1 
HETATM 640 C  CB  A MSE A 1 72 ? 3.383   10.614  2.588   0.50 18.69  ? 69  MSE A CB  1 
HETATM 641 C  CB  B MSE A 1 72 ? 3.121   10.681  2.844   0.50 26.37  ? 69  MSE A CB  1 
HETATM 642 C  CG  A MSE A 1 72 ? 3.419   10.187  4.079   0.50 20.80  ? 69  MSE A CG  1 
HETATM 643 C  CG  B MSE A 1 72 ? 4.190   11.735  2.680   0.50 32.95  ? 69  MSE A CG  1 
HETATM 644 SE SE  A MSE A 1 72 ? 5.089   9.294   4.717   0.40 24.39  ? 69  MSE A SE  1 
HETATM 645 SE SE  B MSE A 1 72 ? 5.563   11.551  4.030   0.30 38.96  ? 69  MSE A SE  1 
HETATM 646 C  CE  A MSE A 1 72 ? 4.609   7.446   4.249   0.50 18.25  ? 69  MSE A CE  1 
HETATM 647 C  CE  B MSE A 1 72 ? 6.128   9.723   3.642   0.50 38.22  ? 69  MSE A CE  1 
ATOM   648 N  N   . ILE A 1 73 ? 0.846   8.758   1.797   1.00 13.43  ? 70  ILE A N   1 
ATOM   649 C  CA  A ILE A 1 73 ? -0.032  7.697   2.272   0.50 12.46  ? 70  ILE A CA  1 
ATOM   650 C  CA  B ILE A 1 73 ? -0.019  7.680   2.251   0.50 12.25  ? 70  ILE A CA  1 
ATOM   651 C  C   . ILE A 1 73 ? 0.582   7.128   3.535   1.00 11.86  ? 70  ILE A C   1 
ATOM   652 O  O   . ILE A 1 73 ? 1.727   6.658   3.528   1.00 13.89  ? 70  ILE A O   1 
ATOM   653 C  CB  A ILE A 1 73 ? -0.184  6.559   1.254   0.50 13.28  ? 70  ILE A CB  1 
ATOM   654 C  CB  B ILE A 1 73 ? -0.074  6.543   1.224   0.50 12.64  ? 70  ILE A CB  1 
ATOM   655 C  CG1 A ILE A 1 73 ? -1.009  7.011   0.048   0.50 15.67  ? 70  ILE A CG1 1 
ATOM   656 C  CG1 B ILE A 1 73 ? -0.325  7.099   -0.180  0.50 15.29  ? 70  ILE A CG1 1 
ATOM   657 C  CG2 A ILE A 1 73 ? -0.849  5.350   1.907   0.50 13.17  ? 70  ILE A CG2 1 
ATOM   658 C  CG2 B ILE A 1 73 ? -1.138  5.516   1.613   0.50 12.62  ? 70  ILE A CG2 1 
ATOM   659 C  CD1 A ILE A 1 73 ? -0.215  7.760   -0.984  0.50 17.45  ? 70  ILE A CD1 1 
ATOM   660 C  CD1 B ILE A 1 73 ? -1.609  7.866   -0.293  0.50 16.34  ? 70  ILE A CD1 1 
ATOM   661 N  N   . LYS A 1 74 ? -0.178  7.187   4.626   1.00 10.26  ? 71  LYS A N   1 
ATOM   662 C  CA  . LYS A 1 74 ? 0.280   6.660   5.912   1.00 11.30  ? 71  LYS A CA  1 
ATOM   663 C  C   . LYS A 1 74 ? -0.167  5.220   6.139   1.00 10.33  ? 71  LYS A C   1 
ATOM   664 O  O   . LYS A 1 74 ? 0.597   4.396   6.639   1.00 13.36  ? 71  LYS A O   1 
ATOM   665 C  CB  . LYS A 1 74 ? -0.199  7.549   7.064   1.00 13.21  ? 71  LYS A CB  1 
ATOM   666 C  CG  . LYS A 1 74 ? 0.441   8.920   7.068   1.00 16.59  ? 71  LYS A CG  1 
ATOM   667 C  CD  . LYS A 1 74 ? 1.902   8.819   7.452   1.00 20.85  ? 71  LYS A CD  1 
ATOM   668 C  CE  . LYS A 1 74 ? 2.546   10.198  7.528   1.00 25.48  ? 71  LYS A CE  1 
ATOM   669 N  NZ  . LYS A 1 74 ? 3.992   10.102  7.873   1.00 27.23  ? 71  LYS A NZ  1 
ATOM   670 N  N   . GLN A 1 75 ? -1.409  4.911   5.786   1.00 9.91   ? 72  GLN A N   1 
ATOM   671 C  CA  . GLN A 1 75 ? -1.933  3.553   5.956   1.00 9.08   ? 72  GLN A CA  1 
ATOM   672 C  C   . GLN A 1 75 ? -2.885  3.227   4.827   1.00 9.20   ? 72  GLN A C   1 
ATOM   673 O  O   . GLN A 1 75 ? -3.687  4.076   4.405   1.00 10.34  ? 72  GLN A O   1 
ATOM   674 C  CB  . GLN A 1 75 ? -2.669  3.394   7.304   1.00 13.29  ? 72  GLN A CB  1 
ATOM   675 C  CG  . GLN A 1 75 ? -1.752  3.535   8.536   1.00 18.33  ? 72  GLN A CG  1 
ATOM   676 C  CD  . GLN A 1 75 ? -2.392  3.092   9.842   1.00 23.65  ? 72  GLN A CD  1 
ATOM   677 O  OE1 . GLN A 1 75 ? -3.351  2.324   9.856   1.00 26.60  ? 72  GLN A OE1 1 
ATOM   678 N  NE2 . GLN A 1 75 ? -1.843  3.571   10.952  1.00 26.75  ? 72  GLN A NE2 1 
ATOM   679 N  N   . ALA A 1 76 ? -2.823  1.989   4.352   1.00 10.59  ? 73  ALA A N   1 
ATOM   680 C  CA  . ALA A 1 76 ? -3.740  1.510   3.331   1.00 10.89  ? 73  ALA A CA  1 
ATOM   681 C  C   . ALA A 1 76 ? -4.176  0.079   3.621   1.00 10.47  ? 73  ALA A C   1 
ATOM   682 O  O   . ALA A 1 76 ? -3.396  -0.732  4.114   1.00 13.19  ? 73  ALA A O   1 
ATOM   683 C  CB  . ALA A 1 76 ? -3.088  1.587   1.941   1.00 12.99  ? 73  ALA A CB  1 
ATOM   684 N  N   . LYS A 1 77 ? -5.422  -0.228  3.291   1.00 10.05  ? 74  LYS A N   1 
ATOM   685 C  CA  . LYS A 1 77 ? -5.940  -1.587  3.342   1.00 9.72   ? 74  LYS A CA  1 
ATOM   686 C  C   . LYS A 1 77 ? -5.652  -2.239  2.007   1.00 10.03  ? 74  LYS A C   1 
ATOM   687 O  O   . LYS A 1 77 ? -5.801  -1.603  0.947   1.00 10.75  ? 74  LYS A O   1 
ATOM   688 C  CB  . LYS A 1 77 ? -7.452  -1.531  3.574   1.00 9.82   ? 74  LYS A CB  1 
ATOM   689 C  CG  . LYS A 1 77 ? -8.172  -2.817  3.341   1.00 11.23  ? 74  LYS A CG  1 
ATOM   690 C  CD  . LYS A 1 77 ? -9.689  -2.591  3.491   1.00 12.69  ? 74  LYS A CD  1 
ATOM   691 C  CE  . LYS A 1 77 ? -10.488 -3.752  2.945   1.00 13.29  ? 74  LYS A CE  1 
ATOM   692 N  NZ  . LYS A 1 77 ? -11.960 -3.473  3.060   1.00 15.28  ? 74  LYS A NZ  1 
ATOM   693 N  N   . VAL A 1 78 ? -5.248  -3.506  2.044   1.00 9.23   ? 75  VAL A N   1 
ATOM   694 C  CA  . VAL A 1 78 ? -4.873  -4.229  0.836   1.00 10.27  ? 75  VAL A CA  1 
ATOM   695 C  C   . VAL A 1 78 ? -5.533  -5.597  0.765   1.00 12.12  ? 75  VAL A C   1 
ATOM   696 O  O   . VAL A 1 78 ? -5.529  -6.352  1.746   1.00 13.11  ? 75  VAL A O   1 
ATOM   697 C  CB  . VAL A 1 78 ? -3.341  -4.435  0.788   1.00 13.21  ? 75  VAL A CB  1 
ATOM   698 C  CG1 . VAL A 1 78 ? -2.935  -5.273  -0.418  1.00 17.28  ? 75  VAL A CG1 1 
ATOM   699 C  CG2 . VAL A 1 78 ? -2.649  -3.093  0.753   1.00 15.70  ? 75  VAL A CG2 1 
ATOM   700 N  N   . VAL A 1 79 ? -6.136  -5.897  -0.378  1.00 12.51  ? 76  VAL A N   1 
ATOM   701 C  CA  A VAL A 1 79 ? -6.647  -7.226  -0.685  0.50 13.53  ? 76  VAL A CA  1 
ATOM   702 C  CA  B VAL A 1 79 ? -6.556  -7.265  -0.646  0.50 11.93  ? 76  VAL A CA  1 
ATOM   703 C  C   . VAL A 1 79 ? -6.028  -7.693  -2.003  1.00 13.03  ? 76  VAL A C   1 
ATOM   704 O  O   . VAL A 1 79 ? -5.824  -6.881  -2.905  1.00 15.11  ? 76  VAL A O   1 
ATOM   705 C  CB  A VAL A 1 79 ? -8.180  -7.203  -0.853  0.50 16.92  ? 76  VAL A CB  1 
ATOM   706 C  CB  B VAL A 1 79 ? -8.092  -7.477  -0.580  0.50 13.76  ? 76  VAL A CB  1 
ATOM   707 C  CG1 A VAL A 1 79 ? -8.689  -8.577  -1.234  0.50 17.56  ? 76  VAL A CG1 1 
ATOM   708 C  CG1 B VAL A 1 79 ? -8.640  -7.097  0.791   0.50 14.56  ? 76  VAL A CG1 1 
ATOM   709 C  CG2 A VAL A 1 79 ? -8.858  -6.705  0.417   0.50 17.86  ? 76  VAL A CG2 1 
ATOM   710 C  CG2 B VAL A 1 79 ? -8.788  -6.716  -1.686  0.50 14.09  ? 76  VAL A CG2 1 
ATOM   711 N  N   . LYS A 1 80 ? -5.751  -8.983  -2.127  1.00 17.34  ? 77  LYS A N   1 
ATOM   712 C  CA  A LYS A 1 80 ? -5.192  -9.518  -3.364  0.50 20.18  ? 77  LYS A CA  1 
ATOM   713 C  CA  B LYS A 1 80 ? -5.198  -9.521  -3.361  0.50 20.42  ? 77  LYS A CA  1 
ATOM   714 C  C   . LYS A 1 80 ? -6.272  -9.689  -4.432  1.00 21.78  ? 77  LYS A C   1 
ATOM   715 O  O   . LYS A 1 80 ? -7.395  -10.123 -4.141  1.00 24.46  ? 77  LYS A O   1 
ATOM   716 C  CB  A LYS A 1 80 ? -4.507  -10.858 -3.099  0.50 24.63  ? 77  LYS A CB  1 
ATOM   717 C  CB  B LYS A 1 80 ? -4.515  -10.858 -3.085  0.50 25.40  ? 77  LYS A CB  1 
ATOM   718 C  CG  A LYS A 1 80 ? -3.759  -11.430 -4.291  0.50 25.65  ? 77  LYS A CG  1 
ATOM   719 C  CG  B LYS A 1 80 ? -3.012  -10.804 -3.199  0.50 27.51  ? 77  LYS A CG  1 
ATOM   720 C  CD  A LYS A 1 80 ? -2.390  -10.796 -4.437  0.50 28.89  ? 77  LYS A CD  1 
ATOM   721 C  CD  B LYS A 1 80 ? -2.608  -10.578 -4.639  0.50 29.71  ? 77  LYS A CD  1 
ATOM   722 C  CE  A LYS A 1 80 ? -1.484  -11.646 -5.322  0.50 30.81  ? 77  LYS A CE  1 
ATOM   723 C  CE  B LYS A 1 80 ? -1.102  -10.643 -4.811  0.50 31.83  ? 77  LYS A CE  1 
ATOM   724 N  NZ  A LYS A 1 80 ? -0.126  -11.052 -5.478  0.50 32.27  ? 77  LYS A NZ  1 
ATOM   725 N  NZ  B LYS A 1 80 ? -0.718  -10.632 -6.247  0.50 33.29  ? 77  LYS A NZ  1 
ATOM   726 N  N   . LEU A 1 81 ? -5.929  -9.335  -5.664  1.00 21.32  ? 78  LEU A N   1 
ATOM   727 C  CA  . LEU A 1 81 ? -6.809  -9.541  -6.804  1.00 23.22  ? 78  LEU A CA  1 
ATOM   728 C  C   . LEU A 1 81 ? -6.583  -10.905 -7.428  1.00 31.26  ? 78  LEU A C   1 
ATOM   729 O  O   . LEU A 1 81 ? -5.684  -11.653 -7.052  1.00 34.28  ? 78  LEU A O   1 
ATOM   730 C  CB  . LEU A 1 81 ? -6.585  -8.473  -7.865  1.00 23.11  ? 78  LEU A CB  1 
ATOM   731 C  CG  . LEU A 1 81 ? -7.152  -7.089  -7.576  1.00 21.86  ? 78  LEU A CG  1 
ATOM   732 C  CD1 . LEU A 1 81 ? -6.731  -6.152  -8.690  1.00 24.56  ? 78  LEU A CD1 1 
ATOM   733 C  CD2 . LEU A 1 81 ? -8.678  -7.128  -7.440  1.00 22.91  ? 78  LEU A CD2 1 
ATOM   734 O  OXT . LEU A 1 81 ? -7.315  -11.274 -8.341  1.00 35.32  ? 78  LEU A OXT 1 
ATOM   735 N  N   . ILE B 2 1  ? 6.054   -6.849  11.412  1.00 27.26  ? 1   ILE X N   1 
ATOM   736 C  CA  . ILE B 2 1  ? 6.993   -5.747  11.307  1.00 30.87  ? 1   ILE X CA  1 
ATOM   737 C  C   . ILE B 2 1  ? 8.219   -6.102  10.462  1.00 31.23  ? 1   ILE X C   1 
ATOM   738 O  O   . ILE B 2 1  ? 8.765   -7.204  10.537  1.00 31.05  ? 1   ILE X O   1 
ATOM   739 C  CB  . ILE B 2 1  ? 7.400   -5.227  12.711  1.00 37.80  ? 1   ILE X CB  1 
ATOM   740 C  CG1 . ILE B 2 1  ? 8.857   -5.562  13.034  1.00 39.31  ? 1   ILE X CG1 1 
ATOM   741 C  CG2 . ILE B 2 1  ? 6.454   -5.766  13.774  1.00 40.71  ? 1   ILE X CG2 1 
ATOM   742 C  CD1 . ILE B 2 1  ? 9.821   -4.432  12.756  1.00 39.48  ? 1   ILE X CD1 1 
ATOM   743 N  N   . PHE B 2 2  ? 8.648   -5.156  9.639   1.00 31.58  ? 2   PHE X N   1 
ATOM   744 C  CA  . PHE B 2 2  ? 9.773   -5.392  8.749   1.00 28.05  ? 2   PHE X CA  1 
ATOM   745 C  C   . PHE B 2 2  ? 10.471  -4.074  8.517   1.00 33.71  ? 2   PHE X C   1 
ATOM   746 O  O   . PHE B 2 2  ? 9.824   -3.029  8.491   1.00 32.44  ? 2   PHE X O   1 
ATOM   747 C  CB  . PHE B 2 2  ? 9.287   -5.991  7.432   1.00 32.03  ? 2   PHE X CB  1 
ATOM   748 C  CG  . PHE B 2 2  ? 8.023   -5.375  6.925   1.00 34.47  ? 2   PHE X CG  1 
ATOM   749 C  CD1 . PHE B 2 2  ? 6.805   -5.682  7.503   1.00 36.23  ? 2   PHE X CD1 1 
ATOM   750 C  CD2 . PHE B 2 2  ? 8.051   -4.477  5.876   1.00 34.83  ? 2   PHE X CD2 1 
ATOM   751 C  CE1 . PHE B 2 2  ? 5.637   -5.106  7.043   1.00 35.94  ? 2   PHE X CE1 1 
ATOM   752 C  CE2 . PHE B 2 2  ? 6.885   -3.893  5.410   1.00 35.37  ? 2   PHE X CE2 1 
ATOM   753 C  CZ  . PHE B 2 2  ? 5.676   -4.212  5.996   1.00 34.23  ? 2   PHE X CZ  1 
ATOM   754 N  N   . GLY B 2 3  ? 11.791  -4.128  8.374   1.00 38.68  ? 3   GLY X N   1 
ATOM   755 C  CA  . GLY B 2 3  ? 12.597  -2.932  8.212   1.00 42.54  ? 3   GLY X CA  1 
ATOM   756 C  C   . GLY B 2 3  ? 12.609  -2.436  6.781   1.00 47.62  ? 3   GLY X C   1 
ATOM   757 O  O   . GLY B 2 3  ? 12.741  -1.238  6.535   1.00 51.07  ? 3   GLY X O   1 
HETATM 758 P  P   . PO4 C 3 .  ? 15.593  -1.428  -1.107  0.85 29.23  ? 79  PO4 A P   1 
HETATM 759 O  O1  . PO4 C 3 .  ? 15.470  -0.382  -0.026  0.85 33.62  ? 79  PO4 A O1  1 
HETATM 760 O  O2  . PO4 C 3 .  ? 16.328  -2.629  -0.557  0.85 36.94  ? 79  PO4 A O2  1 
HETATM 761 O  O3  . PO4 C 3 .  ? 14.244  -1.849  -1.613  0.85 30.30  ? 79  PO4 A O3  1 
HETATM 762 O  O4  . PO4 C 3 .  ? 16.384  -0.878  -2.263  0.85 35.19  ? 79  PO4 A O4  1 
HETATM 763 C  C1  . EDO D 4 .  ? 8.891   6.254   5.011   0.70 21.43  ? 80  EDO A C1  1 
HETATM 764 O  O1  . EDO D 4 .  ? 8.199   7.333   5.655   0.70 28.64  ? 80  EDO A O1  1 
HETATM 765 C  C2  . EDO D 4 .  ? 8.476   6.138   3.545   0.70 21.98  ? 80  EDO A C2  1 
HETATM 766 O  O2  . EDO D 4 .  ? 7.060   6.325   3.395   0.70 25.00  ? 80  EDO A O2  1 
HETATM 767 C  C1  . EDO E 4 .  ? -1.835  17.681  6.405   0.80 46.73  ? 81  EDO A C1  1 
HETATM 768 O  O1  . EDO E 4 .  ? -0.506  17.263  6.739   0.80 45.73  ? 81  EDO A O1  1 
HETATM 769 C  C2  . EDO E 4 .  ? -2.740  16.459  6.327   0.80 46.90  ? 81  EDO A C2  1 
HETATM 770 O  O2  . EDO E 4 .  ? -2.732  15.786  7.591   0.80 47.71  ? 81  EDO A O2  1 
HETATM 771 C  C1  . EDO F 4 .  ? -7.357  0.156   11.349  0.80 35.00  ? 82  EDO A C1  1 
HETATM 772 O  O1  . EDO F 4 .  ? -8.104  -1.023  11.675  0.80 37.34  ? 82  EDO A O1  1 
HETATM 773 C  C2  . EDO F 4 .  ? -5.936  0.010   11.880  0.80 35.64  ? 82  EDO A C2  1 
HETATM 774 O  O2  . EDO F 4 .  ? -5.128  1.063   11.342  0.80 31.98  ? 82  EDO A O2  1 
HETATM 775 O  O   . HOH G 5 .  ? -9.082  -2.632  -0.345  1.00 12.29  ? 83  HOH A O   1 
HETATM 776 O  O   . HOH G 5 .  ? -10.220 7.849   6.858   1.00 14.06  ? 84  HOH A O   1 
HETATM 777 O  O   . HOH G 5 .  ? -7.124  7.241   9.148   1.00 28.41  ? 85  HOH A O   1 
HETATM 778 O  O   . HOH G 5 .  ? 15.707  0.575   -10.856 1.00 19.09  ? 86  HOH A O   1 
HETATM 779 O  O   . HOH G 5 .  ? -9.196  8.530   10.409  1.00 16.74  ? 87  HOH A O   1 
HETATM 780 O  O   . HOH G 5 .  ? -8.095  12.623  2.628   1.00 22.14  ? 88  HOH A O   1 
HETATM 781 O  O   . HOH G 5 .  ? 18.072  4.778   -5.129  1.00 15.18  ? 89  HOH A O   1 
HETATM 782 O  O   . HOH G 5 .  ? 3.746   5.091   6.711   1.00 19.72  ? 90  HOH A O   1 
HETATM 783 O  O   . HOH G 5 .  ? 11.599  -9.008  -3.074  1.00 24.79  ? 91  HOH A O   1 
HETATM 784 O  O   . HOH G 5 .  ? -12.406 2.152   -7.549  1.00 38.60  ? 92  HOH A O   1 
HETATM 785 O  O   . HOH G 5 .  ? -5.776  11.431  8.676   1.00 32.87  ? 93  HOH A O   1 
HETATM 786 O  O   . HOH G 5 .  ? -7.747  1.727   -10.037 1.00 53.33  ? 94  HOH A O   1 
HETATM 787 O  O   . HOH G 5 .  ? 2.710   4.397   9.097   1.00 60.33  ? 95  HOH A O   1 
HETATM 788 O  O   . HOH G 5 .  ? -9.054  -11.288 -2.428  1.00 28.54  ? 96  HOH A O   1 
HETATM 789 O  O   . HOH G 5 .  ? -5.280  5.219   10.063  1.00 24.96  ? 97  HOH A O   1 
HETATM 790 O  O   . HOH G 5 .  ? 12.639  1.207   2.736   1.00 23.22  ? 98  HOH A O   1 
HETATM 791 O  O   . HOH G 5 .  ? -2.894  11.359  9.369   1.00 25.40  ? 99  HOH A O   1 
HETATM 792 O  O   . HOH G 5 .  ? -6.539  13.564  5.088   1.00 29.49  ? 100 HOH A O   1 
HETATM 793 O  O   . HOH G 5 .  ? -10.253 12.427  5.295   1.00 20.13  ? 101 HOH A O   1 
HETATM 794 O  O   . HOH G 5 .  ? -14.306 -10.651 9.839   1.00 51.65  ? 102 HOH A O   1 
HETATM 795 O  O   . HOH G 5 .  ? -10.861 -9.923  2.521   1.00 45.26  ? 103 HOH A O   1 
HETATM 796 O  O   . HOH G 5 .  ? 15.934  -2.073  3.233   1.00 53.87  ? 104 HOH A O   1 
HETATM 797 O  O   . HOH G 5 .  ? -11.834 -7.445  9.412   1.00 61.24  ? 105 HOH A O   1 
HETATM 798 O  O   . HOH G 5 .  ? 0.981   11.675  -7.119  1.00 67.13  ? 106 HOH A O   1 
HETATM 799 O  O   . HOH G 5 .  ? 15.712  -2.146  -10.380 1.00 41.96  ? 107 HOH A O   1 
HETATM 800 O  O   . HOH G 5 .  ? -0.376  -1.023  9.495   1.00 44.54  ? 108 HOH A O   1 
HETATM 801 O  O   . HOH G 5 .  ? -2.019  13.931  9.376   1.00 48.92  ? 109 HOH A O   1 
HETATM 802 O  O   . HOH G 5 .  ? 10.586  -7.979  -5.432  1.00 28.52  ? 110 HOH A O   1 
HETATM 803 O  O   . HOH G 5 .  ? -7.577  0.515   -12.628 1.00 36.45  ? 111 HOH A O   1 
HETATM 804 O  O   . HOH G 5 .  ? 4.912   -9.944  -12.092 1.00 43.63  ? 112 HOH A O   1 
HETATM 805 O  O   . HOH G 5 .  ? 0.953   0.905   11.687  1.00 55.23  ? 113 HOH A O   1 
HETATM 806 O  O   . HOH G 5 .  ? 0.380   12.295  9.501   1.00 22.36  ? 114 HOH A O   1 
HETATM 807 O  O   . HOH G 5 .  ? -2.475  0.353   13.912  1.00 41.18  ? 115 HOH A O   1 
HETATM 808 O  O   . HOH G 5 .  ? 0.716   -8.533  -6.427  1.00 25.86  ? 116 HOH A O   1 
HETATM 809 O  O   . HOH G 5 .  ? -12.268 -4.675  5.677   1.00 31.11  ? 117 HOH A O   1 
HETATM 810 O  O   . HOH G 5 .  ? 13.938  -3.616  -8.803  1.00 45.18  ? 118 HOH A O   1 
HETATM 811 O  O   . HOH G 5 .  ? 8.478   -7.150  -8.913  1.00 71.09  ? 119 HOH A O   1 
HETATM 812 O  O   . HOH G 5 .  ? -9.726  -3.981  6.613   1.00 34.28  ? 120 HOH A O   1 
HETATM 813 O  O   . HOH G 5 .  ? -9.912  -1.158  7.018   1.00 38.90  ? 121 HOH A O   1 
HETATM 814 O  O   . HOH G 5 .  ? -4.140  -12.108 4.877   1.00 33.90  ? 122 HOH A O   1 
HETATM 815 O  O   . HOH G 5 .  ? -9.993  4.867   -8.138  1.00 89.24  ? 123 HOH A O   1 
HETATM 816 O  O   . HOH G 5 .  ? 0.253   -13.821 0.460   1.00 44.73  ? 124 HOH A O   1 
HETATM 817 O  O   . HOH G 5 .  ? -9.591  -6.809  12.656  1.00 51.77  ? 125 HOH A O   1 
HETATM 818 O  O   . HOH G 5 .  ? -8.860  -12.346 -5.950  1.00 42.82  ? 126 HOH A O   1 
HETATM 819 O  O   . HOH G 5 .  ? -10.544 -13.815 -7.743  1.00 36.18  ? 127 HOH A O   1 
HETATM 820 O  O   . HOH G 5 .  ? -3.112  -10.585 -7.553  1.00 34.71  ? 128 HOH A O   1 
HETATM 821 O  O   . HOH G 5 .  ? -4.679  -9.346  2.025   1.00 36.25  ? 129 HOH A O   1 
HETATM 822 O  O   . HOH G 5 .  ? 9.696   -4.947  -10.366 1.00 34.37  ? 130 HOH A O   1 
HETATM 823 O  O   . HOH G 5 .  ? 2.703   6.748   -13.565 1.00 34.34  ? 131 HOH A O   1 
HETATM 824 O  O   . HOH G 5 .  ? -2.102  15.402  3.208   1.00 50.45  ? 132 HOH A O   1 
HETATM 825 O  O   . HOH G 5 .  ? -5.489  -8.034  13.744  1.00 92.63  ? 133 HOH A O   1 
HETATM 826 O  O   . HOH G 5 .  ? 7.595   -5.478  -11.948 1.00 86.20  ? 134 HOH A O   1 
HETATM 827 O  O   . HOH G 5 .  ? 7.602   1.900   -12.660 1.00 70.51  ? 135 HOH A O   1 
HETATM 828 O  O   . HOH G 5 .  ? -5.896  -10.719 0.151   1.00 35.20  ? 136 HOH A O   1 
HETATM 829 O  O   . HOH G 5 .  ? 10.470  0.995   8.885   1.00 35.07  ? 137 HOH A O   1 
HETATM 830 O  O   . HOH G 5 .  ? 5.709   6.818   7.645   1.00 100.06 ? 138 HOH A O   1 
HETATM 831 O  O   . HOH G 5 .  ? 8.226   1.013   -9.117  1.00 18.35  ? 139 HOH A O   1 
HETATM 832 O  O   . HOH G 5 .  ? 5.701   11.269  0.221   1.00 65.89  ? 140 HOH A O   1 
HETATM 833 O  O   . HOH G 5 .  ? 6.354   2.705   -10.161 1.00 76.76  ? 141 HOH A O   1 
HETATM 834 O  O   . HOH G 5 .  ? 16.197  0.816   2.031   1.00 58.09  ? 142 HOH A O   1 
HETATM 835 O  O   . HOH G 5 .  ? 19.180  -1.682  -1.845  0.50 36.93  ? 143 HOH A O   1 
HETATM 836 O  O   . HOH G 5 .  ? 8.649   -0.703  -14.346 1.00 62.23  ? 144 HOH A O   1 
HETATM 837 O  O   . HOH G 5 .  ? 5.105   12.552  7.805   1.00 51.31  ? 145 HOH A O   1 
HETATM 838 O  O   . HOH G 5 .  ? 3.204   -0.398  -11.183 1.00 48.42  ? 146 HOH A O   1 
HETATM 839 O  O   . HOH G 5 .  ? 7.424   -11.392 -5.088  1.00 50.27  ? 147 HOH A O   1 
HETATM 840 O  O   . HOH G 5 .  ? -0.258  -10.313 -8.963  1.00 69.62  ? 148 HOH A O   1 
HETATM 841 O  O   . HOH G 5 .  ? 14.721  -4.375  0.960   1.00 40.73  ? 149 HOH A O   1 
HETATM 842 O  O   . HOH G 5 .  ? 12.948  -6.369  -6.780  1.00 48.82  ? 150 HOH A O   1 
HETATM 843 O  O   . HOH G 5 .  ? 10.310  3.653   4.512   1.00 36.40  ? 151 HOH A O   1 
HETATM 844 O  O   . HOH G 5 .  ? 9.477   -1.964  5.301   1.00 41.35  ? 152 HOH A O   1 
HETATM 845 O  O   . HOH H 5 .  ? 12.965  -6.484  7.629   1.00 39.60  ? 63  HOH X O   1 
# 
loop_
_atom_site_anisotrop.id 
_atom_site_anisotrop.type_symbol 
_atom_site_anisotrop.pdbx_label_atom_id 
_atom_site_anisotrop.pdbx_label_alt_id 
_atom_site_anisotrop.pdbx_label_comp_id 
_atom_site_anisotrop.pdbx_label_asym_id 
_atom_site_anisotrop.pdbx_label_seq_id 
_atom_site_anisotrop.pdbx_PDB_ins_code 
_atom_site_anisotrop.U[1][1] 
_atom_site_anisotrop.U[2][2] 
_atom_site_anisotrop.U[3][3] 
_atom_site_anisotrop.U[1][2] 
_atom_site_anisotrop.U[1][3] 
_atom_site_anisotrop.U[2][3] 
_atom_site_anisotrop.pdbx_auth_seq_id 
_atom_site_anisotrop.pdbx_auth_comp_id 
_atom_site_anisotrop.pdbx_auth_asym_id 
_atom_site_anisotrop.pdbx_auth_atom_id 
1   N  N   . SER A 1  ? 0.1638 0.3076 0.3168 -0.0200 -0.0932 0.0794  -2  SER A N   
2   C  CA  . SER A 1  ? 0.1718 0.2087 0.1918 -0.0098 -0.0464 0.0224  -2  SER A CA  
3   C  C   . SER A 1  ? 0.1975 0.1737 0.2951 0.0556  0.0350  0.0515  -2  SER A C   
4   O  O   . SER A 1  ? 0.2527 0.1781 0.3777 0.0901  0.0859  0.0409  -2  SER A O   
5   C  CB  . SER A 1  ? 0.2069 0.2900 0.2255 -0.0441 -0.0485 0.0303  -2  SER A CB  
6   O  OG  . SER A 1  ? 0.1851 0.3063 0.3062 -0.0439 -0.0464 0.0690  -2  SER A OG  
7   N  N   . ASN A 2  ? 0.1969 0.2542 0.4507 0.0656  0.0549  0.1707  -1  ASN A N   
8   C  CA  . ASN A 2  ? 0.2031 0.3207 0.5487 0.0338  0.0084  0.2177  -1  ASN A CA  
9   C  C   . ASN A 2  ? 0.1537 0.3337 0.6412 -0.0126 -0.0753 0.3165  -1  ASN A C   
10  O  O   . ASN A 2  ? 0.1504 0.3866 0.7106 0.0126  -0.0267 0.3876  -1  ASN A O   
11  C  CB  . ASN A 2  ? 0.2790 0.4002 0.5525 0.0653  0.0374  0.2213  -1  ASN A CB  
12  C  CG  . ASN A 2  ? 0.3919 0.4432 0.5755 0.1166  0.1172  0.2098  -1  ASN A CG  
13  O  OD1 . ASN A 2  ? 0.4408 0.4871 0.6758 0.0916  0.1102  0.2452  -1  ASN A OD1 
14  N  ND2 . ASN A 2  ? 0.3904 0.4781 0.4985 0.1782  0.1863  0.1680  -1  ASN A ND2 
15  N  N   A ALA A 3  ? 0.1875 0.3316 0.6397 -0.0378 -0.0891 0.3218  0   ALA A N   
16  N  N   B ALA A 3  ? 0.1663 0.3238 0.6183 -0.0395 -0.0845 0.2954  0   ALA A N   
17  C  CA  A ALA A 3  ? 0.2112 0.3098 0.5833 -0.0337 -0.0879 0.3059  0   ALA A CA  
18  C  CA  B ALA A 3  ? 0.1828 0.2839 0.5254 -0.0343 -0.0744 0.2470  0   ALA A CA  
19  C  C   A ALA A 3  ? 0.2210 0.2777 0.4894 -0.0547 -0.1269 0.2662  0   ALA A C   
20  C  C   B ALA A 3  ? 0.1907 0.2547 0.3894 -0.0474 -0.1111 0.1924  0   ALA A C   
21  O  O   A ALA A 3  ? 0.2673 0.2598 0.5217 -0.0821 -0.1803 0.2836  0   ALA A O   
22  O  O   B ALA A 3  ? 0.2185 0.2074 0.2630 -0.0514 -0.1319 0.1234  0   ALA A O   
23  C  CB  A ALA A 3  ? 0.2391 0.3304 0.5607 -0.0163 -0.0651 0.3234  0   ALA A CB  
24  C  CB  B ALA A 3  ? 0.2141 0.2841 0.4862 -0.0183 -0.0390 0.2463  0   ALA A CB  
25  N  N   . ILE A 4  ? 0.1704 0.2521 0.3754 -0.0667 -0.1263 0.1637  1   ILE A N   
26  C  CA  A ILE A 4  ? 0.2006 0.1947 0.2823 -0.0724 -0.1037 0.0750  1   ILE A CA  
27  C  CA  B ILE A 4  ? 0.1994 0.2326 0.2669 -0.0577 -0.0806 0.0979  1   ILE A CA  
28  C  C   . ILE A 4  ? 0.1894 0.2156 0.2007 -0.0716 -0.0781 0.0672  1   ILE A C   
29  O  O   . ILE A 4  ? 0.2068 0.1771 0.2167 -0.0271 -0.0636 0.0482  1   ILE A O   
30  C  CB  A ILE A 4  ? 0.2334 0.2112 0.3549 -0.0650 -0.0888 0.0623  1   ILE A CB  
31  C  CB  B ILE A 4  ? 0.2286 0.2817 0.3296 -0.0334 -0.0363 0.1092  1   ILE A CB  
32  C  CG1 A ILE A 4  ? 0.2750 0.2213 0.3851 -0.0408 -0.0921 0.0623  1   ILE A CG1 
33  C  CG1 B ILE A 4  ? 0.2567 0.3444 0.3357 -0.0228 -0.0238 0.1469  1   ILE A CG1 
34  C  CG2 A ILE A 4  ? 0.2481 0.2046 0.3385 -0.0543 -0.0511 0.0341  1   ILE A CG2 
35  C  CG2 B ILE A 4  ? 0.2588 0.2920 0.3154 0.0055  0.0162  0.0909  1   ILE A CG2 
36  C  CD1 A ILE A 4  ? 0.3146 0.3066 0.4070 -0.0231 -0.0589 0.1039  1   ILE A CD1 
37  C  CD1 B ILE A 4  ? 0.2217 0.3307 0.3851 -0.0369 -0.0605 0.1261  1   ILE A CD1 
38  N  N   . GLN A 5  ? 0.2177 0.1946 0.2214 -0.0723 -0.0781 0.0600  2   GLN A N   
39  C  CA  . GLN A 5  ? 0.3047 0.1905 0.2274 -0.0735 -0.0619 0.0518  2   GLN A CA  
40  C  C   . GLN A 5  ? 0.3006 0.2947 0.2614 -0.0812 -0.0347 0.0906  2   GLN A C   
41  O  O   . GLN A 5  ? 0.3117 0.3288 0.1922 -0.1001 -0.0721 0.0785  2   GLN A O   
42  C  CB  . GLN A 5  ? 0.3911 0.1840 0.3202 -0.0980 -0.1037 0.0585  2   GLN A CB  
43  C  CG  . GLN A 5  ? 0.4718 0.2061 0.3376 -0.1103 -0.1102 0.0483  2   GLN A CG  
44  C  CD  . GLN A 5  ? 0.5479 0.2329 0.3896 -0.1174 -0.1262 0.0480  2   GLN A CD  
45  O  OE1 . GLN A 5  ? 0.5922 0.3026 0.4057 -0.1130 -0.1014 0.1305  2   GLN A OE1 
46  N  NE2 . GLN A 5  ? 0.5718 0.3218 0.3365 -0.0784 -0.0971 0.0227  2   GLN A NE2 
47  N  N   . GLN A 6  ? 0.2359 0.3429 0.2769 -0.1098 -0.0117 0.0705  3   GLN A N   
48  C  CA  . GLN A 6  ? 0.2548 0.3958 0.2623 -0.1361 -0.0246 0.0769  3   GLN A CA  
49  C  C   . GLN A 6  ? 0.2956 0.4530 0.3095 -0.1454 -0.0331 0.1138  3   GLN A C   
50  O  O   . GLN A 6  ? 0.3201 0.3820 0.3648 -0.1472 -0.0347 0.1381  3   GLN A O   
51  C  CB  . GLN A 6  ? 0.2751 0.3972 0.3223 -0.1142 -0.0004 0.0564  3   GLN A CB  
52  C  CG  . GLN A 6  ? 0.2903 0.4079 0.3195 -0.1201 -0.0151 0.0231  3   GLN A CG  
53  C  CD  . GLN A 6  ? 0.3189 0.3918 0.4502 -0.1156 0.0048  0.0358  3   GLN A CD  
54  O  OE1 . GLN A 6  ? 0.3503 0.4451 0.5411 -0.0868 0.0345  0.0760  3   GLN A OE1 
55  N  NE2 . GLN A 6  ? 0.3300 0.3878 0.4300 -0.1351 -0.0004 0.0473  3   GLN A NE2 
56  N  N   . SER A 7  ? 0.3089 0.5430 0.4068 -0.1420 -0.0021 0.1661  4   SER A N   
57  C  CA  . SER A 7  ? 0.3302 0.5734 0.4414 -0.1456 0.0105  0.1741  4   SER A CA  
58  C  C   . SER A 7  ? 0.3486 0.5421 0.4622 -0.1733 -0.0533 0.1903  4   SER A C   
59  O  O   . SER A 7  ? 0.3939 0.5274 0.4971 -0.1985 -0.0901 0.2233  4   SER A O   
60  C  CB  . SER A 7  ? 0.3428 0.6128 0.4859 -0.1198 0.0649  0.2068  4   SER A CB  
61  O  OG  . SER A 7  ? 0.3545 0.6249 0.5350 -0.1164 0.0536  0.2139  4   SER A OG  
62  N  N   . ASP A 8  ? 0.3021 0.4761 0.4719 -0.1683 -0.0547 0.1464  5   ASP A N   
63  C  CA  . ASP A 8  ? 0.2758 0.4248 0.4669 -0.1438 -0.0761 0.1313  5   ASP A CA  
64  C  C   . ASP A 8  ? 0.2833 0.3684 0.4226 -0.1062 -0.0669 0.1153  5   ASP A C   
65  O  O   . ASP A 8  ? 0.2922 0.3640 0.4012 -0.0935 -0.0625 0.0698  5   ASP A O   
66  C  CB  . ASP A 8  ? 0.2698 0.3705 0.4415 -0.1297 -0.0737 0.0952  5   ASP A CB  
67  C  CG  . ASP A 8  ? 0.2554 0.3822 0.3693 -0.0832 -0.0518 0.0660  5   ASP A CG  
68  O  OD1 . ASP A 8  ? 0.2469 0.4165 0.2677 -0.0552 -0.0187 0.0633  5   ASP A OD1 
69  O  OD2 . ASP A 8  ? 0.2274 0.3738 0.4289 -0.0583 -0.0440 0.0455  5   ASP A OD2 
70  N  N   . GLY A 9  ? 0.2711 0.3405 0.3990 -0.0759 -0.0490 0.1444  6   GLY A N   
71  C  CA  . GLY A 9  ? 0.3130 0.3063 0.4458 -0.0345 -0.0185 0.1445  6   GLY A CA  
72  C  C   . GLY A 9  ? 0.2609 0.2975 0.4279 -0.0290 -0.0113 0.1148  6   GLY A C   
73  O  O   . GLY A 9  ? 0.3065 0.3171 0.4621 -0.0256 -0.0381 0.1425  6   GLY A O   
74  N  N   . SER A 10 ? 0.1888 0.2291 0.2929 -0.0402 -0.0316 0.0431  7   SER A N   
75  C  CA  . SER A 10 ? 0.1432 0.2375 0.1950 -0.0448 -0.0428 0.0178  7   SER A CA  
76  C  C   . SER A 10 ? 0.1653 0.2533 0.1757 -0.0361 -0.0320 0.0487  7   SER A C   
77  O  O   . SER A 10 ? 0.1760 0.2986 0.2715 -0.0352 -0.0337 0.1302  7   SER A O   
78  C  CB  . SER A 10 ? 0.1715 0.2767 0.1844 -0.0260 -0.0317 0.0335  7   SER A CB  
79  O  OG  . SER A 10 ? 0.2006 0.2455 0.2138 -0.0140 -0.0504 0.0071  7   SER A OG  
80  N  N   . MSE A 11 ? 0.1512 0.1606 0.2065 -0.0330 -0.0294 0.0118  8   MSE A N   
81  C  CA  A MSE A 11 ? 0.1824 0.1302 0.1689 -0.0245 -0.0203 -0.0155 8   MSE A CA  
82  C  CA  B MSE A 11 ? 0.1551 0.1515 0.1947 -0.0179 -0.0324 -0.0468 8   MSE A CA  
83  C  C   . MSE A 11 ? 0.1871 0.1418 0.1271 -0.0126 -0.0339 -0.0166 8   MSE A C   
84  O  O   . MSE A 11 ? 0.2885 0.1720 0.1499 0.0032  -0.0828 0.0550  8   MSE A O   
85  C  CB  A MSE A 11 ? 0.2633 0.1431 0.2263 -0.0058 0.0014  -0.0103 8   MSE A CB  
86  C  CB  B MSE A 11 ? 0.1848 0.2193 0.3021 0.0112  -0.0387 -0.0902 8   MSE A CB  
87  C  CG  A MSE A 11 ? 0.3337 0.2330 0.2958 0.0248  0.0133  0.0739  8   MSE A CG  
88  C  CG  B MSE A 11 ? 0.2003 0.3776 0.4426 0.0579  -0.0196 -0.0482 8   MSE A CG  
89  SE SE  A MSE A 11 ? 0.4126 0.2390 0.2881 0.0585  0.0325  0.0811  8   MSE A SE  
90  SE SE  B MSE A 11 ? 0.2349 0.4655 0.5361 0.1030  0.0236  -0.0590 8   MSE A SE  
91  C  CE  A MSE A 11 ? 0.3776 0.0909 0.1415 0.0521  0.0522  0.1000  8   MSE A CE  
92  C  CE  B MSE A 11 ? 0.2727 0.4374 0.5588 0.0951  0.0104  -0.0708 8   MSE A CE  
93  N  N   . ILE A 12 ? 0.1279 0.1202 0.1439 -0.0167 -0.0113 -0.0062 9   ILE A N   
94  C  CA  A ILE A 12 ? 0.1232 0.1275 0.2181 -0.0028 0.0117  0.0055  9   ILE A CA  
95  C  CA  B ILE A 12 ? 0.1154 0.1264 0.1436 0.0097  0.0247  -0.0188 9   ILE A CA  
96  C  C   . ILE A 12 ? 0.1123 0.1207 0.1474 -0.0147 -0.0243 0.0115  9   ILE A C   
97  O  O   . ILE A 12 ? 0.1198 0.1950 0.1606 -0.0010 -0.0475 0.0574  9   ILE A O   
98  C  CB  A ILE A 12 ? 0.1472 0.1483 0.3230 -0.0049 0.0090  0.0240  9   ILE A CB  
99  C  CB  B ILE A 12 ? 0.1290 0.1347 0.1016 0.0154  0.0145  -0.0499 9   ILE A CB  
100 C  CG1 A ILE A 12 ? 0.1580 0.2869 0.4226 0.0247  0.0368  0.1098  9   ILE A CG1 
101 C  CG1 B ILE A 12 ? 0.1184 0.2334 0.1605 0.0173  0.0156  0.0100  9   ILE A CG1 
102 C  CG2 A ILE A 12 ? 0.1561 0.1314 0.4186 -0.0181 -0.0055 0.0245  9   ILE A CG2 
103 C  CG2 B ILE A 12 ? 0.1745 0.1366 0.1046 0.0267  0.0013  -0.0636 9   ILE A CG2 
104 C  CD1 A ILE A 12 ? 0.1446 0.3852 0.4557 0.0153  0.0074  0.1443  9   ILE A CD1 
105 C  CD1 B ILE A 12 ? 0.1346 0.2554 0.1855 0.0561  0.0658  0.0097  9   ILE A CD1 
106 N  N   A ILE A 13 ? 0.0899 0.1045 0.1852 -0.0127 0.0030  0.0095  10  ILE A N   
107 N  N   B ILE A 13 ? 0.1103 0.1153 0.1861 -0.0189 0.0028  0.0157  10  ILE A N   
108 C  CA  A ILE A 13 ? 0.0891 0.1475 0.2088 -0.0133 -0.0222 0.0334  10  ILE A CA  
109 C  CA  B ILE A 13 ? 0.1264 0.1527 0.2016 -0.0138 -0.0029 0.0312  10  ILE A CA  
110 C  C   A ILE A 13 ? 0.1133 0.1288 0.2126 -0.0197 -0.0531 0.0385  10  ILE A C   
111 C  C   B ILE A 13 ? 0.1195 0.1607 0.1793 -0.0092 -0.0241 0.0475  10  ILE A C   
112 O  O   A ILE A 13 ? 0.1118 0.0846 0.3158 -0.0062 -0.0720 0.0441  10  ILE A O   
113 O  O   B ILE A 13 ? 0.1040 0.1646 0.2713 0.0171  -0.0105 0.0813  10  ILE A O   
114 C  CB  A ILE A 13 ? 0.0841 0.1916 0.2974 -0.0177 -0.0073 0.0725  10  ILE A CB  
115 C  CB  B ILE A 13 ? 0.1765 0.1759 0.2279 -0.0116 0.0207  0.0412  10  ILE A CB  
116 C  CG1 A ILE A 13 ? 0.1028 0.2438 0.3576 -0.0110 -0.0239 0.1164  10  ILE A CG1 
117 C  CG1 B ILE A 13 ? 0.1912 0.2485 0.1590 -0.0114 0.0114  0.0458  10  ILE A CG1 
118 C  CG2 A ILE A 13 ? 0.0600 0.1955 0.3683 -0.0411 -0.0147 0.0777  10  ILE A CG2 
119 C  CG2 B ILE A 13 ? 0.2108 0.0812 0.3079 -0.0106 0.0208  0.0324  10  ILE A CG2 
120 C  CD1 A ILE A 13 ? 0.1387 0.2696 0.3891 0.0282  0.0171  0.1244  10  ILE A CD1 
121 C  CD1 B ILE A 13 ? 0.1534 0.2681 0.1543 0.0308  0.1067  0.0170  10  ILE A CD1 
122 N  N   . ASP A 14 ? 0.1296 0.1958 0.1287 -0.0107 -0.0291 0.0004  11  ASP A N   
123 C  CA  . ASP A 14 ? 0.1748 0.1949 0.1158 -0.0043 -0.0324 -0.0038 11  ASP A CA  
124 C  C   . ASP A 14 ? 0.1647 0.1591 0.1515 -0.0107 -0.0174 -0.0183 11  ASP A C   
125 O  O   . ASP A 14 ? 0.1629 0.1628 0.1676 -0.0129 0.0002  -0.0153 11  ASP A O   
126 C  CB  . ASP A 14 ? 0.2004 0.3186 0.1355 -0.0289 -0.0817 0.0197  11  ASP A CB  
127 C  CG  . ASP A 14 ? 0.2480 0.3567 0.1744 -0.0140 -0.0914 -0.0034 11  ASP A CG  
128 O  OD1 . ASP A 14 ? 0.3017 0.3862 0.1919 0.0246  -0.0161 0.0261  11  ASP A OD1 
129 O  OD2 . ASP A 14 ? 0.2980 0.4213 0.2531 -0.0110 -0.1055 0.0309  11  ASP A OD2 
130 N  N   . GLY A 15 ? 0.1410 0.1655 0.1520 0.0001  -0.0105 0.0104  12  GLY A N   
131 C  CA  . GLY A 15 ? 0.1234 0.2318 0.1269 0.0060  0.0185  0.0100  12  GLY A CA  
132 C  C   . GLY A 15 ? 0.1222 0.1635 0.1178 -0.0105 -0.0230 -0.0243 12  GLY A C   
133 O  O   . GLY A 15 ? 0.1351 0.1916 0.1320 0.0184  0.0002  0.0109  12  GLY A O   
134 N  N   . SER A 16 ? 0.1365 0.1551 0.1290 -0.0032 -0.0140 -0.0225 13  SER A N   
135 C  CA  . SER A 16 ? 0.1353 0.1351 0.1220 -0.0202 -0.0102 -0.0207 13  SER A CA  
136 C  C   . SER A 16 ? 0.1456 0.1294 0.1333 -0.0238 -0.0133 -0.0110 13  SER A C   
137 O  O   . SER A 16 ? 0.1467 0.1846 0.1647 -0.0076 -0.0011 0.0490  13  SER A O   
138 C  CB  . SER A 16 ? 0.1230 0.1834 0.1478 -0.0452 -0.0288 0.0073  13  SER A CB  
139 O  OG  . SER A 16 ? 0.1702 0.1824 0.1798 -0.0440 -0.0266 0.0499  13  SER A OG  
140 N  N   . ALA A 17 ? 0.1274 0.1157 0.1424 -0.0029 0.0023  -0.0058 14  ALA A N   
141 C  CA  . ALA A 17 ? 0.1704 0.1339 0.0987 -0.0002 -0.0086 -0.0062 14  ALA A CA  
142 C  C   . ALA A 17 ? 0.1461 0.1517 0.1591 0.0095  0.0012  -0.0013 14  ALA A C   
143 O  O   . ALA A 17 ? 0.1420 0.1777 0.1861 0.0131  -0.0061 0.0338  14  ALA A O   
144 C  CB  . ALA A 17 ? 0.1983 0.0897 0.2059 -0.0306 -0.0240 0.0020  14  ALA A CB  
145 N  N   . ASN A 18 ? 0.1301 0.1875 0.1502 0.0132  0.0183  0.0041  15  ASN A N   
146 C  CA  . ASN A 18 ? 0.1400 0.1229 0.1481 0.0152  0.0214  -0.0153 15  ASN A CA  
147 C  C   . ASN A 18 ? 0.1359 0.1375 0.1312 -0.0032 0.0117  0.0037  15  ASN A C   
148 O  O   . ASN A 18 ? 0.1549 0.1302 0.1838 0.0080  0.0064  0.0318  15  ASN A O   
149 C  CB  . ASN A 18 ? 0.1258 0.2113 0.1756 -0.0004 -0.0014 0.0472  15  ASN A CB  
150 C  CG  . ASN A 18 ? 0.1490 0.1904 0.2405 0.0207  0.0083  0.0171  15  ASN A CG  
151 O  OD1 . ASN A 18 ? 0.1693 0.1891 0.2870 0.0122  0.0228  0.0100  15  ASN A OD1 
152 N  ND2 . ASN A 18 ? 0.1551 0.2068 0.2608 0.0378  0.0305  0.0469  15  ASN A ND2 
153 N  N   . LEU A 19 ? 0.1114 0.1451 0.1307 0.0103  0.0246  0.0030  16  LEU A N   
154 C  CA  . LEU A 19 ? 0.1506 0.1445 0.1521 0.0016  0.0020  0.0292  16  LEU A CA  
155 C  C   . LEU A 19 ? 0.1529 0.1721 0.1446 0.0135  0.0275  0.0009  16  LEU A C   
156 O  O   . LEU A 19 ? 0.1699 0.1323 0.1940 -0.0133 0.0039  0.0044  16  LEU A O   
157 C  CB  . LEU A 19 ? 0.1296 0.1350 0.1506 -0.0020 0.0093  0.0377  16  LEU A CB  
158 C  CG  . LEU A 19 ? 0.1083 0.1613 0.1586 0.0020  -0.0042 0.0494  16  LEU A CG  
159 C  CD1 . LEU A 19 ? 0.1376 0.1904 0.1282 -0.0176 -0.0228 0.0502  16  LEU A CD1 
160 C  CD2 . LEU A 19 ? 0.0934 0.1820 0.1806 -0.0127 0.0012  0.0460  16  LEU A CD2 
161 N  N   . ARG A 20 ? 0.1735 0.1634 0.1746 0.0459  0.0497  0.0216  17  ARG A N   
162 C  CA  . ARG A 20 ? 0.1788 0.1940 0.1832 0.0382  0.0654  0.0078  17  ARG A CA  
163 C  C   . ARG A 20 ? 0.1731 0.1508 0.2075 0.0323  0.0550  0.0024  17  ARG A C   
164 O  O   . ARG A 20 ? 0.1990 0.1641 0.2801 0.0201  0.0278  0.0312  17  ARG A O   
165 C  CB  . ARG A 20 ? 0.1618 0.2281 0.2080 0.0186  0.0689  -0.0059 17  ARG A CB  
166 C  CG  . ARG A 20 ? 0.1614 0.2716 0.2270 0.0074  0.1046  -0.0197 17  ARG A CG  
167 C  CD  . ARG A 20 ? 0.2199 0.3566 0.3155 0.0026  0.1217  0.0135  17  ARG A CD  
168 N  NE  . ARG A 20 ? 0.2595 0.4220 0.4377 0.0138  0.1590  0.0188  17  ARG A NE  
169 C  CZ  . ARG A 20 ? 0.3196 0.4529 0.5341 0.0176  0.1600  0.0562  17  ARG A CZ  
170 N  NH1 . ARG A 20 ? 0.3295 0.4525 0.5783 0.0294  0.1652  0.0602  17  ARG A NH1 
171 N  NH2 . ARG A 20 ? 0.3607 0.4770 0.5462 0.0279  0.1702  0.0764  17  ARG A NH2 
172 N  N   . ASP A 21 ? 0.1636 0.1771 0.1836 0.0502  0.0685  0.0152  18  ASP A N   
173 C  CA  . ASP A 21 ? 0.1825 0.2311 0.1987 0.0049  0.0145  0.0587  18  ASP A CA  
174 C  C   . ASP A 21 ? 0.1862 0.1894 0.2447 -0.0153 -0.0149 0.0694  18  ASP A C   
175 O  O   . ASP A 21 ? 0.1985 0.1616 0.2795 0.0112  0.0056  0.0625  18  ASP A O   
176 C  CB  . ASP A 21 ? 0.2156 0.2980 0.2004 -0.0157 -0.0451 0.0549  18  ASP A CB  
177 C  CG  . ASP A 21 ? 0.2526 0.3732 0.3175 0.0199  -0.0292 0.0944  18  ASP A CG  
178 O  OD1 . ASP A 21 ? 0.2092 0.4406 0.3310 0.0562  0.0203  0.1142  18  ASP A OD1 
179 O  OD2 . ASP A 21 ? 0.2853 0.3583 0.3775 0.0141  -0.0554 0.0637  18  ASP A OD2 
180 N  N   . LEU A 22 ? 0.1593 0.1921 0.1969 -0.0235 -0.0109 0.0565  19  LEU A N   
181 C  CA  . LEU A 22 ? 0.1788 0.1647 0.2099 0.0010  0.0033  0.0562  19  LEU A CA  
182 C  C   . LEU A 22 ? 0.2353 0.1826 0.2281 -0.0155 0.0133  0.0525  19  LEU A C   
183 O  O   . LEU A 22 ? 0.2491 0.1734 0.1932 -0.0398 -0.0213 0.0501  19  LEU A O   
184 C  CB  . LEU A 22 ? 0.2003 0.1597 0.2138 0.0241  0.0054  0.0446  19  LEU A CB  
185 C  CG  . LEU A 22 ? 0.1928 0.1497 0.1472 0.0193  0.0190  0.0398  19  LEU A CG  
186 C  CD1 . LEU A 22 ? 0.1773 0.1287 0.1764 0.0170  0.0150  0.0687  19  LEU A CD1 
187 C  CD2 . LEU A 22 ? 0.1914 0.2103 0.1492 -0.0055 0.0218  0.0895  19  LEU A CD2 
188 N  N   . ASN A 23 ? 0.2521 0.1346 0.2541 -0.0384 0.0223  0.0057  20  ASN A N   
189 C  CA  . ASN A 23 ? 0.3151 0.1334 0.2091 -0.0499 0.0266  -0.0087 20  ASN A CA  
190 C  C   . ASN A 23 ? 0.3473 0.1791 0.3008 -0.0309 0.0310  0.0380  20  ASN A C   
191 O  O   . ASN A 23 ? 0.3868 0.1460 0.2928 -0.0559 0.0050  0.0267  20  ASN A O   
192 C  CB  . ASN A 23 ? 0.3554 0.1585 0.2365 -0.0312 0.0605  0.0245  20  ASN A CB  
193 C  CG  . ASN A 23 ? 0.3387 0.1296 0.2042 -0.0515 0.0388  -0.0229 20  ASN A CG  
194 O  OD1 . ASN A 23 ? 0.3459 0.2118 0.2717 -0.0862 -0.0094 0.0407  20  ASN A OD1 
195 N  ND2 . ASN A 23 ? 0.3628 0.1455 0.2715 -0.0770 0.0274  0.0264  20  ASN A ND2 
196 N  N   . LYS A 24 ? 0.3339 0.1885 0.3052 0.0236  0.0645  0.0659  21  LYS A N   
197 C  CA  . LYS A 24 ? 0.3635 0.2049 0.3770 0.0534  0.0689  0.0834  21  LYS A CA  
198 C  C   . LYS A 24 ? 0.3843 0.1703 0.3123 0.0321  0.0306  0.0490  21  LYS A C   
199 O  O   . LYS A 24 ? 0.4278 0.1447 0.4038 0.0310  0.0280  0.1130  21  LYS A O   
200 C  CB  . LYS A 24 ? 0.3778 0.2887 0.4661 0.0510  0.0135  0.1280  21  LYS A CB  
201 C  CG  . LYS A 24 ? 0.4013 0.3879 0.5686 0.0511  -0.0077 0.1749  21  LYS A CG  
202 C  CD  . LYS A 24 ? 0.4244 0.4580 0.6213 0.0480  -0.0244 0.2025  21  LYS A CD  
203 C  CE  . LYS A 24 ? 0.4364 0.4852 0.6726 0.0587  -0.0189 0.1976  21  LYS A CE  
204 N  NZ  . LYS A 24 ? 0.4503 0.5416 0.6993 0.0714  -0.0089 0.2021  21  LYS A NZ  
205 N  N   . MSE A 25 ? 0.3538 0.2032 0.2698 -0.0195 -0.0648 0.0707  22  MSE A N   
206 C  CA  A MSE A 25 ? 0.3587 0.2181 0.2252 -0.0070 -0.0693 0.0586  22  MSE A CA  
207 C  CA  B MSE A 25 ? 0.3783 0.2097 0.2418 -0.0262 -0.0558 0.0552  22  MSE A CA  
208 C  C   . MSE A 25 ? 0.3476 0.1964 0.3199 -0.0332 -0.0707 0.0966  22  MSE A C   
209 O  O   . MSE A 25 ? 0.3509 0.1719 0.3813 -0.0534 -0.0578 0.1105  22  MSE A O   
210 C  CB  A MSE A 25 ? 0.3896 0.2744 0.1316 0.0604  -0.0417 0.0308  22  MSE A CB  
211 C  CB  B MSE A 25 ? 0.4519 0.2519 0.1860 0.0015  0.0031  0.0237  22  MSE A CB  
212 C  CG  A MSE A 25 ? 0.4246 0.2912 0.1976 0.0638  -0.1138 -0.0252 22  MSE A CG  
213 C  CG  B MSE A 25 ? 0.5404 0.2733 0.2433 -0.0170 -0.0256 -0.0255 22  MSE A CG  
214 SE SE  A MSE A 25 ? 0.4725 0.3493 0.3660 0.0821  -0.1791 0.0045  22  MSE A SE  
215 SE SE  B MSE A 25 ? 0.6324 0.3503 0.4324 -0.0191 -0.0363 0.0222  22  MSE A SE  
216 C  CE  A MSE A 25 ? 0.4514 0.3333 0.2224 0.0237  -0.2799 -0.0465 22  MSE A CE  
217 C  CE  B MSE A 25 ? 0.6223 0.3839 0.5236 -0.0108 -0.0150 0.0448  22  MSE A CE  
218 N  N   . PHE A 26 ? 0.3316 0.2679 0.2517 -0.0681 -0.1352 0.1157  23  PHE A N   
219 C  CA  . PHE A 26 ? 0.3315 0.2481 0.3100 -0.0767 -0.1280 0.1168  23  PHE A CA  
220 C  C   . PHE A 26 ? 0.3730 0.2898 0.3819 -0.0823 -0.1195 0.1107  23  PHE A C   
221 O  O   . PHE A 26 ? 0.3760 0.2968 0.4400 -0.1009 -0.1238 0.1215  23  PHE A O   
222 C  CB  . PHE A 26 ? 0.3383 0.2384 0.3066 -0.0544 -0.0892 0.1539  23  PHE A CB  
223 C  CG  . PHE A 26 ? 0.3242 0.2377 0.2706 -0.0480 -0.0616 0.1355  23  PHE A CG  
224 C  CD1 . PHE A 26 ? 0.4284 0.2399 0.3261 -0.0380 -0.0589 0.1620  23  PHE A CD1 
225 C  CD2 . PHE A 26 ? 0.2483 0.2133 0.3128 -0.0328 -0.0667 0.1137  23  PHE A CD2 
226 C  CE1 . PHE A 26 ? 0.4120 0.2389 0.3553 -0.0710 -0.1099 0.1329  23  PHE A CE1 
227 C  CE2 . PHE A 26 ? 0.2520 0.2195 0.3115 -0.0395 -0.0627 0.0924  23  PHE A CE2 
228 C  CZ  . PHE A 26 ? 0.3406 0.1990 0.3788 -0.0730 -0.1131 0.0962  23  PHE A CZ  
229 N  N   . ASN A 27 ? 0.3988 0.2851 0.3454 -0.0630 -0.1040 0.0467  24  ASN A N   
230 C  CA  A ASN A 27 ? 0.4181 0.2642 0.3720 -0.0798 -0.1358 0.0522  24  ASN A CA  
231 C  CA  B ASN A 27 ? 0.4187 0.2974 0.3810 -0.0725 -0.1137 0.0549  24  ASN A CA  
232 C  C   . ASN A 27 ? 0.4167 0.2813 0.3682 -0.0774 -0.1224 0.0400  24  ASN A C   
233 O  O   . ASN A 27 ? 0.4234 0.2742 0.4813 -0.0945 -0.1616 0.0351  24  ASN A O   
234 C  CB  A ASN A 27 ? 0.4462 0.2559 0.3451 -0.0815 -0.1543 0.0638  24  ASN A CB  
235 C  CB  B ASN A 27 ? 0.4464 0.3461 0.3786 -0.0625 -0.0905 0.0707  24  ASN A CB  
236 C  CG  A ASN A 27 ? 0.4655 0.2858 0.3334 -0.0722 -0.1578 0.0907  24  ASN A CG  
237 C  CG  B ASN A 27 ? 0.4632 0.4186 0.3853 -0.0497 -0.0661 0.1007  24  ASN A CG  
238 O  OD1 A ASN A 27 ? 0.4710 0.3438 0.3514 -0.0563 -0.1488 0.1273  24  ASN A OD1 
239 O  OD1 B ASN A 27 ? 0.4631 0.4575 0.4073 -0.0279 -0.0296 0.1050  24  ASN A OD1 
240 N  ND2 A ASN A 27 ? 0.4858 0.2762 0.3103 -0.0725 -0.1642 0.0960  24  ASN A ND2 
241 N  ND2 B ASN A 27 ? 0.4808 0.4916 0.3710 -0.0521 -0.0658 0.1647  24  ASN A ND2 
242 N  N   . TRP A 28 ? 0.3891 0.2438 0.2967 -0.0803 -0.0755 0.0476  25  TRP A N   
243 C  CA  . TRP A 28 ? 0.3441 0.1970 0.2588 -0.0845 -0.0528 0.0258  25  TRP A CA  
244 C  C   . TRP A 28 ? 0.3373 0.2013 0.3157 -0.0862 -0.0742 0.0065  25  TRP A C   
245 O  O   . TRP A 28 ? 0.2740 0.2218 0.4370 -0.0589 -0.0502 0.0178  25  TRP A O   
246 C  CB  . TRP A 28 ? 0.3053 0.2565 0.2140 -0.0748 -0.0385 0.0824  25  TRP A CB  
247 C  CG  . TRP A 28 ? 0.2629 0.2495 0.2022 -0.0715 -0.0500 0.0738  25  TRP A CG  
248 C  CD1 . TRP A 28 ? 0.2752 0.3145 0.2365 -0.0754 -0.0770 0.1287  25  TRP A CD1 
249 C  CD2 . TRP A 28 ? 0.2352 0.2841 0.2534 -0.0628 -0.0916 0.1100  25  TRP A CD2 
250 N  NE1 . TRP A 28 ? 0.2507 0.2971 0.3061 -0.0777 -0.0945 0.1279  25  TRP A NE1 
251 C  CE2 . TRP A 28 ? 0.2376 0.3164 0.2688 -0.0633 -0.0905 0.1052  25  TRP A CE2 
252 C  CE3 . TRP A 28 ? 0.2501 0.2841 0.2746 -0.0438 -0.1070 0.1230  25  TRP A CE3 
253 C  CZ2 . TRP A 28 ? 0.2268 0.3107 0.3707 -0.0486 -0.0790 0.1220  25  TRP A CZ2 
254 C  CZ3 . TRP A 28 ? 0.2387 0.3207 0.3518 -0.0112 -0.0684 0.1765  25  TRP A CZ3 
255 C  CH2 . TRP A 28 ? 0.2275 0.3270 0.3731 -0.0181 -0.0527 0.1499  25  TRP A CH2 
256 N  N   . GLU A 29 ? 0.3854 0.2083 0.1926 -0.0681 -0.0284 -0.0018 26  GLU A N   
257 C  CA  . GLU A 29 ? 0.4357 0.2191 0.2128 -0.0726 -0.0077 -0.0212 26  GLU A CA  
258 C  C   . GLU A 29 ? 0.3857 0.2404 0.1943 -0.1190 -0.0404 -0.0266 26  GLU A C   
259 O  O   . GLU A 29 ? 0.4108 0.3563 0.2123 -0.1064 -0.0340 0.0305  26  GLU A O   
260 C  CB  . GLU A 29 ? 0.5098 0.2133 0.2309 -0.0534 0.0045  -0.0680 26  GLU A CB  
261 C  CG  . GLU A 29 ? 0.5268 0.2642 0.2805 -0.0578 -0.0174 -0.0908 26  GLU A CG  
262 C  CD  . GLU A 29 ? 0.5099 0.3413 0.2942 -0.0372 -0.0037 -0.0897 26  GLU A CD  
263 O  OE1 . GLU A 29 ? 0.4703 0.3896 0.3349 -0.0270 -0.0023 -0.0501 26  GLU A OE1 
264 O  OE2 . GLU A 29 ? 0.5169 0.3765 0.3962 -0.0366 -0.0049 -0.0711 26  GLU A OE2 
265 N  N   . LEU A 30 ? 0.3247 0.2181 0.1918 -0.1062 -0.0080 -0.0304 27  LEU A N   
266 C  CA  . LEU A 30 ? 0.2598 0.2005 0.2153 -0.1054 0.0220  0.0111  27  LEU A CA  
267 C  C   . LEU A 30 ? 0.2437 0.2204 0.1590 -0.0802 0.0226  0.0338  27  LEU A C   
268 O  O   . LEU A 30 ? 0.2825 0.2010 0.1962 -0.0466 0.0233  0.0437  27  LEU A O   
269 C  CB  . LEU A 30 ? 0.2423 0.2893 0.1609 -0.0666 0.0678  0.0099  27  LEU A CB  
270 C  CG  . LEU A 30 ? 0.2376 0.3454 0.2230 -0.0958 0.0224  0.0253  27  LEU A CG  
271 C  CD1 . LEU A 30 ? 0.2581 0.2818 0.2560 -0.0768 0.0604  -0.0041 27  LEU A CD1 
272 C  CD2 . LEU A 30 ? 0.2522 0.4291 0.3089 -0.0821 0.0134  0.0564  27  LEU A CD2 
273 N  N   . ASP A 31 ? 0.2348 0.2025 0.1394 -0.0845 0.0067  0.0410  28  ASP A N   
274 C  CA  . ASP A 31 ? 0.2111 0.2049 0.1094 -0.0697 -0.0023 0.0243  28  ASP A CA  
275 C  C   . ASP A 31 ? 0.1973 0.1883 0.1703 -0.0393 0.0052  0.0055  28  ASP A C   
276 O  O   . ASP A 31 ? 0.1641 0.2099 0.2274 -0.0044 0.0220  -0.0269 28  ASP A O   
277 C  CB  . ASP A 31 ? 0.2688 0.2546 0.1051 -0.0818 -0.0302 0.0656  28  ASP A CB  
278 C  CG  . ASP A 31 ? 0.3301 0.3089 0.1402 -0.0775 -0.0400 0.0478  28  ASP A CG  
279 O  OD1 . ASP A 31 ? 0.3446 0.2863 0.1941 -0.0747 -0.0273 0.0491  28  ASP A OD1 
280 O  OD2 . ASP A 31 ? 0.3761 0.4387 0.2666 -0.0563 -0.0222 0.1410  28  ASP A OD2 
281 N  N   . THR A 32 ? 0.1731 0.1779 0.1334 -0.0348 -0.0059 0.0159  29  THR A N   
282 C  CA  . THR A 32 ? 0.1553 0.1970 0.1735 -0.0601 -0.0269 0.0238  29  THR A CA  
283 C  C   . THR A 32 ? 0.1746 0.1685 0.1968 -0.0227 0.0454  -0.0063 29  THR A C   
284 O  O   . THR A 32 ? 0.1640 0.2267 0.2488 -0.0354 0.0190  0.0096  29  THR A O   
285 C  CB  . THR A 32 ? 0.1858 0.2157 0.2300 -0.0123 0.0252  0.0212  29  THR A CB  
286 O  OG1 . THR A 32 ? 0.2022 0.2714 0.3160 0.0193  0.0714  0.0579  29  THR A OG1 
287 C  CG2 . THR A 32 ? 0.2027 0.2189 0.2408 0.0082  0.0702  -0.0019 29  THR A CG2 
288 N  N   . GLU A 33 ? 0.2145 0.1311 0.2083 -0.0048 0.0981  0.0132  30  GLU A N   
289 C  CA  A GLU A 33 ? 0.2240 0.1455 0.2027 -0.0215 0.0932  -0.0031 30  GLU A CA  
290 C  CA  B GLU A 33 ? 0.2370 0.1378 0.2125 -0.0135 0.0915  -0.0086 30  GLU A CA  
291 C  C   . GLU A 33 ? 0.2249 0.1436 0.2120 -0.0004 0.0974  -0.0021 30  GLU A C   
292 O  O   . GLU A 33 ? 0.1961 0.1489 0.3243 -0.0037 0.1005  0.0019  30  GLU A O   
293 C  CB  A GLU A 33 ? 0.2563 0.2053 0.1732 -0.0398 0.0963  0.0015  30  GLU A CB  
294 C  CB  B GLU A 33 ? 0.2902 0.1764 0.1997 -0.0143 0.0954  -0.0200 30  GLU A CB  
295 C  CG  A GLU A 33 ? 0.3043 0.2427 0.1483 -0.0496 0.0770  -0.0196 30  GLU A CG  
296 C  CG  B GLU A 33 ? 0.3405 0.1758 0.1734 0.0062  0.1075  -0.0815 30  GLU A CG  
297 C  CD  A GLU A 33 ? 0.3626 0.3021 0.2300 -0.0721 0.0521  0.0161  30  GLU A CD  
298 C  CD  B GLU A 33 ? 0.3887 0.2557 0.2873 0.0035  0.0811  -0.0133 30  GLU A CD  
299 O  OE1 A GLU A 33 ? 0.3907 0.3436 0.2659 -0.1073 0.0084  0.0641  30  GLU A OE1 
300 O  OE1 B GLU A 33 ? 0.3872 0.3401 0.3248 0.0191  0.0697  0.0195  30  GLU A OE1 
301 O  OE2 A GLU A 33 ? 0.3772 0.3523 0.3117 -0.0427 0.0895  0.0341  30  GLU A OE2 
302 O  OE2 B GLU A 33 ? 0.4267 0.2226 0.3677 0.0035  0.0928  -0.0073 30  GLU A OE2 
303 N  N   . ASP A 34 ? 0.2173 0.1154 0.1381 -0.0102 0.0747  -0.0253 31  ASP A N   
304 C  CA  . ASP A 34 ? 0.2170 0.1306 0.0874 -0.0137 0.0274  0.0047  31  ASP A CA  
305 C  C   . ASP A 34 ? 0.1879 0.1317 0.1090 0.0029  0.0278  0.0037  31  ASP A C   
306 O  O   . ASP A 34 ? 0.1923 0.1760 0.1383 -0.0067 0.0245  0.0019  31  ASP A O   
307 C  CB  . ASP A 34 ? 0.2194 0.1833 0.0978 -0.0189 -0.0016 0.0045  31  ASP A CB  
308 C  CG  . ASP A 34 ? 0.2015 0.2245 0.1300 -0.0328 0.0080  -0.0014 31  ASP A CG  
309 O  OD1 . ASP A 34 ? 0.2127 0.1514 0.1654 -0.0103 -0.0034 -0.0096 31  ASP A OD1 
310 O  OD2 . ASP A 34 ? 0.2385 0.3125 0.1667 -0.0755 0.0001  0.0207  31  ASP A OD2 
311 N  N   . ALA A 35 ? 0.1694 0.1820 0.0900 -0.0353 0.0100  0.0136  32  ALA A N   
312 C  CA  . ALA A 35 ? 0.1379 0.1957 0.1062 -0.0228 0.0234  0.0017  32  ALA A CA  
313 C  C   . ALA A 35 ? 0.1532 0.2181 0.1209 -0.0088 0.0418  0.0222  32  ALA A C   
314 O  O   . ALA A 35 ? 0.1763 0.2024 0.1518 -0.0247 0.0285  -0.0253 32  ALA A O   
315 C  CB  . ALA A 35 ? 0.1165 0.2318 0.1193 -0.0196 0.0225  0.0145  32  ALA A CB  
316 N  N   . ARG A 36 ? 0.1464 0.1998 0.1037 -0.0360 0.0528  0.0272  33  ARG A N   
317 C  CA  . ARG A 36 ? 0.1270 0.2229 0.0940 -0.0337 0.0249  0.0016  33  ARG A CA  
318 C  C   . ARG A 36 ? 0.1172 0.1305 0.1598 -0.0228 0.0294  -0.0131 33  ARG A C   
319 O  O   . ARG A 36 ? 0.1459 0.1106 0.1784 -0.0148 0.0221  -0.0109 33  ARG A O   
320 C  CB  . ARG A 36 ? 0.1369 0.2312 0.1209 -0.0642 0.0041  -0.0002 33  ARG A CB  
321 C  CG  . ARG A 36 ? 0.1612 0.3008 0.1902 -0.0717 -0.0107 0.0527  33  ARG A CG  
322 C  CD  . ARG A 36 ? 0.2198 0.2521 0.2465 -0.0807 -0.0408 0.0334  33  ARG A CD  
323 N  NE  . ARG A 36 ? 0.2070 0.2576 0.2441 -0.0725 -0.0692 0.0221  33  ARG A NE  
324 C  CZ  . ARG A 36 ? 0.2257 0.2866 0.2717 -0.0401 -0.0496 0.0141  33  ARG A CZ  
325 N  NH1 . ARG A 36 ? 0.2335 0.2997 0.3440 -0.0185 -0.0763 0.0100  33  ARG A NH1 
326 N  NH2 . ARG A 36 ? 0.2126 0.3645 0.1906 -0.0502 -0.0204 -0.0078 33  ARG A NH2 
327 N  N   . THR A 37 ? 0.0813 0.1900 0.1237 -0.0124 0.0440  -0.0071 34  THR A N   
328 C  CA  . THR A 37 ? 0.0727 0.1665 0.1532 -0.0044 0.0416  -0.0274 34  THR A CA  
329 C  C   . THR A 37 ? 0.0872 0.1791 0.1447 -0.0210 0.0173  0.0295  34  THR A C   
330 O  O   . THR A 37 ? 0.1228 0.1624 0.1155 -0.0079 0.0283  0.0126  34  THR A O   
331 C  CB  . THR A 37 ? 0.1235 0.1691 0.1340 -0.0130 -0.0148 0.0076  34  THR A CB  
332 O  OG1 . THR A 37 ? 0.1315 0.1439 0.1375 0.0077  -0.0057 0.0192  34  THR A OG1 
333 C  CG2 . THR A 37 ? 0.1510 0.1968 0.1230 -0.0349 -0.0069 0.0217  34  THR A CG2 
334 N  N   . PHE A 38 ? 0.0806 0.1431 0.1708 -0.0464 0.0118  0.0100  35  PHE A N   
335 C  CA  . PHE A 38 ? 0.0956 0.1924 0.1601 -0.0486 0.0104  0.0274  35  PHE A CA  
336 C  C   . PHE A 38 ? 0.0901 0.2030 0.0960 -0.0445 -0.0241 -0.0157 35  PHE A C   
337 O  O   . PHE A 38 ? 0.0972 0.2482 0.1252 -0.0087 -0.0270 0.0027  35  PHE A O   
338 C  CB  . PHE A 38 ? 0.0855 0.2401 0.1597 -0.0689 0.0158  0.0140  35  PHE A CB  
339 C  CG  . PHE A 38 ? 0.1429 0.2770 0.2273 -0.0514 0.0286  -0.0389 35  PHE A CG  
340 C  CD1 . PHE A 38 ? 0.1820 0.3066 0.2160 -0.0961 -0.0342 -0.0611 35  PHE A CD1 
341 C  CD2 . PHE A 38 ? 0.1455 0.3574 0.4105 -0.0423 0.0226  0.0155  35  PHE A CD2 
342 C  CE1 . PHE A 38 ? 0.2013 0.4112 0.3204 -0.0689 -0.0297 0.0185  35  PHE A CE1 
343 C  CE2 . PHE A 38 ? 0.1539 0.4059 0.4452 -0.0637 -0.0150 0.0166  35  PHE A CE2 
344 C  CZ  . PHE A 38 ? 0.1543 0.4294 0.3788 -0.0670 -0.0205 0.0204  35  PHE A CZ  
345 N  N   . ASN A 39 ? 0.1264 0.1512 0.1366 -0.0305 -0.0075 -0.0025 36  ASN A N   
346 C  CA  . ASN A 39 ? 0.1406 0.1615 0.1222 -0.0108 -0.0108 0.0024  36  ASN A CA  
347 C  C   . ASN A 39 ? 0.1422 0.1781 0.1459 0.0088  0.0006  0.0303  36  ASN A C   
348 O  O   . ASN A 39 ? 0.1587 0.2134 0.1380 0.0477  0.0269  0.0381  36  ASN A O   
349 C  CB  . ASN A 39 ? 0.1782 0.1447 0.0923 -0.0030 -0.0095 0.0110  36  ASN A CB  
350 C  CG  . ASN A 39 ? 0.1644 0.1744 0.1540 0.0073  0.0275  0.0321  36  ASN A CG  
351 O  OD1 . ASN A 39 ? 0.1537 0.1703 0.1539 0.0206  0.0304  0.0110  36  ASN A OD1 
352 N  ND2 . ASN A 39 ? 0.1689 0.1768 0.1808 -0.0213 0.0021  0.0053  36  ASN A ND2 
353 N  N   . GLY A 40 ? 0.1270 0.1449 0.1318 0.0054  0.0334  -0.0090 37  GLY A N   
354 C  CA  . GLY A 40 ? 0.1280 0.1882 0.0942 -0.0078 0.0233  0.0025  37  GLY A CA  
355 C  C   . GLY A 40 ? 0.1490 0.1665 0.1155 0.0171  0.0159  -0.0157 37  GLY A C   
356 O  O   . GLY A 40 ? 0.1668 0.2442 0.1150 0.0299  0.0077  0.0426  37  GLY A O   
357 N  N   . LEU A 41 ? 0.1357 0.1668 0.1286 0.0073  -0.0066 -0.0006 38  LEU A N   
358 C  CA  . LEU A 41 ? 0.1556 0.1964 0.1232 -0.0016 -0.0271 -0.0015 38  LEU A CA  
359 C  C   . LEU A 41 ? 0.1698 0.2288 0.1082 0.0263  0.0057  0.0372  38  LEU A C   
360 O  O   . LEU A 41 ? 0.1648 0.2519 0.1542 0.0354  -0.0009 0.0176  38  LEU A O   
361 C  CB  . LEU A 41 ? 0.1580 0.2005 0.1543 -0.0323 -0.0333 -0.0449 38  LEU A CB  
362 C  CG  . LEU A 41 ? 0.2013 0.2532 0.1374 -0.0062 -0.0241 -0.0464 38  LEU A CG  
363 C  CD1 . LEU A 41 ? 0.2276 0.3024 0.1504 -0.0089 0.0082  -0.0785 38  LEU A CD1 
364 C  CD2 . LEU A 41 ? 0.2332 0.2302 0.2679 -0.0025 -0.0770 -0.0156 38  LEU A CD2 
365 N  N   . ILE A 42 ? 0.1247 0.2722 0.1096 0.0119  -0.0393 0.0187  39  ILE A N   
366 C  CA  A ILE A 42 ? 0.1345 0.2317 0.1580 0.0261  -0.0188 0.0049  39  ILE A CA  
367 C  CA  B ILE A 42 ? 0.1472 0.2448 0.1988 0.0339  -0.0277 0.0091  39  ILE A CA  
368 C  C   . ILE A 42 ? 0.1602 0.2254 0.2102 0.0416  -0.0214 0.0041  39  ILE A C   
369 O  O   . ILE A 42 ? 0.1891 0.2885 0.1826 0.0726  -0.0271 0.0481  39  ILE A O   
370 C  CB  A ILE A 42 ? 0.1176 0.2297 0.1285 0.0012  -0.0275 -0.0065 39  ILE A CB  
371 C  CB  B ILE A 42 ? 0.1582 0.2691 0.2554 0.0339  -0.0403 0.0122  39  ILE A CB  
372 C  CG1 A ILE A 42 ? 0.1168 0.2032 0.1047 -0.0381 -0.0318 -0.0315 39  ILE A CG1 
373 C  CG1 B ILE A 42 ? 0.1825 0.3139 0.3584 0.0285  -0.0473 0.0574  39  ILE A CG1 
374 C  CG2 A ILE A 42 ? 0.1282 0.2825 0.2184 0.0252  -0.0197 0.0232  39  ILE A CG2 
375 C  CG2 B ILE A 42 ? 0.1649 0.2998 0.2812 0.0418  -0.0463 0.0126  39  ILE A CG2 
376 C  CD1 A ILE A 42 ? 0.1202 0.2095 0.0595 -0.0092 0.0336  -0.0326 39  ILE A CD1 
377 C  CD1 B ILE A 42 ? 0.1955 0.3017 0.4083 0.0371  -0.0417 0.0541  39  ILE A CD1 
378 N  N   . LEU A 43 ? 0.1995 0.2214 0.1777 0.0454  -0.0028 0.0229  40  LEU A N   
379 C  CA  . LEU A 43 ? 0.2313 0.2553 0.1668 0.0743  0.0165  0.0438  40  LEU A CA  
380 C  C   . LEU A 43 ? 0.2419 0.3200 0.1439 0.0825  0.0098  0.0779  40  LEU A C   
381 O  O   . LEU A 43 ? 0.2712 0.3628 0.2264 0.0887  0.0086  0.1460  40  LEU A O   
382 C  CB  . LEU A 43 ? 0.2228 0.2149 0.1732 0.0187  -0.0098 0.0122  40  LEU A CB  
383 C  CG  . LEU A 43 ? 0.2681 0.2510 0.2482 0.0409  0.0036  0.0419  40  LEU A CG  
384 C  CD1 . LEU A 43 ? 0.3496 0.1944 0.3314 0.0064  0.0007  0.0805  40  LEU A CD1 
385 C  CD2 . LEU A 43 ? 0.2748 0.3045 0.2346 0.0750  0.0067  0.0253  40  LEU A CD2 
386 N  N   . GLU A 44 ? 0.2358 0.3329 0.1188 0.0687  -0.0041 0.0280  41  GLU A N   
387 C  CA  . GLU A 44 ? 0.2814 0.3558 0.1251 0.0577  -0.0260 0.0244  41  GLU A CA  
388 C  C   . GLU A 44 ? 0.3470 0.3671 0.1231 0.0560  -0.0341 -0.0119 41  GLU A C   
389 O  O   . GLU A 44 ? 0.3704 0.4066 0.1377 0.0616  -0.0255 0.0095  41  GLU A O   
390 C  CB  . GLU A 44 ? 0.2815 0.3676 0.2532 0.0590  0.0067  0.0649  41  GLU A CB  
391 C  CG  . GLU A 44 ? 0.3218 0.3565 0.3963 0.0940  0.0880  0.1393  41  GLU A CG  
392 C  CD  . GLU A 44 ? 0.3152 0.3795 0.4926 0.0859  0.1063  0.1998  41  GLU A CD  
393 O  OE1 . GLU A 44 ? 0.3212 0.4016 0.5658 0.0953  0.1330  0.1742  41  GLU A OE1 
394 O  OE2 . GLU A 44 ? 0.3298 0.3645 0.5371 0.0859  0.1192  0.2721  41  GLU A OE2 
395 N  N   . HIS A 45 ? 0.3912 0.4727 0.1612 0.0394  -0.0704 0.0246  42  HIS A N   
396 C  CA  . HIS A 45 ? 0.4394 0.5295 0.2580 0.0207  -0.1125 0.0334  42  HIS A CA  
397 C  C   . HIS A 45 ? 0.4872 0.5257 0.3239 0.0283  -0.1083 0.0498  42  HIS A C   
398 O  O   . HIS A 45 ? 0.4979 0.5637 0.3773 0.0049  -0.1719 0.0944  42  HIS A O   
399 C  CB  . HIS A 45 ? 0.4502 0.5146 0.3307 0.0064  -0.1188 -0.0169 42  HIS A CB  
400 C  CG  . HIS A 45 ? 0.4689 0.5379 0.4323 0.0084  -0.1060 -0.0249 42  HIS A CG  
401 N  ND1 . HIS A 45 ? 0.4841 0.5658 0.4606 0.0240  -0.0682 -0.0083 42  HIS A ND1 
402 C  CD2 . HIS A 45 ? 0.4755 0.5398 0.4844 0.0031  -0.1118 -0.0399 42  HIS A CD2 
403 C  CE1 . HIS A 45 ? 0.4889 0.5578 0.4917 0.0222  -0.0706 -0.0137 42  HIS A CE1 
404 N  NE2 . HIS A 45 ? 0.4788 0.5194 0.5185 0.0035  -0.0943 -0.0539 42  HIS A NE2 
405 N  N   . LEU A 46 ? 0.5170 0.5422 0.3451 0.0543  -0.0677 0.0589  43  LEU A N   
406 C  CA  A LEU A 46 ? 0.5349 0.5508 0.3837 0.0699  -0.0397 0.0638  43  LEU A CA  
407 C  CA  B LEU A 46 ? 0.5307 0.5497 0.3990 0.0773  -0.0360 0.0644  43  LEU A CA  
408 C  C   . LEU A 46 ? 0.5629 0.5950 0.4165 0.0821  -0.0264 0.0747  43  LEU A C   
409 O  O   . LEU A 46 ? 0.5639 0.6176 0.4672 0.0906  -0.0073 0.0950  43  LEU A O   
410 C  CB  A LEU A 46 ? 0.5344 0.5383 0.4051 0.0679  -0.0318 0.0777  43  LEU A CB  
411 C  CB  B LEU A 46 ? 0.5218 0.5387 0.4620 0.0888  -0.0219 0.0848  43  LEU A CB  
412 C  CG  A LEU A 46 ? 0.5365 0.5120 0.3385 0.0602  -0.0346 0.0568  43  LEU A CG  
413 C  CG  B LEU A 46 ? 0.5207 0.5268 0.4790 0.0938  -0.0175 0.0922  43  LEU A CG  
414 C  CD1 A LEU A 46 ? 0.5297 0.5051 0.2689 0.0698  -0.0137 0.0262  43  LEU A CD1 
415 C  CD1 B LEU A 46 ? 0.5164 0.5242 0.4455 0.1033  -0.0065 0.0774  43  LEU A CD1 
416 C  CD2 A LEU A 46 ? 0.5415 0.5070 0.2975 0.0603  -0.0294 0.0433  43  LEU A CD2 
417 C  CD2 B LEU A 46 ? 0.5155 0.5284 0.5317 0.1009  -0.0030 0.1051  43  LEU A CD2 
418 N  N   . GLU A 47 ? 0.6311 0.6455 0.4732 0.0941  -0.0017 0.0837  44  GLU A N   
419 C  CA  . GLU A 47 ? 0.6906 0.6940 0.5440 0.0871  0.0104  0.0917  44  GLU A CA  
420 C  C   . GLU A 47 ? 0.7295 0.7395 0.6155 0.0923  0.0442  0.1263  44  GLU A C   
421 O  O   . GLU A 47 ? 0.7471 0.7841 0.6728 0.1003  0.0549  0.1626  44  GLU A O   
422 C  CB  . GLU A 47 ? 0.7004 0.7420 0.5582 0.0602  -0.0284 0.0973  44  GLU A CB  
423 C  CG  . GLU A 47 ? 0.7066 0.7935 0.6136 0.0396  -0.0507 0.1184  44  GLU A CG  
424 C  CD  . GLU A 47 ? 0.7133 0.8319 0.7002 0.0380  -0.0415 0.1472  44  GLU A CD  
425 O  OE1 . GLU A 47 ? 0.7224 0.8397 0.7309 0.0407  -0.0289 0.1673  44  GLU A OE1 
426 O  OE2 . GLU A 47 ? 0.7034 0.8503 0.7316 0.0341  -0.0456 0.1519  44  GLU A OE2 
427 N  N   . GLU A 48 ? 0.7279 0.7379 0.5783 0.0843  0.0677  0.1021  45  GLU A N   
428 C  CA  . GLU A 48 ? 0.7034 0.7320 0.6458 0.0698  0.0832  0.0948  45  GLU A CA  
429 C  C   . GLU A 48 ? 0.6865 0.7031 0.6376 0.0702  0.1129  0.0844  45  GLU A C   
430 O  O   . GLU A 48 ? 0.6920 0.6921 0.6628 0.0865  0.1384  0.0605  45  GLU A O   
431 C  CB  . GLU A 48 ? 0.6972 0.7489 0.7051 0.0601  0.0782  0.0836  45  GLU A CB  
432 C  CG  . GLU A 48 ? 0.6921 0.7781 0.7769 0.0503  0.0683  0.0908  45  GLU A CG  
433 C  CD  . GLU A 48 ? 0.6825 0.7982 0.8241 0.0484  0.0634  0.0806  45  GLU A CD  
434 O  OE1 . GLU A 48 ? 0.6743 0.7811 0.8280 0.0501  0.0606  0.0655  45  GLU A OE1 
435 O  OE2 . GLU A 48 ? 0.6820 0.8264 0.8702 0.0524  0.0658  0.0926  45  GLU A OE2 
436 N  N   . ILE A 49 ? 0.6641 0.6907 0.6653 0.0686  0.1212  0.1151  46  ILE A N   
437 C  CA  . ILE A 49 ? 0.6274 0.6101 0.6707 0.0731  0.1135  0.0881  46  ILE A CA  
438 C  C   . ILE A 49 ? 0.6147 0.5119 0.5874 0.1019  0.1651  0.0884  46  ILE A C   
439 O  O   . ILE A 49 ? 0.6110 0.4817 0.5746 0.0850  0.1606  0.0960  46  ILE A O   
440 C  CB  . ILE A 49 ? 0.6086 0.6415 0.6842 0.0646  0.0909  0.0785  46  ILE A CB  
441 C  CG1 . ILE A 49 ? 0.5812 0.6347 0.6734 0.0638  0.0909  0.0685  46  ILE A CG1 
442 C  CG2 . ILE A 49 ? 0.6162 0.6385 0.7208 0.0575  0.0898  0.0743  46  ILE A CG2 
443 C  CD1 . ILE A 49 ? 0.5649 0.6126 0.6532 0.0659  0.0809  0.0396  46  ILE A CD1 
444 N  N   . PRO A 50 ? 0.5800 0.5272 0.5718 0.1462  0.1789  0.1069  47  PRO A N   
445 C  CA  . PRO A 50 ? 0.5598 0.5009 0.4545 0.1705  0.2010  0.0909  47  PRO A CA  
446 C  C   . PRO A 50 ? 0.4970 0.4283 0.4176 0.1670  0.1722  0.0471  47  PRO A C   
447 O  O   . PRO A 50 ? 0.4690 0.4843 0.4662 0.1707  0.1662  0.0550  47  PRO A O   
448 C  CB  . PRO A 50 ? 0.5740 0.5341 0.3877 0.1758  0.2031  0.0701  47  PRO A CB  
449 C  CG  . PRO A 50 ? 0.5850 0.5552 0.4844 0.1578  0.1694  0.1038  47  PRO A CG  
450 C  CD  . PRO A 50 ? 0.5938 0.5358 0.5364 0.1428  0.1572  0.1249  47  PRO A CD  
451 N  N   . ASP A 51 ? 0.4861 0.3203 0.4412 0.1141  0.0883  0.0607  48  ASP A N   
452 C  CA  . ASP A 51 ? 0.4439 0.2264 0.2884 0.0885  0.0385  0.0305  48  ASP A CA  
453 C  C   . ASP A 51 ? 0.3329 0.1941 0.1519 0.0555  0.0010  -0.0121 48  ASP A C   
454 O  O   . ASP A 51 ? 0.2927 0.2428 0.1260 0.0582  0.0076  -0.0024 48  ASP A O   
455 C  CB  . ASP A 51 ? 0.4644 0.2472 0.4363 0.0793  -0.0085 0.0847  48  ASP A CB  
456 C  CG  . ASP A 51 ? 0.4961 0.3665 0.5588 0.0854  -0.0155 0.1378  48  ASP A CG  
457 O  OD1 . ASP A 51 ? 0.5212 0.3354 0.6061 0.0861  -0.0085 0.1133  48  ASP A OD1 
458 O  OD2 . ASP A 51 ? 0.5063 0.4790 0.5869 0.0879  -0.0259 0.1857  48  ASP A OD2 
459 N  N   . GLU A 52 ? 0.2426 0.2188 0.1338 0.0400  -0.0057 -0.0103 49  GLU A N   
460 C  CA  . GLU A 52 ? 0.1832 0.1844 0.1141 0.0192  -0.0401 -0.0150 49  GLU A CA  
461 C  C   . GLU A 52 ? 0.1864 0.1417 0.1401 0.0678  -0.0340 -0.0278 49  GLU A C   
462 O  O   . GLU A 52 ? 0.2392 0.1467 0.2792 0.0731  -0.0352 -0.0149 49  GLU A O   
463 C  CB  . GLU A 52 ? 0.1599 0.1916 0.1247 0.0263  -0.0295 -0.0315 49  GLU A CB  
464 C  CG  . GLU A 52 ? 0.1189 0.1974 0.1139 0.0088  -0.0248 -0.0463 49  GLU A CG  
465 C  CD  . GLU A 52 ? 0.1465 0.1926 0.1548 0.0461  0.0059  -0.0229 49  GLU A CD  
466 O  OE1 . GLU A 52 ? 0.1378 0.1981 0.1766 0.0465  -0.0088 -0.0516 49  GLU A OE1 
467 O  OE2 . GLU A 52 ? 0.1539 0.1750 0.1538 0.0350  0.0214  -0.0170 49  GLU A OE2 
468 N  N   . GLY A 53 ? 0.1459 0.1621 0.1786 0.0573  -0.0428 -0.0425 50  GLY A N   
469 C  CA  . GLY A 53 ? 0.1495 0.2040 0.1593 0.0549  -0.0502 -0.0692 50  GLY A CA  
470 C  C   . GLY A 53 ? 0.1668 0.2200 0.1999 0.0866  -0.0414 -0.0555 50  GLY A C   
471 O  O   . GLY A 53 ? 0.1759 0.2547 0.2670 0.0553  -0.0456 -0.0624 50  GLY A O   
472 N  N   . THR A 54 ? 0.2220 0.2034 0.1482 0.1105  -0.0421 -0.0393 51  THR A N   
473 C  CA  A THR A 54 ? 0.2676 0.2009 0.1111 0.0954  -0.0418 -0.0299 51  THR A CA  
474 C  CA  B THR A 54 ? 0.2586 0.2232 0.1374 0.0974  -0.0415 -0.0277 51  THR A CA  
475 C  C   . THR A 54 ? 0.2510 0.1972 0.1418 0.0887  -0.0727 -0.0328 51  THR A C   
476 O  O   . THR A 54 ? 0.2232 0.2198 0.1341 0.1049  -0.0643 -0.0094 51  THR A O   
477 C  CB  A THR A 54 ? 0.3133 0.2278 0.0545 0.0929  -0.0203 -0.0154 51  THR A CB  
478 C  CB  B THR A 54 ? 0.2913 0.2971 0.1589 0.0928  -0.0263 0.0076  51  THR A CB  
479 O  OG1 A THR A 54 ? 0.3491 0.1703 0.1027 0.0807  -0.0248 0.0005  51  THR A OG1 
480 O  OG1 B THR A 54 ? 0.2950 0.3429 0.2217 0.0654  -0.0573 0.0285  51  THR A OG1 
481 C  CG2 A THR A 54 ? 0.3316 0.2186 0.0316 0.0871  -0.0124 -0.0561 51  THR A CG2 
482 C  CG2 B THR A 54 ? 0.2945 0.3030 0.1736 0.0742  -0.0680 0.0267  51  THR A CG2 
483 N  N   . ILE A 55 ? 0.2873 0.1653 0.2015 0.0755  -0.1085 -0.0556 52  ILE A N   
484 C  CA  . ILE A 55 ? 0.2877 0.2135 0.1900 0.0823  -0.1041 -0.0669 52  ILE A CA  
485 C  C   . ILE A 55 ? 0.3197 0.2548 0.1791 0.0942  -0.0908 -0.0238 52  ILE A C   
486 O  O   . ILE A 55 ? 0.3748 0.2555 0.1849 0.1178  -0.0888 -0.0438 52  ILE A O   
487 C  CB  . ILE A 55 ? 0.2923 0.2104 0.2120 0.0773  -0.0896 -0.1013 52  ILE A CB  
488 C  CG1 . ILE A 55 ? 0.2428 0.3111 0.2071 0.0306  -0.1084 -0.0994 52  ILE A CG1 
489 C  CG2 . ILE A 55 ? 0.3192 0.2371 0.2768 0.0920  -0.0648 -0.0775 52  ILE A CG2 
490 C  CD1 . ILE A 55 ? 0.2498 0.3655 0.2771 0.0451  -0.0420 -0.0914 52  ILE A CD1 
491 N  N   . CYS A 56 ? 0.3425 0.2236 0.1514 0.1059  -0.0185 -0.0207 53  CYS A N   
492 C  CA  A CYS A 56 ? 0.3546 0.2685 0.2226 0.1124  0.0187  -0.0066 53  CYS A CA  
493 C  CA  B CYS A 56 ? 0.3392 0.2250 0.1846 0.0920  -0.0041 -0.0342 53  CYS A CA  
494 C  C   . CYS A 56 ? 0.3142 0.2337 0.1431 0.1139  0.0195  -0.0303 53  CYS A C   
495 O  O   . CYS A 56 ? 0.3282 0.2183 0.1165 0.0954  -0.0054 0.0028  53  CYS A O   
496 C  CB  A CYS A 56 ? 0.4119 0.3732 0.3827 0.1067  0.0342  0.0718  53  CYS A CB  
497 C  CB  B CYS A 56 ? 0.3735 0.2692 0.2770 0.0452  -0.0302 0.0180  53  CYS A CB  
498 S  SG  A CYS A 56 ? 0.4594 0.4313 0.5301 0.0875  0.0256  0.1390  53  CYS A SG  
499 S  SG  B CYS A 56 ? 0.3762 0.2986 0.2776 -0.0327 -0.1124 0.0489  53  CYS A SG  
500 N  N   . GLU A 57 ? 0.2795 0.2427 0.1158 0.0889  -0.0036 -0.0409 54  GLU A N   
501 C  CA  A GLU A 57 ? 0.2572 0.2117 0.1066 0.0633  -0.0276 -0.0659 54  GLU A CA  
502 C  CA  B GLU A 57 ? 0.2345 0.2130 0.0877 0.0627  -0.0286 -0.0683 54  GLU A CA  
503 C  C   . GLU A 57 ? 0.2428 0.2608 0.1358 0.0645  -0.0122 -0.0284 54  GLU A C   
504 O  O   . GLU A 57 ? 0.2550 0.3092 0.1903 0.0682  -0.0296 0.0027  54  GLU A O   
505 C  CB  A GLU A 57 ? 0.2769 0.2168 0.1755 0.0363  -0.0262 -0.0531 54  GLU A CB  
506 C  CB  B GLU A 57 ? 0.2172 0.2228 0.1532 0.0325  -0.0269 -0.0471 54  GLU A CB  
507 C  CG  A GLU A 57 ? 0.3052 0.2725 0.2436 0.0241  -0.0089 0.0117  54  GLU A CG  
508 C  CG  B GLU A 57 ? 0.2072 0.2558 0.1697 0.0100  -0.0134 -0.0129 54  GLU A CG  
509 C  CD  A GLU A 57 ? 0.3151 0.3503 0.2556 0.0140  -0.0122 0.0547  54  GLU A CD  
510 C  CD  B GLU A 57 ? 0.1784 0.2634 0.0650 -0.0075 -0.0218 -0.0447 54  GLU A CD  
511 O  OE1 A GLU A 57 ? 0.3165 0.3616 0.2917 0.0054  -0.0356 0.0682  54  GLU A OE1 
512 O  OE1 B GLU A 57 ? 0.1660 0.3359 0.0964 -0.0399 -0.0167 -0.0462 54  GLU A OE1 
513 O  OE2 A GLU A 57 ? 0.3148 0.3775 0.3073 -0.0172 -0.0555 0.0848  54  GLU A OE2 
514 O  OE2 B GLU A 57 ? 0.1500 0.2425 0.1153 0.0063  0.0084  -0.0206 54  GLU A OE2 
515 N  N   . ILE A 58 ? 0.2147 0.2290 0.1565 0.0525  -0.0058 -0.0425 55  ILE A N   
516 C  CA  . ILE A 58 ? 0.2110 0.2350 0.2027 0.0219  -0.0125 -0.0423 55  ILE A CA  
517 C  C   . ILE A 58 ? 0.1906 0.2661 0.1378 0.0202  -0.0079 -0.0344 55  ILE A C   
518 O  O   . ILE A 58 ? 0.1842 0.2757 0.1374 0.0250  0.0069  -0.0203 55  ILE A O   
519 C  CB  . ILE A 58 ? 0.2407 0.2641 0.2576 0.0097  -0.0223 -0.0363 55  ILE A CB  
520 C  CG1 . ILE A 58 ? 0.2944 0.2962 0.2909 -0.0091 -0.0378 -0.0473 55  ILE A CG1 
521 C  CG2 . ILE A 58 ? 0.2437 0.2608 0.2693 0.0099  -0.0221 -0.0536 55  ILE A CG2 
522 C  CD1 . ILE A 58 ? 0.2979 0.3434 0.2583 -0.0237 -0.0378 -0.0353 55  ILE A CD1 
523 N  N   . ASP A 59 ? 0.1993 0.2225 0.1549 0.0064  -0.0111 -0.0519 56  ASP A N   
524 C  CA  . ASP A 59 ? 0.1701 0.2255 0.2125 -0.0215 -0.0382 -0.0688 56  ASP A CA  
525 C  C   . ASP A 59 ? 0.1641 0.2560 0.2107 -0.0004 -0.0268 -0.0186 56  ASP A C   
526 O  O   . ASP A 59 ? 0.1705 0.2844 0.1902 0.0264  -0.0114 -0.0097 56  ASP A O   
527 C  CB  . ASP A 59 ? 0.1830 0.2979 0.2455 -0.0330 -0.0102 -0.0566 56  ASP A CB  
528 C  CG  . ASP A 59 ? 0.2242 0.3141 0.2922 -0.0504 -0.0090 -0.0643 56  ASP A CG  
529 O  OD1 . ASP A 59 ? 0.2251 0.3379 0.3231 -0.0453 -0.0173 -0.0898 56  ASP A OD1 
530 O  OD2 . ASP A 59 ? 0.2654 0.4030 0.2448 -0.0429 0.0448  -0.0187 56  ASP A OD2 
531 N  N   . GLY A 60 ? 0.1309 0.2255 0.1869 0.0193  0.0087  -0.0088 57  GLY A N   
532 C  CA  . GLY A 60 ? 0.1611 0.2141 0.1585 0.0402  0.0298  -0.0185 57  GLY A CA  
533 C  C   . GLY A 60 ? 0.1660 0.1704 0.1302 0.0537  0.0222  -0.0433 57  GLY A C   
534 O  O   . GLY A 60 ? 0.1921 0.1772 0.2264 0.0364  -0.0114 0.0057  57  GLY A O   
535 N  N   . LEU A 61 ? 0.1275 0.2130 0.1450 0.0554  -0.0145 -0.0387 58  LEU A N   
536 C  CA  . LEU A 61 ? 0.1173 0.2131 0.1670 0.0605  -0.0344 -0.0175 58  LEU A CA  
537 C  C   . LEU A 61 ? 0.1089 0.2101 0.1651 0.0501  -0.0331 -0.0396 58  LEU A C   
538 O  O   . LEU A 61 ? 0.1406 0.2586 0.1765 0.0524  -0.0172 0.0004  58  LEU A O   
539 C  CB  . LEU A 61 ? 0.1055 0.2271 0.1526 0.0455  -0.0457 -0.0308 58  LEU A CB  
540 C  CG  . LEU A 61 ? 0.1231 0.2633 0.1936 0.0395  -0.0369 0.0142  58  LEU A CG  
541 C  CD1 . LEU A 61 ? 0.0999 0.3365 0.2704 0.0003  -0.0613 0.0474  58  LEU A CD1 
542 C  CD2 . LEU A 61 ? 0.1612 0.2492 0.3064 0.0593  -0.0184 0.0280  58  LEU A CD2 
543 N  N   . LEU A 62 ? 0.0779 0.1895 0.1463 0.0425  -0.0301 -0.0777 59  LEU A N   
544 C  CA  . LEU A 62 ? 0.1251 0.1839 0.0954 0.0327  -0.0161 -0.0578 59  LEU A CA  
545 C  C   . LEU A 62 ? 0.1383 0.1690 0.0931 0.0289  -0.0165 -0.0339 59  LEU A C   
546 O  O   . LEU A 62 ? 0.1238 0.1695 0.0972 0.0095  -0.0250 -0.0245 59  LEU A O   
547 C  CB  . LEU A 62 ? 0.0956 0.2086 0.1645 0.0144  -0.0347 -0.0656 59  LEU A CB  
548 C  CG  . LEU A 62 ? 0.1310 0.2456 0.1955 0.0128  -0.0129 -0.0472 59  LEU A CG  
549 C  CD1 . LEU A 62 ? 0.1959 0.2339 0.2203 0.0086  -0.0356 -0.0385 59  LEU A CD1 
550 C  CD2 . LEU A 62 ? 0.1455 0.2406 0.1964 -0.0212 -0.0162 -0.0415 59  LEU A CD2 
551 N  N   . ILE A 63 ? 0.1136 0.1635 0.1219 0.0326  -0.0187 -0.0330 60  ILE A N   
552 C  CA  . ILE A 63 ? 0.1366 0.1660 0.1358 0.0203  -0.0095 -0.0241 60  ILE A CA  
553 C  C   . ILE A 63 ? 0.1478 0.1697 0.1124 0.0332  -0.0596 -0.0277 60  ILE A C   
554 O  O   . ILE A 63 ? 0.1968 0.2193 0.1087 0.0855  -0.0428 -0.0121 60  ILE A O   
555 C  CB  . ILE A 63 ? 0.1170 0.2087 0.1638 -0.0060 -0.0063 -0.0579 60  ILE A CB  
556 C  CG1 . ILE A 63 ? 0.1235 0.2354 0.1950 0.0204  0.0476  -0.0648 60  ILE A CG1 
557 C  CG2 . ILE A 63 ? 0.1919 0.2322 0.1766 -0.0175 -0.0312 -0.0446 60  ILE A CG2 
558 C  CD1 . ILE A 63 ? 0.1600 0.3099 0.2632 0.0345  0.0694  0.0026  60  ILE A CD1 
559 N  N   . THR A 64 ? 0.1071 0.1682 0.1082 0.0341  -0.0244 -0.0406 61  THR A N   
560 C  CA  . THR A 64 ? 0.1382 0.1501 0.0962 0.0335  -0.0057 -0.0397 61  THR A CA  
561 C  C   . THR A 64 ? 0.1036 0.1209 0.1043 0.0145  -0.0229 -0.0234 61  THR A C   
562 O  O   . THR A 64 ? 0.1255 0.1176 0.1436 0.0186  -0.0373 0.0130  61  THR A O   
563 C  CB  . THR A 64 ? 0.1354 0.1774 0.1356 0.0512  0.0129  -0.0182 61  THR A CB  
564 O  OG1 . THR A 64 ? 0.1507 0.1652 0.1474 0.0155  -0.0361 -0.0373 61  THR A OG1 
565 C  CG2 . THR A 64 ? 0.1230 0.2195 0.1508 0.0468  0.0349  -0.0146 61  THR A CG2 
566 N  N   . ILE A 65 ? 0.1395 0.1029 0.1509 0.0069  -0.0010 -0.0344 62  ILE A N   
567 C  CA  A ILE A 65 ? 0.1356 0.0988 0.1268 0.0158  -0.0063 -0.0268 62  ILE A CA  
568 C  CA  B ILE A 65 ? 0.1434 0.0939 0.1717 0.0130  -0.0201 -0.0107 62  ILE A CA  
569 C  C   . ILE A 65 ? 0.1367 0.1366 0.1124 0.0369  0.0049  -0.0033 62  ILE A C   
570 O  O   . ILE A 65 ? 0.1491 0.1958 0.1452 0.0608  0.0047  -0.0049 62  ILE A O   
571 C  CB  A ILE A 65 ? 0.1282 0.1167 0.0828 0.0284  0.0431  -0.0417 62  ILE A CB  
572 C  CB  B ILE A 65 ? 0.1549 0.1127 0.2453 0.0194  0.0020  0.0256  62  ILE A CB  
573 C  CG1 A ILE A 65 ? 0.1310 0.1353 0.0920 0.0129  0.0034  -0.0001 62  ILE A CG1 
574 C  CG1 B ILE A 65 ? 0.1922 0.0991 0.2770 0.0232  0.0037  0.0398  62  ILE A CG1 
575 C  CG2 A ILE A 65 ? 0.1655 0.1387 0.0945 0.0154  0.0078  0.0129  62  ILE A CG2 
576 C  CG2 B ILE A 65 ? 0.1750 0.0826 0.2695 0.0306  -0.0152 0.0611  62  ILE A CG2 
577 C  CD1 A ILE A 65 ? 0.1165 0.1454 0.0680 0.0134  -0.0092 0.0026  62  ILE A CD1 
578 C  CD1 B ILE A 65 ? 0.1965 0.1508 0.2901 0.0398  0.0034  0.0679  62  ILE A CD1 
579 N  N   . LEU A 66 ? 0.1227 0.1371 0.1160 0.0300  -0.0037 -0.0062 63  LEU A N   
580 C  CA  . LEU A 66 ? 0.1213 0.1222 0.1107 0.0177  0.0055  0.0069  63  LEU A CA  
581 C  C   . LEU A 66 ? 0.1099 0.1667 0.1027 0.0249  0.0237  -0.0268 63  LEU A C   
582 O  O   . LEU A 66 ? 0.1344 0.1654 0.1400 0.0260  0.0365  -0.0236 63  LEU A O   
583 C  CB  . LEU A 66 ? 0.1284 0.1412 0.1354 0.0059  -0.0081 0.0127  63  LEU A CB  
584 C  CG  . LEU A 66 ? 0.1438 0.1063 0.1924 0.0128  -0.0145 -0.0217 63  LEU A CG  
585 C  CD1 . LEU A 66 ? 0.1693 0.1697 0.2149 0.0161  -0.0375 0.0346  63  LEU A CD1 
586 C  CD2 . LEU A 66 ? 0.0878 0.1483 0.2251 0.0190  -0.0243 -0.0040 63  LEU A CD2 
587 N  N   . GLU A 67 ? 0.0907 0.1380 0.1547 0.0028  0.0049  -0.0335 64  GLU A N   
588 C  CA  . GLU A 67 ? 0.1133 0.1765 0.1105 -0.0148 -0.0071 -0.0179 64  GLU A CA  
589 C  C   . GLU A 67 ? 0.1153 0.1726 0.1355 -0.0197 0.0243  -0.0211 64  GLU A C   
590 O  O   . GLU A 67 ? 0.1274 0.1695 0.1335 -0.0050 0.0042  -0.0184 64  GLU A O   
591 C  CB  . GLU A 67 ? 0.1538 0.1768 0.0821 -0.0132 -0.0241 -0.0542 64  GLU A CB  
592 C  CG  . GLU A 67 ? 0.2070 0.1863 0.0750 -0.0112 -0.0360 -0.0345 64  GLU A CG  
593 C  CD  . GLU A 67 ? 0.2132 0.1902 0.1526 -0.0098 -0.0471 -0.0325 64  GLU A CD  
594 O  OE1 . GLU A 67 ? 0.2763 0.1821 0.1612 0.0046  -0.0534 -0.0028 64  GLU A OE1 
595 O  OE2 . GLU A 67 ? 0.2252 0.1974 0.1772 -0.0159 -0.0369 -0.0420 64  GLU A OE2 
596 N  N   . VAL A 68 ? 0.1669 0.1433 0.1398 -0.0361 0.0129  -0.0222 65  VAL A N   
597 C  CA  A VAL A 68 ? 0.1978 0.1638 0.1796 -0.0308 0.0203  -0.0034 65  VAL A CA  
598 C  CA  B VAL A 68 ? 0.1953 0.1503 0.1611 -0.0307 -0.0022 -0.0222 65  VAL A CA  
599 C  C   . VAL A 68 ? 0.2038 0.1397 0.1919 -0.0144 0.0643  -0.0671 65  VAL A C   
600 O  O   . VAL A 68 ? 0.2332 0.2011 0.2733 -0.0400 0.0864  -0.1064 65  VAL A O   
601 C  CB  A VAL A 68 ? 0.2152 0.2077 0.1961 -0.0158 0.0540  0.0202  65  VAL A CB  
602 C  CB  B VAL A 68 ? 0.2131 0.1659 0.1381 -0.0045 0.0025  -0.0330 65  VAL A CB  
603 C  CG1 A VAL A 68 ? 0.2063 0.2173 0.1425 -0.0271 0.0652  0.0126  65  VAL A CG1 
604 C  CG1 B VAL A 68 ? 0.2166 0.1892 0.1005 -0.0327 -0.0537 -0.0666 65  VAL A CG1 
605 C  CG2 A VAL A 68 ? 0.2206 0.2217 0.2567 0.0081  0.0715  0.0166  65  VAL A CG2 
606 C  CG2 B VAL A 68 ? 0.2052 0.2096 0.1439 0.0235  0.0194  0.0092  65  VAL A CG2 
607 N  N   . GLY A 69 ? 0.2321 0.1978 0.1714 -0.0598 0.0256  -0.0635 66  GLY A N   
608 C  CA  . GLY A 69 ? 0.2815 0.2226 0.2094 -0.0904 0.0261  -0.0846 66  GLY A CA  
609 C  C   . GLY A 69 ? 0.3338 0.3080 0.2869 -0.0841 0.0433  -0.0847 66  GLY A C   
610 O  O   . GLY A 69 ? 0.3185 0.3574 0.3369 -0.0730 0.0343  -0.0774 66  GLY A O   
611 N  N   . ASP A 70 ? 0.4083 0.2880 0.3514 -0.1018 0.0646  -0.0989 67  ASP A N   
612 C  CA  A ASP A 70 ? 0.4306 0.3705 0.4233 -0.0882 0.0818  -0.0424 67  ASP A CA  
613 C  CA  B ASP A 70 ? 0.4333 0.3576 0.4273 -0.0913 0.0785  -0.0532 67  ASP A CA  
614 C  C   . ASP A 70 ? 0.4551 0.3021 0.4250 -0.0803 0.1059  -0.0779 67  ASP A C   
615 O  O   . ASP A 70 ? 0.4798 0.3089 0.5123 -0.0753 0.1182  -0.0868 67  ASP A O   
616 C  CB  A ASP A 70 ? 0.4322 0.4776 0.4691 -0.0770 0.0795  0.0135  67  ASP A CB  
617 C  CB  B ASP A 70 ? 0.4416 0.4423 0.4821 -0.0840 0.0732  -0.0178 67  ASP A CB  
618 C  CG  A ASP A 70 ? 0.4336 0.5247 0.4918 -0.0771 0.0714  0.0370  67  ASP A CG  
619 C  CG  B ASP A 70 ? 0.4587 0.4889 0.5255 -0.0823 0.0646  0.0102  67  ASP A CG  
620 O  OD1 A ASP A 70 ? 0.4275 0.5535 0.5351 -0.0773 0.0535  0.0519  67  ASP A OD1 
621 O  OD1 B ASP A 70 ? 0.4771 0.5505 0.5816 -0.0621 0.0873  0.0616  67  ASP A OD1 
622 O  OD2 A ASP A 70 ? 0.4303 0.5549 0.4964 -0.0899 0.0648  0.0657  67  ASP A OD2 
623 O  OD2 B ASP A 70 ? 0.4668 0.4348 0.4667 -0.0971 0.0297  -0.0520 67  ASP A OD2 
624 N  N   . ASN A 71 ? 0.4990 0.3012 0.3204 -0.0521 0.1372  -0.0421 68  ASN A N   
625 C  CA  . ASN A 71 ? 0.5257 0.2818 0.4297 -0.0247 0.1347  0.0140  68  ASN A CA  
626 C  C   . ASN A 71 ? 0.4607 0.2893 0.4096 0.0090  0.1520  0.0513  68  ASN A C   
627 O  O   . ASN A 71 ? 0.5267 0.3536 0.5042 0.0347  0.2043  0.1027  68  ASN A O   
628 C  CB  . ASN A 71 ? 0.5927 0.3721 0.5193 -0.0092 0.1520  0.0991  68  ASN A CB  
629 C  CG  . ASN A 71 ? 0.6495 0.3977 0.6501 -0.0142 0.1379  0.1609  68  ASN A CG  
630 O  OD1 . ASN A 71 ? 0.6734 0.4640 0.7117 -0.0048 0.1337  0.1894  68  ASN A OD1 
631 N  ND2 . ASN A 71 ? 0.6735 0.4026 0.6480 -0.0117 0.1407  0.1852  68  ASN A ND2 
632 N  N   A MSE A 72 ? 0.3617 0.2082 0.2883 -0.0079 0.1160  -0.0119 69  MSE A N   
633 N  N   B MSE A 72 ? 0.3809 0.1992 0.3305 -0.0139 0.0919  -0.0020 69  MSE A N   
634 C  CA  A MSE A 72 ? 0.2624 0.1924 0.2548 -0.0314 0.0502  -0.0308 69  MSE A CA  
635 C  CA  B MSE A 72 ? 0.2959 0.1818 0.3212 -0.0329 0.0126  -0.0186 69  MSE A CA  
636 C  C   A MSE A 72 ? 0.2027 0.2002 0.2052 0.0024  0.0712  -0.0008 69  MSE A C   
637 C  C   B MSE A 72 ? 0.2113 0.1886 0.1930 -0.0111 0.0257  -0.0084 69  MSE A C   
638 O  O   A MSE A 72 ? 0.2021 0.1899 0.2532 0.0289  0.0850  -0.0103 69  MSE A O   
639 O  O   B MSE A 72 ? 0.1814 0.1760 0.1647 0.0030  0.0169  -0.0517 69  MSE A O   
640 C  CB  A MSE A 72 ? 0.2535 0.2645 0.1922 -0.0287 0.0345  -0.0644 69  MSE A CB  
641 C  CB  B MSE A 72 ? 0.3185 0.2575 0.4261 -0.0305 -0.0286 -0.0031 69  MSE A CB  
642 C  CG  A MSE A 72 ? 0.2249 0.3660 0.1995 -0.0181 0.0491  -0.0508 69  MSE A CG  
643 C  CG  B MSE A 72 ? 0.3370 0.3586 0.5561 -0.0185 -0.0558 0.0298  69  MSE A CG  
644 SE SE  A MSE A 72 ? 0.2416 0.3977 0.2873 -0.0320 0.0111  -0.0524 69  MSE A SE  
645 SE SE  B MSE A 72 ? 0.3632 0.4460 0.6710 -0.0162 -0.0780 0.0468  69  MSE A SE  
646 C  CE  A MSE A 72 ? 0.2198 0.2916 0.1821 -0.0488 -0.0525 -0.1442 69  MSE A CE  
647 C  CE  B MSE A 72 ? 0.3621 0.4172 0.6729 -0.0139 -0.0780 0.0262  69  MSE A CE  
648 N  N   . ILE A 73 ? 0.1672 0.1598 0.1832 -0.0145 0.0197  0.0063  70  ILE A N   
649 C  CA  A ILE A 73 ? 0.1594 0.1821 0.1321 -0.0069 0.0158  0.0035  70  ILE A CA  
650 C  CA  B ILE A 73 ? 0.1632 0.1573 0.1451 -0.0130 0.0212  0.0013  70  ILE A CA  
651 C  C   . ILE A 73 ? 0.1506 0.1828 0.1174 -0.0023 -0.0064 0.0168  70  ILE A C   
652 O  O   . ILE A 73 ? 0.1526 0.2229 0.1523 0.0137  0.0204  0.0184  70  ILE A O   
653 C  CB  A ILE A 73 ? 0.1744 0.1920 0.1383 -0.0275 -0.0141 0.0048  70  ILE A CB  
654 C  CB  B ILE A 73 ? 0.1874 0.1260 0.1670 -0.0464 0.0013  0.0047  70  ILE A CB  
655 C  CG1 A ILE A 73 ? 0.1746 0.2764 0.1444 -0.0167 -0.0160 0.0393  70  ILE A CG1 
656 C  CG1 B ILE A 73 ? 0.2251 0.1676 0.1885 -0.0167 0.0163  0.0458  70  ILE A CG1 
657 C  CG2 A ILE A 73 ? 0.1699 0.2121 0.1183 -0.0270 -0.0103 0.0272  70  ILE A CG2 
658 C  CG2 B ILE A 73 ? 0.1656 0.1873 0.1267 -0.0513 0.0290  0.0338  70  ILE A CG2 
659 C  CD1 A ILE A 73 ? 0.1934 0.3251 0.1447 0.0073  0.0182  0.0580  70  ILE A CD1 
660 C  CD1 B ILE A 73 ? 0.2523 0.1986 0.1700 -0.0004 0.0205  0.0631  70  ILE A CD1 
661 N  N   . LYS A 74 ? 0.1405 0.1497 0.0997 0.0104  -0.0101 0.0030  71  LYS A N   
662 C  CA  . LYS A 74 ? 0.1756 0.1620 0.0917 -0.0070 -0.0192 -0.0173 71  LYS A CA  
663 C  C   . LYS A 74 ? 0.1250 0.1478 0.1198 -0.0189 -0.0381 -0.0282 71  LYS A C   
664 O  O   . LYS A 74 ? 0.1478 0.2060 0.1536 0.0081  -0.0481 -0.0259 71  LYS A O   
665 C  CB  . LYS A 74 ? 0.1799 0.1737 0.1485 -0.0268 -0.0136 -0.0669 71  LYS A CB  
666 C  CG  . LYS A 74 ? 0.1817 0.2303 0.2182 -0.0371 0.0214  -0.0867 71  LYS A CG  
667 C  CD  . LYS A 74 ? 0.1906 0.2971 0.3047 -0.0722 -0.0017 -0.0916 71  LYS A CD  
668 C  CE  . LYS A 74 ? 0.2275 0.4049 0.3358 -0.0958 -0.0370 -0.0796 71  LYS A CE  
669 N  NZ  . LYS A 74 ? 0.2412 0.4993 0.2940 -0.0754 0.0018  -0.0992 71  LYS A NZ  
670 N  N   . GLN A 75 ? 0.1128 0.1586 0.1052 -0.0172 -0.0236 -0.0252 72  GLN A N   
671 C  CA  . GLN A 75 ? 0.1357 0.1345 0.0747 -0.0219 -0.0311 -0.0210 72  GLN A CA  
672 C  C   . GLN A 75 ? 0.0962 0.1563 0.0971 0.0093  0.0048  0.0098  72  GLN A C   
673 O  O   . GLN A 75 ? 0.1054 0.1549 0.1327 0.0282  -0.0338 -0.0026 72  GLN A O   
674 C  CB  . GLN A 75 ? 0.1985 0.1901 0.1164 0.0149  -0.0183 -0.0233 72  GLN A CB  
675 C  CG  . GLN A 75 ? 0.2630 0.3193 0.1142 0.0042  -0.0182 -0.0104 72  GLN A CG  
676 C  CD  . GLN A 75 ? 0.3475 0.3628 0.1884 -0.0315 -0.0283 -0.0202 72  GLN A CD  
677 O  OE1 . GLN A 75 ? 0.3951 0.3904 0.2253 -0.0377 0.0257  -0.0204 72  GLN A OE1 
678 N  NE2 . GLN A 75 ? 0.3921 0.3227 0.3017 -0.0478 -0.0504 -0.0111 72  GLN A NE2 
679 N  N   . ALA A 76 ? 0.1146 0.1562 0.1316 0.0146  -0.0132 0.0027  73  ALA A N   
680 C  CA  . ALA A 76 ? 0.1282 0.1378 0.1477 0.0163  -0.0201 -0.0052 73  ALA A CA  
681 C  C   . ALA A 76 ? 0.1312 0.1084 0.1582 -0.0014 -0.0362 0.0056  73  ALA A C   
682 O  O   . ALA A 76 ? 0.1340 0.1589 0.2083 0.0201  -0.0576 0.0533  73  ALA A O   
683 C  CB  . ALA A 76 ? 0.1618 0.2145 0.1171 0.0256  -0.0144 0.0160  73  ALA A CB  
684 N  N   . LYS A 77 ? 0.1203 0.1348 0.1270 -0.0105 -0.0376 0.0112  74  LYS A N   
685 C  CA  . LYS A 77 ? 0.0954 0.1200 0.1538 0.0118  -0.0046 -0.0034 74  LYS A CA  
686 C  C   . LYS A 77 ? 0.1237 0.1154 0.1418 0.0033  -0.0227 0.0016  74  LYS A C   
687 O  O   . LYS A 77 ? 0.1225 0.1377 0.1481 0.0144  -0.0116 0.0112  74  LYS A O   
688 C  CB  . LYS A 77 ? 0.0504 0.1569 0.1657 0.0005  -0.0224 -0.0024 74  LYS A CB  
689 C  CG  . LYS A 77 ? 0.0725 0.1697 0.1845 -0.0361 -0.0404 -0.0246 74  LYS A CG  
690 C  CD  . LYS A 77 ? 0.0746 0.2197 0.1879 -0.0544 -0.0396 -0.0311 74  LYS A CD  
691 C  CE  . LYS A 77 ? 0.0691 0.2516 0.1841 -0.0337 -0.0455 -0.0543 74  LYS A CE  
692 N  NZ  . LYS A 77 ? 0.0687 0.2866 0.2252 -0.0405 -0.0395 -0.0661 74  LYS A NZ  
693 N  N   . VAL A 78 ? 0.1227 0.1102 0.1176 -0.0012 -0.0093 -0.0189 75  VAL A N   
694 C  CA  . VAL A 78 ? 0.0856 0.1462 0.1584 -0.0036 0.0120  -0.0359 75  VAL A CA  
695 C  C   . VAL A 78 ? 0.1452 0.1585 0.1568 -0.0072 -0.0246 -0.0312 75  VAL A C   
696 O  O   . VAL A 78 ? 0.1949 0.1618 0.1415 -0.0126 -0.0458 -0.0085 75  VAL A O   
697 C  CB  . VAL A 78 ? 0.1086 0.1889 0.2043 -0.0008 0.0325  -0.0482 75  VAL A CB  
698 C  CG1 . VAL A 78 ? 0.1630 0.2308 0.2629 0.0214  0.0000  -0.0347 75  VAL A CG1 
699 C  CG2 . VAL A 78 ? 0.1305 0.1685 0.2976 -0.0436 0.0080  0.0185  75  VAL A CG2 
700 N  N   . VAL A 79 ? 0.1403 0.1518 0.1832 -0.0127 -0.0449 -0.0539 76  VAL A N   
701 C  CA  A VAL A 79 ? 0.1484 0.1978 0.1681 -0.0269 -0.0653 -0.0531 76  VAL A CA  
702 C  CA  B VAL A 79 ? 0.1493 0.1811 0.1230 -0.0006 -0.0537 -0.0543 76  VAL A CA  
703 C  C   . VAL A 79 ? 0.1812 0.1691 0.1450 0.0050  -0.0258 -0.0658 76  VAL A C   
704 O  O   . VAL A 79 ? 0.1973 0.1836 0.1933 0.0346  -0.0086 -0.0207 76  VAL A O   
705 C  CB  A VAL A 79 ? 0.1487 0.2568 0.2374 -0.0436 -0.0709 -0.0394 76  VAL A CB  
706 C  CB  B VAL A 79 ? 0.1571 0.2197 0.1459 0.0276  -0.0397 -0.0175 76  VAL A CB  
707 C  CG1 A VAL A 79 ? 0.1656 0.2554 0.2463 -0.0552 -0.0761 -0.0372 76  VAL A CG1 
708 C  CG1 B VAL A 79 ? 0.1832 0.2315 0.1385 0.0273  -0.0224 0.0044  76  VAL A CG1 
709 C  CG2 A VAL A 79 ? 0.1405 0.2790 0.2590 -0.0352 -0.0533 -0.0406 76  VAL A CG2 
710 C  CG2 B VAL A 79 ? 0.1511 0.2265 0.1579 0.0562  -0.0502 0.0257  76  VAL A CG2 
711 N  N   . LYS A 80 ? 0.2614 0.1627 0.2349 0.0265  0.0206  -0.0824 77  LYS A N   
712 C  CA  A LYS A 80 ? 0.2959 0.1879 0.2831 0.0417  0.0470  -0.0914 77  LYS A CA  
713 C  CA  B LYS A 80 ? 0.2928 0.1799 0.3030 0.0406  0.0421  -0.0846 77  LYS A CA  
714 C  C   . LYS A 80 ? 0.2781 0.2734 0.2761 0.0049  0.0204  -0.0872 77  LYS A C   
715 O  O   . LYS A 80 ? 0.2968 0.3943 0.2382 -0.0127 0.0292  -0.0469 77  LYS A O   
716 C  CB  A LYS A 80 ? 0.3307 0.2417 0.3634 0.0686  0.0835  -0.0438 77  LYS A CB  
717 C  CB  B LYS A 80 ? 0.3207 0.2169 0.4276 0.0635  0.0661  -0.0239 77  LYS A CB  
718 C  CG  A LYS A 80 ? 0.3400 0.2915 0.3432 0.0479  0.0577  -0.0360 77  LYS A CG  
719 C  CG  B LYS A 80 ? 0.3230 0.2625 0.4597 0.0391  0.0281  0.0055  77  LYS A CG  
720 C  CD  A LYS A 80 ? 0.3568 0.3438 0.3970 0.0396  0.0407  -0.0096 77  LYS A CD  
721 C  CD  B LYS A 80 ? 0.3323 0.3150 0.4816 0.0370  0.0042  0.0441  77  LYS A CD  
722 C  CE  A LYS A 80 ? 0.3709 0.3804 0.4193 0.0306  0.0201  -0.0032 77  LYS A CE  
723 C  CE  B LYS A 80 ? 0.3450 0.3835 0.4810 0.0239  -0.0183 0.0695  77  LYS A CE  
724 N  NZ  A LYS A 80 ? 0.3885 0.4078 0.4297 0.0253  0.0049  0.0001  77  LYS A NZ  
725 N  NZ  B LYS A 80 ? 0.3734 0.3991 0.4924 0.0124  -0.0429 0.0893  77  LYS A NZ  
726 N  N   . LEU A 81 ? 0.2799 0.2767 0.2534 0.0040  -0.0088 -0.1173 78  LEU A N   
727 C  CA  . LEU A 81 ? 0.2741 0.3046 0.3035 -0.0127 -0.0266 -0.1566 78  LEU A CA  
728 C  C   . LEU A 81 ? 0.3534 0.4532 0.3811 -0.0319 -0.0605 -0.1087 78  LEU A C   
729 O  O   . LEU A 81 ? 0.4058 0.4261 0.4707 -0.0205 -0.0440 -0.1273 78  LEU A O   
730 C  CB  . LEU A 81 ? 0.2231 0.3707 0.2843 0.0004  -0.0042 -0.1305 78  LEU A CB  
731 C  CG  . LEU A 81 ? 0.1524 0.3526 0.3255 0.0237  0.0211  -0.1436 78  LEU A CG  
732 C  CD1 . LEU A 81 ? 0.1670 0.4517 0.3145 0.0417  0.0413  -0.0697 78  LEU A CD1 
733 C  CD2 . LEU A 81 ? 0.1477 0.3819 0.3409 0.0205  -0.0040 -0.1460 78  LEU A CD2 
734 O  OXT . LEU A 81 ? 0.4051 0.5242 0.4125 -0.0506 -0.0705 -0.0779 78  LEU A OXT 
735 N  N   . ILE B 1  ? 0.3557 0.1839 0.4962 0.0288  0.0902  0.2218  1   ILE X N   
736 C  CA  . ILE B 1  ? 0.3224 0.1696 0.6809 0.0315  0.0948  0.1245  1   ILE X CA  
737 C  C   . ILE B 1  ? 0.3443 0.1494 0.6929 0.0511  0.1412  0.1183  1   ILE X C   
738 O  O   . ILE B 1  ? 0.3308 0.1707 0.6782 0.0809  0.1824  0.1173  1   ILE X O   
739 C  CB  . ILE B 1  ? 0.3695 0.3049 0.7616 0.0393  0.0874  0.1782  1   ILE X CB  
740 C  CG1 . ILE B 1  ? 0.4208 0.3684 0.7042 0.0398  0.0689  0.1823  1   ILE X CG1 
741 C  CG2 . ILE B 1  ? 0.3300 0.3602 0.8566 0.0259  0.0718  0.1829  1   ILE X CG2 
742 C  CD1 . ILE B 1  ? 0.4568 0.3822 0.6611 0.0291  0.0536  0.1600  1   ILE X CD1 
743 N  N   . PHE B 2  ? 0.3260 0.1991 0.6746 0.0820  0.1834  0.0919  2   PHE X N   
744 C  CA  . PHE B 2  ? 0.3802 0.1610 0.5246 0.0932  0.1883  -0.0354 2   PHE X CA  
745 C  C   . PHE B 2  ? 0.3846 0.2572 0.6392 0.0620  0.1414  -0.0179 2   PHE X C   
746 O  O   . PHE B 2  ? 0.3641 0.2567 0.6119 0.0577  0.1179  -0.0590 2   PHE X O   
747 C  CB  . PHE B 2  ? 0.4169 0.2015 0.5988 0.0387  0.0836  0.0316  2   PHE X CB  
748 C  CG  . PHE B 2  ? 0.4062 0.2564 0.6472 0.0078  0.0312  0.0789  2   PHE X CG  
749 C  CD1 . PHE B 2  ? 0.4059 0.2871 0.6832 -0.0279 -0.0242 0.1214  2   PHE X CD1 
750 C  CD2 . PHE B 2  ? 0.4006 0.3033 0.6196 -0.0175 0.0066  0.1143  2   PHE X CD2 
751 C  CE1 . PHE B 2  ? 0.3966 0.2921 0.6769 -0.0362 -0.0424 0.1237  2   PHE X CE1 
752 C  CE2 . PHE B 2  ? 0.4006 0.3021 0.6413 -0.0338 -0.0296 0.1090  2   PHE X CE2 
753 C  CZ  . PHE B 2  ? 0.3965 0.2588 0.6451 -0.0456 -0.0495 0.0840  2   PHE X CZ  
754 N  N   . GLY B 3  ? 0.3979 0.3602 0.7114 0.0301  0.1172  0.0300  3   GLY X N   
755 C  CA  . GLY B 3  ? 0.4539 0.3477 0.8145 -0.0015 0.0685  0.0694  3   GLY X CA  
756 C  C   . GLY B 3  ? 0.4953 0.3692 0.9449 -0.0286 0.0330  0.1242  3   GLY X C   
757 O  O   . GLY B 3  ? 0.5205 0.3957 1.0242 -0.0461 0.0007  0.1681  3   GLY X O   
758 P  P   . PO4 C .  ? 0.3214 0.3184 0.4709 0.0035  0.1157  0.0272  79  PO4 A P   
759 O  O1  . PO4 C .  ? 0.3287 0.3986 0.5499 0.0204  0.1504  0.0811  79  PO4 A O1  
760 O  O2  . PO4 C .  ? 0.3454 0.4272 0.6310 -0.0166 0.0475  0.1210  79  PO4 A O2  
761 O  O3  . PO4 C .  ? 0.3237 0.3840 0.4434 0.0253  0.1001  0.0079  79  PO4 A O3  
762 O  O4  . PO4 C .  ? 0.3158 0.5019 0.5193 0.0067  0.0968  0.1330  79  PO4 A O4  
763 C  C1  . EDO D .  ? 0.3223 0.3000 0.1918 -0.0104 0.1298  -0.1496 80  EDO A C1  
764 O  O1  . EDO D .  ? 0.3870 0.3989 0.3023 -0.0196 0.0934  -0.0526 80  EDO A O1  
765 C  C2  . EDO D .  ? 0.2799 0.3342 0.2212 -0.0012 0.1782  -0.0871 80  EDO A C2  
766 O  O2  . EDO D .  ? 0.3333 0.3528 0.2639 -0.0053 0.1561  -0.0248 80  EDO A O2  
767 C  C1  . EDO E .  ? 0.6949 0.5553 0.5251 0.1378  0.0211  -0.0021 81  EDO A C1  
768 O  O1  . EDO E .  ? 0.6966 0.5329 0.5079 0.1405  0.0227  -0.0308 81  EDO A O1  
769 C  C2  . EDO E .  ? 0.6976 0.5614 0.5231 0.1458  0.0313  0.0100  81  EDO A C2  
770 O  O2  . EDO E .  ? 0.7037 0.5667 0.5424 0.1487  0.0321  0.0170  81  EDO A O2  
771 C  C1  . EDO F .  ? 0.4468 0.5351 0.3480 0.2286  0.0825  -0.0345 82  EDO A C1  
772 O  O1  . EDO F .  ? 0.4647 0.5901 0.3640 0.2447  0.0802  0.0092  82  EDO A O1  
773 C  C2  . EDO F .  ? 0.4476 0.5527 0.3540 0.1970  0.0571  -0.0110 82  EDO A C2  
774 O  O2  . EDO F .  ? 0.4533 0.5176 0.2441 0.1800  0.0437  -0.0455 82  EDO A O2  
775 O  O   . HOH G .  ? 0.1301 0.1639 0.1729 -0.0131 -0.0120 -0.0390 83  HOH A O   
776 O  O   . HOH G .  ? 0.1362 0.2264 0.1716 0.0348  0.0208  0.0002  84  HOH A O   
777 O  O   . HOH G .  ? 0.1413 0.6903 0.2478 0.1024  0.0560  -0.1531 85  HOH A O   
778 O  O   . HOH G .  ? 0.1822 0.2047 0.3384 0.0467  0.0747  0.0215  86  HOH A O   
779 O  O   . HOH G .  ? 0.1423 0.3095 0.1840 0.0380  -0.0001 -0.0393 87  HOH A O   
780 O  O   . HOH G .  ? 0.4022 0.2112 0.2277 0.0334  0.0378  -0.0016 88  HOH A O   
781 O  O   . HOH G .  ? 0.1494 0.2423 0.1851 -0.0155 0.0141  0.0216  89  HOH A O   
782 O  O   . HOH G .  ? 0.1785 0.3701 0.2008 0.0346  0.0106  -0.0705 90  HOH A O   
783 O  O   . HOH G .  ? 0.3728 0.2343 0.3349 0.0285  0.1226  0.0326  91  HOH A O   
784 O  O   . HOH G .  ? 0.5712 0.4233 0.4722 0.0887  -0.2915 -0.0305 92  HOH A O   
785 O  O   . HOH G .  ? 0.4262 0.5935 0.2293 0.2811  -0.0727 -0.2028 93  HOH A O   
786 O  O   . HOH G .  ? 1.0184 0.5778 0.4300 0.1783  -0.0658 0.3321  94  HOH A O   
787 O  O   . HOH G .  ? 1.2602 0.7662 0.2658 0.1614  0.1953  0.2115  95  HOH A O   
788 O  O   . HOH G .  ? 0.2960 0.3544 0.4341 0.1322  -0.0315 0.0517  96  HOH A O   
789 O  O   . HOH G .  ? 0.3818 0.3186 0.2482 0.1029  0.0824  0.0576  97  HOH A O   
790 O  O   . HOH G .  ? 0.3075 0.2569 0.3179 -0.0203 -0.0572 0.0285  98  HOH A O   
791 O  O   . HOH G .  ? 0.5353 0.2359 0.1938 0.0463  -0.0566 -0.0316 99  HOH A O   
792 O  O   . HOH G .  ? 0.4762 0.3073 0.3369 -0.0015 0.1208  -0.0602 100 HOH A O   
793 O  O   . HOH G .  ? 0.2104 0.2707 0.2836 0.0697  0.0607  0.0472  101 HOH A O   
794 O  O   . HOH G .  ? 0.3028 0.9825 0.6774 -0.0849 -0.0058 0.0829  102 HOH A O   
795 O  O   . HOH G .  ? 0.5670 0.4455 0.7072 -0.2077 0.0519  0.0508  103 HOH A O   
796 O  O   . HOH G .  ? 0.3509 0.5730 1.1230 -0.1174 -0.0398 -0.2309 104 HOH A O   
797 O  O   . HOH G .  ? 0.2999 1.4867 0.5402 -0.2652 -0.0248 0.3820  105 HOH A O   
798 O  O   . HOH G .  ? 1.3816 0.6657 0.5032 0.7614  -0.1350 0.0169  106 HOH A O   
799 O  O   . HOH G .  ? 0.6105 0.3706 0.6133 0.1034  0.3388  0.0780  107 HOH A O   
800 O  O   . HOH G .  ? 0.5116 0.7027 0.4782 0.1567  -0.2499 -0.1702 108 HOH A O   
801 O  O   . HOH G .  ? 0.9912 0.5602 0.3075 0.1349  0.1776  0.1506  109 HOH A O   
802 O  O   . HOH G .  ? 0.3948 0.3227 0.3661 0.1110  0.1119  0.0859  110 HOH A O   
803 O  O   . HOH G .  ? 0.5343 0.4802 0.3704 -0.0370 0.0560  -0.0104 111 HOH A O   
804 O  O   . HOH G .  ? 0.7106 0.7486 0.1987 -0.2006 0.0170  -0.0238 112 HOH A O   
805 O  O   . HOH G .  ? 0.7901 0.5518 0.7567 0.3741  0.1920  0.0610  113 HOH A O   
806 O  O   . HOH G .  ? 0.3454 0.3483 0.1560 0.0580  0.0314  -0.0332 114 HOH A O   
807 O  O   . HOH G .  ? 0.6157 0.5244 0.4245 0.0708  0.0740  0.0150  115 HOH A O   
808 O  O   . HOH G .  ? 0.4228 0.2808 0.2789 0.0971  -0.0050 0.0220  116 HOH A O   
809 O  O   . HOH G .  ? 0.3118 0.6003 0.2700 -0.0599 0.0081  0.0083  117 HOH A O   
810 O  O   . HOH G .  ? 0.3607 0.5279 0.8281 0.1759  0.2619  0.1876  118 HOH A O   
811 O  O   . HOH G .  ? 1.7778 0.4077 0.5158 0.4295  0.4713  0.0593  119 HOH A O   
812 O  O   . HOH G .  ? 0.7014 0.3055 0.2957 0.0342  0.0571  0.0159  120 HOH A O   
813 O  O   . HOH G .  ? 0.7172 0.3778 0.3831 -0.0794 -0.0304 -0.0816 121 HOH A O   
814 O  O   . HOH G .  ? 0.5753 0.3458 0.3668 0.1182  -0.0218 0.0186  122 HOH A O   
815 O  O   . HOH G .  ? 1.2612 0.9668 1.1627 0.5151  -0.8732 -0.0312 123 HOH A O   
816 O  O   . HOH G .  ? 0.7286 0.6687 0.3023 -0.3799 -0.0988 0.1621  124 HOH A O   
817 O  O   . HOH G .  ? 0.5042 0.6720 0.7906 -0.0694 0.2771  0.2931  125 HOH A O   
818 O  O   . HOH G .  ? 0.3366 0.3392 0.9512 0.1355  -0.0095 -0.1665 126 HOH A O   
819 O  O   . HOH G .  ? 0.6131 0.4147 0.3470 0.4157  -0.1679 -0.0839 127 HOH A O   
820 O  O   . HOH G .  ? 0.6906 0.2307 0.3974 0.0268  0.1782  -0.0384 128 HOH A O   
821 O  O   . HOH G .  ? 0.5584 0.3338 0.4851 0.1037  -0.1369 0.0241  129 HOH A O   
822 O  O   . HOH G .  ? 0.5724 0.3901 0.3435 0.1220  0.0741  -0.1380 130 HOH A O   
823 O  O   . HOH G .  ? 0.3835 0.5765 0.3447 0.0451  0.0183  -0.0405 131 HOH A O   
824 O  O   . HOH G .  ? 0.5084 0.5118 0.8968 -0.1186 0.1704  -0.1522 132 HOH A O   
825 O  O   . HOH G .  ? 2.2287 0.7673 0.5239 -0.0251 0.5348  0.3196  133 HOH A O   
826 O  O   . HOH G .  ? 1.6792 0.7606 0.8354 0.3707  -0.6013 -0.5869 134 HOH A O   
827 O  O   . HOH G .  ? 0.4077 1.7305 0.5409 -0.5557 -0.1492 0.5452  135 HOH A O   
828 O  O   . HOH G .  ? 0.6739 0.2270 0.4367 -0.0165 0.1126  0.0560  136 HOH A O   
829 O  O   . HOH G .  ? 0.3056 0.4956 0.5311 -0.1103 -0.1013 0.0220  137 HOH A O   
830 O  O   . HOH G .  ? 2.6214 0.5892 0.5914 0.6991  0.5253  0.3792  138 HOH A O   
831 O  O   . HOH G .  ? 0.1584 0.2332 0.3056 -0.0778 0.0521  -0.0764 139 HOH A O   
832 O  O   . HOH G .  ? 0.9764 0.4023 1.1248 -0.4536 -0.7005 0.4361  140 HOH A O   
833 O  O   . HOH G .  ? 0.2154 2.0523 0.6489 -0.2508 -0.0569 0.4214  141 HOH A O   
834 O  O   . HOH G .  ? 0.2761 1.2160 0.7151 0.0765  0.0045  0.1746  142 HOH A O   
835 O  O   . HOH G .  ? 0.2492 0.3264 0.8276 0.0598  -0.1496 0.1947  143 HOH A O   
836 O  O   . HOH G .  ? 0.7665 1.2847 0.3133 -0.2704 0.0365  0.1194  144 HOH A O   
837 O  O   . HOH G .  ? 0.8093 0.5544 0.5861 -0.3316 -0.3648 0.2927  145 HOH A O   
838 O  O   . HOH G .  ? 0.7941 0.4525 0.5930 0.2878  0.2063  0.1920  146 HOH A O   
839 O  O   . HOH G .  ? 0.9525 0.5619 0.3959 -0.3649 0.0570  0.0390  147 HOH A O   
840 O  O   . HOH G .  ? 0.4022 0.4150 1.8282 -0.0096 0.0319  -0.2861 148 HOH A O   
841 O  O   . HOH G .  ? 0.3004 0.8561 0.3912 0.0802  -0.0176 0.1247  149 HOH A O   
842 O  O   . HOH G .  ? 0.7715 0.7984 0.2850 0.2621  0.0346  0.2234  150 HOH A O   
843 O  O   . HOH G .  ? 0.3218 0.8043 0.2569 -0.2934 0.0317  -0.0095 151 HOH A O   
844 O  O   . HOH G .  ? 0.3056 1.0604 0.2050 0.2391  0.0162  0.1552  152 HOH A O   
845 O  O   . HOH H .  ? 0.6805 0.2592 0.5650 -0.0602 0.2153  0.1429  63  HOH X O   
# 
